data_9BU6
#
_entry.id   9BU6
#
_cell.length_a   1.00
_cell.length_b   1.00
_cell.length_c   1.00
_cell.angle_alpha   90.00
_cell.angle_beta   90.00
_cell.angle_gamma   90.00
#
_symmetry.space_group_name_H-M   'P 1'
#
loop_
_entity.id
_entity.type
_entity.pdbx_description
1 polymer 'Fab C968.180 heavy chain'
2 polymer 'Fab C968.180 light chain'
3 polymer 'Hemagglutinin HA1'
4 polymer 'Hemagglutinin HA2'
5 branched 2-acetamido-2-deoxy-beta-D-glucopyranose-(1-4)-2-acetamido-2-deoxy-beta-D-glucopyranose
6 branched beta-D-mannopyranose-(1-4)-2-acetamido-2-deoxy-beta-D-glucopyranose-(1-4)-2-acetamido-2-deoxy-beta-D-glucopyranose
7 non-polymer 2-acetamido-2-deoxy-beta-D-glucopyranose
#
loop_
_entity_poly.entity_id
_entity_poly.type
_entity_poly.pdbx_seq_one_letter_code
_entity_poly.pdbx_strand_id
1 'polypeptide(L)'
;QVQLVQSGAEVKKPGASVKVSCKASGYIFIDYYIHWVRQAPGQGLEWMGWINPNRGGTDYAQKFQGRVTMTSDTSIGTAF
LELTRLKSDDTAVYYCARDRIWGGNWNPQKDDYGDRGGDYWGQGTLVTVSS
;
A,E,I
2 'polypeptide(L)'
;EIVLTQSPGTLSLSPGERATLSCRASQSFSSTYLAWYQHKPGQAPRLLIYGSSRRATGIPDRFSGSGSGTDFTLTISRLE
PEDFAVYYCQQFGSSPRTFGQGTKLEVK
;
B,F,J
3 'polypeptide(L)'
;GLDKICLGHHAVANGTIVKTLTNEQEEVTNATETVESTGINRLCMKGRKHKDLGNCHPIGMLIGTPACDLHLTGMWDTLI
ERENAIAYCYPGATVNVEALRQKIMESGGINKISTGFTYGSSINSAGTTRACMRNGGNSFYAELKWLVSKSKGQNFPQTT
NTYRNTDTAEHLIMWGIHHPSSTQEKNDLYGTQSLSISVGSSTYRNNFVPVVGARPQVNGQSGRIDFHWTLVQPGDNITF
SHNGGLIAPSRVSKLIGRGLGIQSDAPIDNNCESKCFWRGGSINTRLPFQNLSPRTVGQCPKYVNRRSLMLATGMRNVPE
LIQGR
;
C,G,K
4 'polypeptide(L)'
;GLFGAIAGFLENGWEGMVDGWYGFRHQNAQGTGQAADYKSTQAAIDQITGKLNRLVEKTNTEFESIESEFSEIEHQIGNV
INWTKDSITDIWTYQAELLVAMENQHTIDMADSEMLNLYERVRKQLRQNAEEDGKGCFEIYHACDDSCMESIRNNTYDHS
QYREEALLNRLNINPVTGSGYIPEAPRDGQAYVRKDGEWVLLSTFLGSGLNDIFEAQKIEWHEGHHHHHH
;
D,H,L
#
# COMPACT_ATOMS: atom_id res chain seq x y z
N GLN A 1 33.57 -11.57 20.81
CA GLN A 1 33.71 -10.78 22.06
C GLN A 1 35.17 -10.70 22.48
N VAL A 2 35.53 -9.63 23.19
CA VAL A 2 36.91 -9.42 23.57
C VAL A 2 37.28 -10.31 24.75
N GLN A 3 38.55 -10.67 24.83
CA GLN A 3 39.06 -11.49 25.92
C GLN A 3 40.57 -11.42 25.91
N LEU A 4 41.16 -11.14 27.07
CA LEU A 4 42.60 -11.10 27.25
C LEU A 4 43.03 -12.23 28.16
N VAL A 5 43.98 -13.04 27.70
CA VAL A 5 44.48 -14.18 28.47
C VAL A 5 46.00 -14.06 28.54
N GLN A 6 46.58 -14.73 29.53
CA GLN A 6 48.01 -14.66 29.77
C GLN A 6 48.48 -15.95 30.41
N SER A 7 49.79 -16.01 30.65
CA SER A 7 50.41 -17.24 31.13
C SER A 7 49.97 -17.53 32.56
N GLY A 8 50.52 -18.61 33.13
CA GLY A 8 50.21 -19.03 34.48
C GLY A 8 51.18 -18.46 35.49
N ALA A 9 51.11 -19.02 36.69
CA ALA A 9 51.98 -18.57 37.78
C ALA A 9 53.43 -18.97 37.52
N GLU A 10 54.33 -18.31 38.23
CA GLU A 10 55.76 -18.58 38.09
C GLU A 10 56.46 -18.29 39.40
N VAL A 11 57.62 -18.93 39.58
CA VAL A 11 58.47 -18.72 40.74
C VAL A 11 59.89 -18.51 40.25
N LYS A 12 60.54 -17.46 40.74
CA LYS A 12 61.89 -17.13 40.32
C LYS A 12 62.68 -16.58 41.49
N LYS A 13 63.95 -16.95 41.56
CA LYS A 13 64.83 -16.55 42.64
C LYS A 13 65.33 -15.13 42.45
N PRO A 14 65.82 -14.49 43.51
CA PRO A 14 66.32 -13.11 43.37
C PRO A 14 67.46 -13.04 42.36
N GLY A 15 67.50 -11.92 41.64
CA GLY A 15 68.52 -11.69 40.65
C GLY A 15 68.22 -12.26 39.28
N ALA A 16 67.09 -12.97 39.13
CA ALA A 16 66.70 -13.54 37.86
C ALA A 16 65.77 -12.57 37.13
N SER A 17 65.18 -13.02 36.02
CA SER A 17 64.27 -12.21 35.24
C SER A 17 63.07 -13.05 34.84
N VAL A 18 61.96 -12.37 34.58
CA VAL A 18 60.71 -13.02 34.20
C VAL A 18 60.14 -12.33 32.97
N LYS A 19 59.26 -13.03 32.28
CA LYS A 19 58.58 -12.51 31.10
C LYS A 19 57.13 -12.97 31.13
N VAL A 20 56.23 -12.05 31.42
CA VAL A 20 54.80 -12.32 31.37
C VAL A 20 54.30 -11.98 29.97
N SER A 21 53.29 -12.70 29.51
CA SER A 21 52.75 -12.53 28.18
C SER A 21 51.23 -12.39 28.26
N CYS A 22 50.69 -11.45 27.48
CA CYS A 22 49.27 -11.10 27.54
C CYS A 22 48.71 -11.08 26.12
N LYS A 23 48.01 -12.15 25.75
CA LYS A 23 47.49 -12.32 24.40
C LYS A 23 46.04 -11.85 24.34
N ALA A 24 45.65 -11.30 23.19
CA ALA A 24 44.33 -10.73 23.00
C ALA A 24 43.71 -11.29 21.73
N SER A 25 42.37 -11.26 21.67
CA SER A 25 41.64 -11.77 20.53
C SER A 25 40.29 -11.08 20.45
N GLY A 26 39.66 -11.18 19.28
CA GLY A 26 38.34 -10.62 19.07
C GLY A 26 38.32 -9.19 18.54
N TYR A 27 39.48 -8.57 18.35
CA TYR A 27 39.54 -7.21 17.84
C TYR A 27 40.88 -7.05 17.11
N ILE A 28 41.12 -5.84 16.63
CA ILE A 28 42.33 -5.54 15.88
C ILE A 28 43.41 -5.09 16.88
N PHE A 29 44.48 -5.90 16.99
CA PHE A 29 45.42 -5.71 18.08
C PHE A 29 46.22 -4.42 17.95
N ILE A 30 46.37 -3.90 16.72
CA ILE A 30 47.24 -2.75 16.52
C ILE A 30 46.73 -1.54 17.28
N ASP A 31 45.43 -1.28 17.23
CA ASP A 31 44.87 -0.13 17.90
C ASP A 31 44.85 -0.33 19.41
N TYR A 32 44.50 0.74 20.13
CA TYR A 32 44.35 0.68 21.58
C TYR A 32 45.67 0.44 22.28
N TYR A 33 45.96 1.23 23.32
CA TYR A 33 47.14 1.00 24.15
C TYR A 33 46.95 -0.27 24.97
N ILE A 34 47.96 -0.59 25.78
CA ILE A 34 47.94 -1.76 26.66
C ILE A 34 48.54 -1.34 28.00
N HIS A 35 47.74 -1.36 29.05
CA HIS A 35 48.21 -1.03 30.38
C HIS A 35 48.93 -2.22 31.01
N TRP A 36 49.57 -1.97 32.15
CA TRP A 36 50.21 -3.02 32.94
C TRP A 36 50.18 -2.61 34.40
N VAL A 37 49.41 -3.32 35.21
CA VAL A 37 49.16 -2.96 36.60
C VAL A 37 49.45 -4.15 37.49
N ARG A 38 50.12 -3.89 38.61
CA ARG A 38 50.46 -4.93 39.58
C ARG A 38 49.89 -4.56 40.94
N GLN A 39 49.91 -5.52 41.85
CA GLN A 39 49.37 -5.34 43.20
C GLN A 39 50.11 -6.28 44.15
N ALA A 40 51.08 -5.76 44.88
CA ALA A 40 51.76 -6.57 45.88
C ALA A 40 50.78 -6.93 46.99
N PRO A 41 50.97 -8.09 47.63
CA PRO A 41 50.01 -8.53 48.66
C PRO A 41 49.74 -7.45 49.70
N GLY A 42 48.47 -7.10 49.87
CA GLY A 42 48.08 -6.10 50.84
C GLY A 42 48.31 -4.67 50.40
N GLN A 43 48.83 -4.45 49.21
CA GLN A 43 49.11 -3.13 48.69
C GLN A 43 48.08 -2.74 47.63
N GLY A 44 47.94 -1.44 47.40
CA GLY A 44 47.04 -0.95 46.39
C GLY A 44 47.55 -1.25 45.00
N LEU A 45 46.92 -0.61 44.01
CA LEU A 45 47.28 -0.83 42.62
C LEU A 45 48.36 0.16 42.19
N GLU A 46 49.44 -0.37 41.63
CA GLU A 46 50.52 0.43 41.07
C GLU A 46 50.48 0.37 39.55
N TRP A 47 50.81 1.49 38.91
CA TRP A 47 50.80 1.60 37.46
C TRP A 47 52.24 1.50 36.97
N MET A 48 52.50 0.54 36.09
CA MET A 48 53.84 0.32 35.58
C MET A 48 54.11 1.08 34.29
N GLY A 49 53.32 0.83 33.26
CA GLY A 49 53.50 1.53 32.00
C GLY A 49 52.48 1.06 30.98
N TRP A 50 52.60 1.61 29.79
CA TRP A 50 51.75 1.21 28.67
C TRP A 50 52.53 1.36 27.38
N ILE A 51 52.07 0.64 26.36
CA ILE A 51 52.75 0.55 25.07
C ILE A 51 51.76 0.86 23.96
N ASN A 52 52.28 1.37 22.85
CA ASN A 52 51.49 1.63 21.65
C ASN A 52 51.82 0.56 20.62
N PRO A 53 50.97 -0.45 20.43
CA PRO A 53 51.35 -1.57 19.56
C PRO A 53 51.59 -1.16 18.12
N ASN A 54 51.15 0.01 17.70
CA ASN A 54 51.28 0.40 16.30
C ASN A 54 52.75 0.55 15.91
N ARG A 55 53.57 1.12 16.79
CA ARG A 55 54.96 1.35 16.45
C ARG A 55 55.93 1.00 17.58
N GLY A 56 55.46 0.44 18.69
CA GLY A 56 56.32 -0.01 19.75
C GLY A 56 56.72 1.05 20.76
N GLY A 57 56.17 2.26 20.68
CA GLY A 57 56.47 3.25 21.69
C GLY A 57 56.02 2.78 23.07
N THR A 58 56.73 3.21 24.10
CA THR A 58 56.44 2.80 25.46
C THR A 58 56.71 3.95 26.41
N ASP A 59 56.10 3.87 27.59
CA ASP A 59 56.31 4.85 28.65
C ASP A 59 56.22 4.14 29.99
N TYR A 60 57.20 4.39 30.86
CA TYR A 60 57.28 3.74 32.16
C TYR A 60 57.29 4.78 33.28
N ALA A 61 56.85 4.34 34.45
CA ALA A 61 56.94 5.18 35.64
C ALA A 61 58.40 5.28 36.08
N GLN A 62 58.72 6.40 36.74
CA GLN A 62 60.10 6.62 37.16
C GLN A 62 60.59 5.51 38.09
N LYS A 63 59.68 4.89 38.84
CA LYS A 63 60.10 3.87 39.80
C LYS A 63 60.71 2.66 39.11
N PHE A 64 60.23 2.30 37.92
CA PHE A 64 60.71 1.14 37.20
C PHE A 64 61.73 1.47 36.11
N GLN A 65 62.06 2.75 35.92
CA GLN A 65 62.91 3.12 34.79
C GLN A 65 64.24 2.38 34.84
N GLY A 66 64.65 1.85 33.70
CA GLY A 66 65.89 1.11 33.61
C GLY A 66 65.81 -0.34 34.03
N ARG A 67 64.61 -0.83 34.36
CA ARG A 67 64.46 -2.20 34.84
C ARG A 67 63.41 -2.96 34.03
N VAL A 68 62.34 -2.27 33.64
CA VAL A 68 61.22 -2.91 32.96
C VAL A 68 61.43 -2.75 31.45
N THR A 69 60.79 -3.64 30.69
CA THR A 69 60.90 -3.61 29.23
C THR A 69 59.61 -4.15 28.64
N MET A 70 59.14 -3.51 27.57
CA MET A 70 57.87 -3.88 26.94
C MET A 70 58.09 -4.11 25.45
N THR A 71 57.29 -5.01 24.89
CA THR A 71 57.44 -5.43 23.51
C THR A 71 56.08 -5.85 22.98
N SER A 72 55.93 -5.83 21.66
CA SER A 72 54.70 -6.24 21.02
C SER A 72 55.00 -6.90 19.69
N ASP A 73 54.31 -8.01 19.42
CA ASP A 73 54.47 -8.77 18.18
C ASP A 73 53.09 -8.86 17.52
N THR A 74 52.84 -8.01 16.54
CA THR A 74 51.53 -7.95 15.92
C THR A 74 51.18 -9.27 15.24
N SER A 75 52.16 -9.92 14.61
CA SER A 75 51.89 -11.16 13.89
C SER A 75 51.22 -12.19 14.78
N ILE A 76 51.56 -12.21 16.08
CA ILE A 76 50.94 -13.13 17.02
C ILE A 76 49.93 -12.45 17.91
N GLY A 77 49.92 -11.11 17.98
CA GLY A 77 48.98 -10.42 18.83
C GLY A 77 49.21 -10.62 20.31
N THR A 78 50.45 -10.56 20.77
CA THR A 78 50.80 -10.74 22.17
C THR A 78 51.62 -9.55 22.65
N ALA A 79 51.30 -9.08 23.86
CA ALA A 79 52.03 -7.99 24.50
C ALA A 79 52.81 -8.55 25.68
N PHE A 80 54.11 -8.24 25.73
CA PHE A 80 55.02 -8.84 26.67
C PHE A 80 55.52 -7.81 27.68
N LEU A 81 55.76 -8.27 28.90
CA LEU A 81 56.40 -7.47 29.94
C LEU A 81 57.58 -8.28 30.47
N GLU A 82 58.78 -7.70 30.39
CA GLU A 82 60.00 -8.36 30.83
C GLU A 82 60.57 -7.58 32.02
N LEU A 83 60.90 -8.29 33.09
CA LEU A 83 61.34 -7.68 34.33
C LEU A 83 62.67 -8.29 34.74
N THR A 84 63.64 -7.44 35.07
CA THR A 84 65.01 -7.88 35.31
C THR A 84 65.48 -7.40 36.68
N ARG A 85 66.49 -8.08 37.20
CA ARG A 85 67.07 -7.78 38.51
C ARG A 85 66.00 -7.85 39.60
N LEU A 86 65.42 -9.04 39.72
CA LEU A 86 64.31 -9.24 40.64
C LEU A 86 64.77 -9.10 42.09
N LYS A 87 63.96 -8.42 42.88
CA LYS A 87 64.17 -8.30 44.31
C LYS A 87 63.04 -9.00 45.06
N SER A 88 63.22 -9.13 46.38
CA SER A 88 62.21 -9.80 47.20
C SER A 88 60.90 -9.01 47.25
N ASP A 89 60.90 -7.75 46.82
CA ASP A 89 59.71 -6.93 46.83
C ASP A 89 58.95 -6.96 45.51
N ASP A 90 59.37 -7.79 44.56
CA ASP A 90 58.71 -7.91 43.26
C ASP A 90 57.65 -8.99 43.24
N THR A 91 57.26 -9.54 44.39
CA THR A 91 56.22 -10.54 44.43
C THR A 91 54.85 -9.86 44.42
N ALA A 92 54.04 -10.17 43.41
CA ALA A 92 52.75 -9.52 43.24
C ALA A 92 51.95 -10.20 42.14
N VAL A 93 50.78 -9.66 41.81
CA VAL A 93 49.96 -10.15 40.71
C VAL A 93 49.94 -9.08 39.63
N TYR A 94 50.45 -9.44 38.44
CA TYR A 94 50.55 -8.52 37.32
C TYR A 94 49.36 -8.71 36.39
N TYR A 95 48.70 -7.62 36.05
CA TYR A 95 47.57 -7.62 35.12
C TYR A 95 48.00 -7.05 33.78
N CYS A 96 47.03 -6.94 32.87
CA CYS A 96 47.22 -6.29 31.59
C CYS A 96 45.85 -5.86 31.08
N ALA A 97 45.66 -4.56 30.89
CA ALA A 97 44.36 -4.01 30.55
C ALA A 97 44.44 -3.21 29.26
N ARG A 98 43.50 -3.48 28.36
CA ARG A 98 43.36 -2.70 27.14
C ARG A 98 42.65 -1.39 27.45
N ASP A 99 42.92 -0.37 26.65
CA ASP A 99 42.27 0.91 26.82
C ASP A 99 40.90 0.88 26.16
N ARG A 100 40.24 2.03 26.09
CA ARG A 100 38.88 2.11 25.55
C ARG A 100 38.71 3.18 24.49
N ILE A 101 39.80 3.73 23.95
CA ILE A 101 39.71 4.71 22.86
C ILE A 101 40.67 4.30 21.76
N TRP A 102 40.38 4.77 20.55
CA TRP A 102 41.07 4.36 19.33
C TRP A 102 42.36 5.13 19.08
N GLY A 103 42.58 6.26 19.75
CA GLY A 103 43.62 7.19 19.37
C GLY A 103 45.03 6.69 19.62
N GLY A 104 45.97 7.62 19.49
CA GLY A 104 47.38 7.33 19.65
C GLY A 104 48.21 8.52 19.27
N ASN A 105 49.47 8.51 19.73
CA ASN A 105 50.34 9.65 19.51
C ASN A 105 51.78 9.27 19.16
N TRP A 106 52.06 8.01 18.86
CA TRP A 106 53.41 7.55 18.52
C TRP A 106 54.35 7.62 19.72
N ASN A 107 53.88 8.14 20.84
CA ASN A 107 54.68 8.24 22.04
C ASN A 107 53.74 8.50 23.20
N PRO A 108 53.19 7.46 23.82
CA PRO A 108 52.13 7.67 24.83
C PRO A 108 52.53 8.61 25.95
N GLN A 109 53.80 8.96 26.08
CA GLN A 109 54.20 9.92 27.12
C GLN A 109 53.59 11.28 26.89
N LYS A 110 53.29 11.64 25.63
CA LYS A 110 52.77 12.96 25.28
C LYS A 110 51.30 12.93 24.89
N ASP A 111 50.59 11.85 25.19
CA ASP A 111 49.18 11.78 24.84
C ASP A 111 48.35 12.66 25.77
N ASP A 112 47.31 13.27 25.20
CA ASP A 112 46.44 14.16 25.97
C ASP A 112 44.97 13.99 25.63
N TYR A 113 44.52 12.79 25.29
CA TYR A 113 43.14 12.59 24.92
C TYR A 113 42.25 12.58 26.16
N GLY A 114 40.95 12.60 25.93
CA GLY A 114 39.97 12.78 26.99
C GLY A 114 39.63 11.52 27.75
N ASP A 115 38.34 11.26 27.90
CA ASP A 115 37.87 10.18 28.77
C ASP A 115 38.37 8.84 28.27
N ARG A 116 39.26 8.21 29.04
CA ARG A 116 39.79 6.89 28.73
C ARG A 116 40.06 6.16 30.02
N GLY A 117 40.13 4.84 29.93
CA GLY A 117 40.37 4.02 31.10
C GLY A 117 40.41 2.56 30.74
N GLY A 118 41.05 1.78 31.60
CA GLY A 118 41.23 0.36 31.34
C GLY A 118 39.90 -0.34 31.15
N ASP A 119 39.88 -1.25 30.18
CA ASP A 119 38.71 -2.07 29.90
C ASP A 119 39.20 -3.42 29.40
N TYR A 120 38.44 -4.48 29.72
CA TYR A 120 38.82 -5.83 29.32
C TYR A 120 40.20 -6.19 29.91
N TRP A 121 40.18 -6.32 31.23
CA TRP A 121 41.37 -6.24 32.08
C TRP A 121 42.22 -7.49 32.11
N GLY A 122 41.81 -8.59 31.50
CA GLY A 122 42.56 -9.82 31.64
C GLY A 122 42.28 -10.49 32.98
N GLN A 123 43.23 -11.33 33.41
CA GLN A 123 43.01 -12.15 34.60
C GLN A 123 44.13 -12.02 35.62
N GLY A 124 45.35 -11.80 35.16
CA GLY A 124 46.46 -11.61 36.08
C GLY A 124 47.20 -12.90 36.39
N THR A 125 48.50 -12.75 36.67
CA THR A 125 49.38 -13.88 36.97
C THR A 125 50.19 -13.57 38.22
N LEU A 126 50.49 -14.61 38.99
CA LEU A 126 51.24 -14.47 40.23
C LEU A 126 52.71 -14.82 40.00
N VAL A 127 53.58 -13.84 40.24
CA VAL A 127 55.03 -14.05 40.17
C VAL A 127 55.57 -13.97 41.59
N THR A 128 56.29 -15.02 42.00
CA THR A 128 56.80 -15.13 43.35
C THR A 128 58.33 -15.04 43.35
N VAL A 129 58.85 -14.20 44.23
CA VAL A 129 60.29 -14.05 44.38
C VAL A 129 60.66 -14.03 45.86
N GLU B 1 54.66 15.08 39.34
CA GLU B 1 53.94 13.80 39.54
C GLU B 1 52.67 14.02 40.35
N ILE B 2 51.52 13.99 39.68
CA ILE B 2 50.24 14.18 40.37
C ILE B 2 50.01 13.01 41.32
N VAL B 3 49.63 13.32 42.55
CA VAL B 3 49.34 12.31 43.57
C VAL B 3 47.93 12.56 44.09
N LEU B 4 47.17 11.48 44.25
CA LEU B 4 45.77 11.55 44.64
C LEU B 4 45.58 10.96 46.02
N THR B 5 44.68 11.57 46.81
CA THR B 5 44.31 11.09 48.12
C THR B 5 42.79 10.97 48.19
N GLN B 6 42.32 9.92 48.87
CA GLN B 6 40.91 9.59 48.94
C GLN B 6 40.40 9.79 50.36
N SER B 7 39.08 9.91 50.48
CA SER B 7 38.45 10.06 51.79
C SER B 7 38.80 8.84 52.65
N PRO B 8 39.54 9.02 53.74
CA PRO B 8 40.00 7.85 54.50
C PRO B 8 38.88 7.16 55.25
N GLY B 9 39.17 5.96 55.71
CA GLY B 9 38.24 5.18 56.51
C GLY B 9 37.48 4.17 55.67
N THR B 10 37.17 3.03 56.31
CA THR B 10 36.40 1.99 55.65
C THR B 10 34.98 2.44 55.35
N LEU B 11 34.46 3.41 56.08
CA LEU B 11 33.13 3.95 55.83
C LEU B 11 32.06 2.86 55.88
N SER B 12 32.00 2.19 57.02
CA SER B 12 31.04 1.11 57.20
C SER B 12 29.62 1.65 57.23
N LEU B 13 28.74 1.05 56.43
CA LEU B 13 27.34 1.45 56.33
C LEU B 13 26.47 0.22 56.45
N SER B 14 25.14 0.46 56.55
CA SER B 14 24.18 -0.64 56.55
C SER B 14 23.49 -0.73 55.19
N PRO B 15 23.05 -1.92 54.79
CA PRO B 15 22.42 -2.06 53.47
C PRO B 15 21.21 -1.14 53.33
N GLY B 16 21.04 -0.60 52.12
CA GLY B 16 19.93 0.26 51.81
C GLY B 16 20.17 1.74 52.03
N GLU B 17 21.35 2.13 52.52
CA GLU B 17 21.64 3.52 52.79
C GLU B 17 22.29 4.16 51.56
N ARG B 18 22.75 5.40 51.73
CA ARG B 18 23.45 6.15 50.69
C ARG B 18 24.88 6.40 51.15
N ALA B 19 25.84 6.07 50.28
CA ALA B 19 27.25 6.28 50.55
C ALA B 19 27.78 7.41 49.67
N THR B 20 28.99 7.86 49.98
CA THR B 20 29.61 8.96 49.24
C THR B 20 31.12 8.87 49.41
N LEU B 21 31.84 8.82 48.30
CA LEU B 21 33.29 8.77 48.29
C LEU B 21 33.85 9.96 47.51
N SER B 22 35.00 10.46 47.95
CA SER B 22 35.62 11.64 47.36
C SER B 22 37.07 11.35 47.01
N CYS B 23 37.54 12.00 45.95
CA CYS B 23 38.91 11.86 45.48
C CYS B 23 39.47 13.25 45.23
N ARG B 24 40.60 13.56 45.87
CA ARG B 24 41.22 14.88 45.78
C ARG B 24 42.65 14.75 45.28
N ALA B 25 43.09 15.76 44.55
CA ALA B 25 44.40 15.77 43.90
C ALA B 25 45.18 17.01 44.31
N SER B 26 46.48 16.99 43.99
CA SER B 26 47.35 18.10 44.39
C SER B 26 47.09 19.35 43.56
N GLN B 27 46.93 19.20 42.25
CA GLN B 27 46.71 20.33 41.36
C GLN B 27 45.54 20.03 40.43
N SER B 28 44.88 21.09 39.99
CA SER B 28 43.66 20.95 39.21
C SER B 28 43.96 20.42 37.81
N PHE B 29 42.98 19.70 37.26
CA PHE B 29 43.04 19.24 35.88
C PHE B 29 41.61 19.01 35.41
N SER B 30 41.45 18.90 34.09
CA SER B 30 40.12 18.86 33.50
C SER B 30 39.33 17.67 34.03
N SER B 31 38.02 17.86 34.14
CA SER B 31 37.15 16.85 34.73
C SER B 31 37.08 15.58 33.87
N THR B 32 37.53 15.64 32.63
CA THR B 32 37.52 14.46 31.76
C THR B 32 38.64 13.48 32.11
N TYR B 33 39.66 13.94 32.84
CA TYR B 33 40.79 13.08 33.21
C TYR B 33 40.52 12.39 34.55
N LEU B 34 39.65 11.38 34.53
CA LEU B 34 39.41 10.60 35.73
C LEU B 34 38.61 9.36 35.40
N ALA B 35 38.76 8.34 36.24
CA ALA B 35 38.02 7.09 36.10
C ALA B 35 37.91 6.44 37.47
N TRP B 36 36.90 5.57 37.60
CA TRP B 36 36.60 4.90 38.86
C TRP B 36 36.51 3.40 38.63
N TYR B 37 37.20 2.63 39.46
CA TYR B 37 37.24 1.18 39.34
C TYR B 37 36.72 0.53 40.62
N GLN B 38 36.24 -0.71 40.48
CA GLN B 38 35.74 -1.51 41.60
C GLN B 38 36.48 -2.84 41.62
N HIS B 39 37.12 -3.13 42.74
CA HIS B 39 38.02 -4.28 42.86
C HIS B 39 37.50 -5.23 43.93
N LYS B 40 37.19 -6.47 43.53
CA LYS B 40 36.74 -7.52 44.43
C LYS B 40 37.83 -8.57 44.60
N PRO B 41 37.97 -9.18 45.78
CA PRO B 41 39.08 -10.11 45.98
C PRO B 41 39.06 -11.25 44.96
N GLY B 42 40.24 -11.59 44.47
CA GLY B 42 40.40 -12.73 43.59
C GLY B 42 40.02 -12.49 42.14
N GLN B 43 39.67 -11.27 41.77
CA GLN B 43 39.24 -10.96 40.40
C GLN B 43 39.92 -9.68 39.93
N ALA B 44 40.01 -9.54 38.63
CA ALA B 44 40.55 -8.31 38.06
C ALA B 44 39.58 -7.15 38.29
N PRO B 45 40.08 -5.93 38.37
CA PRO B 45 39.19 -4.79 38.60
C PRO B 45 38.19 -4.64 37.47
N ARG B 46 37.30 -3.66 37.63
CA ARG B 46 36.27 -3.38 36.65
C ARG B 46 36.10 -1.87 36.53
N LEU B 47 35.87 -1.39 35.31
CA LEU B 47 35.67 0.03 35.09
C LEU B 47 34.22 0.41 35.37
N LEU B 48 34.03 1.41 36.23
CA LEU B 48 32.70 1.89 36.58
C LEU B 48 32.37 3.21 35.89
N ILE B 49 33.19 4.25 36.11
CA ILE B 49 32.98 5.56 35.51
C ILE B 49 34.23 5.96 34.76
N TYR B 50 34.04 6.53 33.57
CA TYR B 50 35.11 7.13 32.78
C TYR B 50 34.81 8.60 32.59
N GLY B 51 35.84 9.43 32.73
CA GLY B 51 35.67 10.86 32.62
C GLY B 51 35.06 11.52 33.83
N SER B 52 34.78 10.77 34.88
CA SER B 52 34.23 11.23 36.15
C SER B 52 32.73 11.51 36.09
N SER B 53 32.11 11.47 34.93
CA SER B 53 30.69 11.82 34.85
C SER B 53 29.86 10.92 33.95
N ARG B 54 30.41 9.86 33.37
CA ARG B 54 29.66 8.97 32.50
C ARG B 54 29.88 7.53 32.92
N ARG B 55 28.81 6.74 32.88
CA ARG B 55 28.86 5.35 33.34
C ARG B 55 29.41 4.45 32.25
N ALA B 56 30.07 3.37 32.68
CA ALA B 56 30.64 2.41 31.75
C ALA B 56 29.53 1.58 31.11
N THR B 57 29.92 0.63 30.26
CA THR B 57 28.94 -0.19 29.56
C THR B 57 28.25 -1.13 30.54
N GLY B 58 26.92 -1.20 30.43
CA GLY B 58 26.14 -2.14 31.23
C GLY B 58 26.16 -1.88 32.72
N ILE B 59 26.63 -0.72 33.16
CA ILE B 59 26.73 -0.43 34.59
C ILE B 59 25.34 -0.08 35.13
N PRO B 60 24.94 -0.62 36.28
CA PRO B 60 23.65 -0.24 36.85
C PRO B 60 23.56 1.25 37.13
N ASP B 61 22.35 1.78 37.01
CA ASP B 61 22.13 3.23 37.15
C ASP B 61 22.47 3.74 38.54
N ARG B 62 22.45 2.89 39.56
CA ARG B 62 22.64 3.36 40.93
C ARG B 62 24.00 4.01 41.16
N PHE B 63 24.97 3.78 40.28
CA PHE B 63 26.28 4.42 40.36
C PHE B 63 26.26 5.74 39.62
N SER B 64 26.79 6.78 40.26
CA SER B 64 26.91 8.08 39.62
C SER B 64 27.98 8.88 40.35
N GLY B 65 28.53 9.87 39.65
CA GLY B 65 29.56 10.70 40.23
C GLY B 65 29.59 12.07 39.58
N SER B 66 30.24 13.00 40.26
CA SER B 66 30.37 14.37 39.77
C SER B 66 31.53 15.04 40.49
N GLY B 67 31.89 16.21 40.02
CA GLY B 67 32.98 16.98 40.60
C GLY B 67 33.74 17.73 39.51
N SER B 68 34.41 18.79 39.94
CA SER B 68 35.19 19.60 39.02
C SER B 68 36.32 20.27 39.78
N GLY B 69 37.41 20.55 39.07
CA GLY B 69 38.55 21.22 39.67
C GLY B 69 39.33 20.34 40.62
N THR B 70 39.29 20.68 41.91
CA THR B 70 40.11 20.00 42.91
C THR B 70 39.42 18.76 43.49
N ASP B 71 38.09 18.75 43.53
CA ASP B 71 37.33 17.71 44.21
C ASP B 71 36.55 16.87 43.20
N PHE B 72 36.59 15.55 43.38
CA PHE B 72 35.80 14.62 42.59
C PHE B 72 35.13 13.63 43.53
N THR B 73 33.86 13.34 43.27
CA THR B 73 33.04 12.53 44.17
C THR B 73 32.33 11.43 43.40
N LEU B 74 32.16 10.29 44.06
CA LEU B 74 31.37 9.17 43.57
C LEU B 74 30.27 8.89 44.58
N THR B 75 29.04 8.73 44.08
CA THR B 75 27.88 8.51 44.93
C THR B 75 27.17 7.23 44.50
N ILE B 76 26.87 6.37 45.46
CA ILE B 76 26.03 5.20 45.24
C ILE B 76 24.67 5.53 45.86
N SER B 77 23.66 5.72 45.00
CA SER B 77 22.36 6.16 45.49
C SER B 77 21.81 5.20 46.54
N ARG B 78 21.84 3.91 46.24
CA ARG B 78 21.40 2.88 47.18
C ARG B 78 22.40 1.73 47.16
N LEU B 79 22.66 1.17 48.32
CA LEU B 79 23.65 0.10 48.47
C LEU B 79 22.96 -1.25 48.47
N GLU B 80 23.42 -2.15 47.62
CA GLU B 80 22.94 -3.51 47.51
C GLU B 80 23.92 -4.48 48.15
N PRO B 81 23.51 -5.73 48.38
CA PRO B 81 24.42 -6.71 48.96
C PRO B 81 25.67 -6.97 48.14
N GLU B 82 25.57 -6.87 46.81
CA GLU B 82 26.61 -7.35 45.90
C GLU B 82 27.46 -6.22 45.32
N ASP B 83 27.73 -5.17 46.11
CA ASP B 83 28.65 -4.14 45.65
C ASP B 83 29.59 -3.66 46.74
N PHE B 84 29.88 -4.50 47.74
CA PHE B 84 30.81 -4.15 48.81
C PHE B 84 32.21 -4.54 48.37
N ALA B 85 32.98 -3.57 47.90
CA ALA B 85 34.30 -3.83 47.34
C ALA B 85 35.15 -2.57 47.49
N VAL B 86 36.43 -2.70 47.14
CA VAL B 86 37.38 -1.60 47.21
C VAL B 86 37.27 -0.79 45.92
N TYR B 87 37.29 0.53 46.05
CA TYR B 87 37.09 1.44 44.93
C TYR B 87 38.34 2.31 44.77
N TYR B 88 38.73 2.54 43.52
CA TYR B 88 39.98 3.20 43.20
C TYR B 88 39.75 4.44 42.35
N CYS B 89 40.67 5.39 42.45
CA CYS B 89 40.63 6.64 41.73
C CYS B 89 41.91 6.80 40.92
N GLN B 90 41.78 6.97 39.61
CA GLN B 90 42.92 7.13 38.71
C GLN B 90 42.73 8.39 37.87
N GLN B 91 43.83 9.06 37.58
CA GLN B 91 43.84 10.30 36.83
C GLN B 91 44.67 10.14 35.57
N PHE B 92 44.20 10.77 34.49
CA PHE B 92 44.88 10.72 33.20
C PHE B 92 45.46 12.08 32.82
N GLY B 93 45.72 12.93 33.83
CA GLY B 93 46.17 14.28 33.56
C GLY B 93 47.56 14.37 32.96
N SER B 94 48.54 13.69 33.56
CA SER B 94 49.92 13.83 33.12
C SER B 94 50.69 12.57 33.50
N SER B 95 51.58 12.15 32.61
CA SER B 95 52.39 10.97 32.89
C SER B 95 53.29 11.24 34.09
N PRO B 96 53.40 10.31 35.04
CA PRO B 96 52.76 8.98 35.08
C PRO B 96 51.29 9.06 35.48
N ARG B 97 50.50 8.10 35.01
CA ARG B 97 49.14 7.95 35.50
C ARG B 97 49.16 7.09 36.77
N THR B 98 48.48 7.56 37.81
CA THR B 98 48.63 7.00 39.14
C THR B 98 47.27 6.65 39.73
N PHE B 99 47.28 5.63 40.58
CA PHE B 99 46.11 5.19 41.33
C PHE B 99 46.12 5.80 42.73
N GLY B 100 44.92 5.97 43.27
CA GLY B 100 44.77 6.44 44.63
C GLY B 100 45.07 5.35 45.64
N GLN B 101 44.99 5.72 46.91
CA GLN B 101 45.25 4.77 47.98
C GLN B 101 44.23 3.64 47.97
N GLY B 102 42.96 3.97 47.72
CA GLY B 102 41.90 2.97 47.71
C GLY B 102 41.04 3.06 48.96
N THR B 103 39.73 3.02 48.78
CA THR B 103 38.78 3.15 49.88
C THR B 103 38.01 1.85 50.05
N LYS B 104 38.05 1.30 51.25
CA LYS B 104 37.36 0.06 51.56
C LYS B 104 35.90 0.34 51.93
N LEU B 105 35.10 -0.72 51.90
CA LEU B 105 33.68 -0.64 52.24
C LEU B 105 33.26 -1.94 52.90
N GLU B 106 32.54 -1.84 54.02
CA GLU B 106 32.15 -3.02 54.77
C GLU B 106 30.78 -2.78 55.41
N VAL B 107 30.06 -3.87 55.62
CA VAL B 107 28.76 -3.79 56.27
C VAL B 107 28.94 -3.48 57.76
N LYS B 108 27.86 -3.00 58.38
CA LYS B 108 27.89 -2.70 59.81
C LYS B 108 27.67 -3.97 60.62
N GLY C 1 55.90 9.79 4.75
CA GLY C 1 54.55 9.87 5.36
C GLY C 1 53.76 11.07 4.91
N LEU C 2 52.43 10.93 4.90
CA LEU C 2 51.56 12.02 4.48
C LEU C 2 50.32 12.01 5.36
N ASP C 3 49.67 13.16 5.44
CA ASP C 3 48.45 13.28 6.25
C ASP C 3 47.25 12.78 5.46
N LYS C 4 46.15 12.56 6.18
CA LYS C 4 44.93 12.04 5.59
C LYS C 4 43.75 12.41 6.46
N ILE C 5 42.56 12.24 5.91
CA ILE C 5 41.32 12.28 6.68
C ILE C 5 40.30 11.41 5.98
N CYS C 6 39.75 10.43 6.69
CA CYS C 6 38.82 9.46 6.13
C CYS C 6 37.44 9.64 6.74
N LEU C 7 36.44 9.02 6.10
CA LEU C 7 35.05 9.06 6.54
C LEU C 7 34.44 7.67 6.46
N GLY C 8 33.60 7.35 7.43
CA GLY C 8 32.95 6.05 7.45
C GLY C 8 31.76 6.06 8.37
N HIS C 9 31.11 4.91 8.47
CA HIS C 9 29.93 4.76 9.31
C HIS C 9 30.05 3.48 10.13
N HIS C 10 29.30 3.42 11.23
CA HIS C 10 29.51 2.37 12.21
C HIS C 10 29.01 1.03 11.70
N ALA C 11 29.52 -0.03 12.31
CA ALA C 11 29.08 -1.39 12.03
C ALA C 11 29.12 -2.19 13.32
N VAL C 12 28.72 -3.46 13.23
CA VAL C 12 28.60 -4.33 14.38
C VAL C 12 29.22 -5.69 14.05
N ALA C 13 29.51 -6.46 15.09
CA ALA C 13 30.04 -7.80 14.89
C ALA C 13 29.01 -8.69 14.19
N ASN C 14 27.76 -8.63 14.62
CA ASN C 14 26.68 -9.40 13.98
C ASN C 14 25.35 -8.69 14.20
N GLY C 15 24.56 -8.57 13.13
CA GLY C 15 23.29 -7.90 13.16
C GLY C 15 22.13 -8.85 12.91
N THR C 16 21.00 -8.25 12.55
CA THR C 16 19.78 -8.99 12.28
C THR C 16 19.50 -9.04 10.78
N ILE C 17 18.37 -9.63 10.42
CA ILE C 17 17.96 -9.82 9.03
C ILE C 17 16.56 -9.24 8.86
N VAL C 18 16.36 -8.45 7.80
CA VAL C 18 15.09 -7.81 7.52
C VAL C 18 14.85 -7.80 6.02
N LYS C 19 13.59 -7.94 5.63
CA LYS C 19 13.19 -8.04 4.24
C LYS C 19 13.02 -6.66 3.62
N THR C 20 13.31 -6.57 2.31
CA THR C 20 13.15 -5.34 1.55
C THR C 20 12.64 -5.68 0.17
N LEU C 21 12.29 -4.65 -0.60
CA LEU C 21 11.70 -4.88 -1.92
C LEU C 21 12.65 -5.65 -2.82
N THR C 22 13.93 -5.29 -2.82
CA THR C 22 14.90 -5.86 -3.74
C THR C 22 15.49 -7.17 -3.24
N ASN C 23 15.66 -7.33 -1.93
CA ASN C 23 16.32 -8.49 -1.35
C ASN C 23 15.49 -9.00 -0.19
N GLU C 24 15.67 -10.29 0.14
CA GLU C 24 14.89 -10.93 1.18
C GLU C 24 15.69 -11.27 2.43
N GLN C 25 17.02 -11.16 2.39
CA GLN C 25 17.86 -11.48 3.54
C GLN C 25 18.82 -10.33 3.83
N GLU C 26 18.34 -9.09 3.67
CA GLU C 26 19.17 -7.94 3.98
C GLU C 26 19.51 -7.93 5.47
N GLU C 27 20.73 -7.50 5.78
CA GLU C 27 21.23 -7.44 7.14
C GLU C 27 21.39 -5.99 7.58
N VAL C 28 20.99 -5.71 8.81
CA VAL C 28 21.08 -4.37 9.37
C VAL C 28 21.73 -4.46 10.75
N THR C 29 22.15 -3.30 11.27
CA THR C 29 22.83 -3.27 12.55
C THR C 29 21.86 -3.34 13.71
N ASN C 30 20.58 -3.02 13.48
CA ASN C 30 19.61 -3.02 14.55
C ASN C 30 18.21 -3.07 13.94
N ALA C 31 17.29 -3.70 14.66
CA ALA C 31 15.91 -3.84 14.19
C ALA C 31 15.00 -4.08 15.38
N THR C 32 13.70 -3.88 15.15
CA THR C 32 12.71 -3.96 16.20
C THR C 32 11.52 -4.79 15.73
N GLU C 33 10.90 -5.51 16.66
CA GLU C 33 9.74 -6.33 16.37
C GLU C 33 8.51 -5.46 16.19
N THR C 34 7.49 -6.03 15.55
CA THR C 34 6.26 -5.30 15.24
C THR C 34 4.98 -6.03 15.63
N VAL C 35 5.00 -7.34 15.83
CA VAL C 35 3.80 -8.14 16.08
C VAL C 35 3.79 -8.58 17.53
N GLU C 36 2.67 -8.36 18.20
CA GLU C 36 2.51 -8.76 19.60
C GLU C 36 1.98 -10.17 19.70
N SER C 37 2.56 -10.96 20.60
CA SER C 37 2.11 -12.33 20.82
C SER C 37 1.98 -12.70 22.29
N THR C 38 2.19 -11.78 23.21
CA THR C 38 2.04 -12.02 24.65
C THR C 38 0.76 -11.39 25.14
N GLY C 39 0.06 -12.08 26.03
CA GLY C 39 -1.17 -11.58 26.59
C GLY C 39 -1.21 -11.76 28.09
N ILE C 40 -2.17 -11.08 28.71
CA ILE C 40 -2.35 -11.12 30.16
C ILE C 40 -3.48 -12.07 30.48
N ASN C 41 -3.17 -13.13 31.23
CA ASN C 41 -4.14 -14.17 31.55
C ASN C 41 -5.17 -13.74 32.59
N ARG C 42 -5.19 -12.46 32.96
CA ARG C 42 -6.18 -11.92 33.88
C ARG C 42 -7.08 -10.96 33.13
N LEU C 43 -8.22 -10.64 33.73
CA LEU C 43 -9.22 -9.78 33.10
C LEU C 43 -9.11 -8.36 33.66
N CYS C 44 -8.09 -7.66 33.17
CA CYS C 44 -7.80 -6.30 33.64
C CYS C 44 -9.01 -5.41 33.53
N MET C 45 -9.52 -4.93 34.67
CA MET C 45 -10.74 -4.15 34.72
C MET C 45 -10.58 -2.95 35.64
N LYS C 46 -9.52 -2.17 35.45
CA LYS C 46 -9.31 -0.97 36.25
C LYS C 46 -10.10 0.19 35.67
N GLY C 47 -10.89 0.85 36.51
CA GLY C 47 -11.61 2.03 36.10
C GLY C 47 -12.88 1.79 35.32
N ARG C 48 -13.43 0.58 35.36
CA ARG C 48 -14.65 0.23 34.66
C ARG C 48 -15.67 -0.33 35.64
N LYS C 49 -16.91 0.16 35.55
CA LYS C 49 -17.99 -0.32 36.42
C LYS C 49 -18.53 -1.62 35.82
N HIS C 50 -17.85 -2.71 36.12
CA HIS C 50 -18.14 -4.01 35.54
C HIS C 50 -19.20 -4.74 36.34
N LYS C 51 -19.69 -5.85 35.78
CA LYS C 51 -20.61 -6.74 36.47
C LYS C 51 -20.29 -8.17 36.07
N ASP C 52 -19.84 -8.97 37.03
CA ASP C 52 -19.57 -10.38 36.82
C ASP C 52 -20.84 -11.16 37.10
N LEU C 53 -21.50 -11.63 36.03
CA LEU C 53 -22.75 -12.37 36.21
C LEU C 53 -22.51 -13.65 37.02
N GLY C 54 -21.47 -14.39 36.70
CA GLY C 54 -21.12 -15.59 37.47
C GLY C 54 -21.78 -16.84 36.91
N ASN C 55 -22.84 -17.30 37.57
CA ASN C 55 -23.41 -18.61 37.30
C ASN C 55 -24.78 -18.56 36.63
N CYS C 56 -25.20 -17.40 36.11
CA CYS C 56 -26.51 -17.29 35.48
C CYS C 56 -26.39 -16.67 34.10
N HIS C 57 -27.26 -17.14 33.20
CA HIS C 57 -27.29 -16.64 31.83
C HIS C 57 -27.91 -15.25 31.80
N PRO C 58 -27.50 -14.40 30.86
CA PRO C 58 -28.16 -13.09 30.75
C PRO C 58 -29.66 -13.19 30.53
N ILE C 59 -30.12 -14.20 29.78
CA ILE C 59 -31.56 -14.36 29.57
C ILE C 59 -32.26 -14.64 30.89
N GLY C 60 -31.55 -15.23 31.85
CA GLY C 60 -32.14 -15.45 33.16
C GLY C 60 -32.50 -14.16 33.89
N MET C 61 -31.84 -13.06 33.56
CA MET C 61 -32.14 -11.80 34.24
C MET C 61 -33.57 -11.36 33.95
N LEU C 62 -34.03 -11.54 32.72
CA LEU C 62 -35.38 -11.16 32.33
C LEU C 62 -36.42 -12.19 32.73
N ILE C 63 -36.01 -13.40 33.08
CA ILE C 63 -36.93 -14.45 33.47
C ILE C 63 -36.87 -14.72 34.97
N GLY C 64 -35.85 -14.22 35.67
CA GLY C 64 -35.77 -14.35 37.12
C GLY C 64 -35.56 -15.76 37.60
N THR C 65 -34.72 -16.53 36.93
CA THR C 65 -34.41 -17.87 37.37
C THR C 65 -33.68 -17.82 38.71
N PRO C 66 -33.82 -18.86 39.54
CA PRO C 66 -33.15 -18.82 40.85
C PRO C 66 -31.66 -18.58 40.78
N ALA C 67 -30.97 -19.17 39.79
CA ALA C 67 -29.52 -19.03 39.72
C ALA C 67 -29.08 -17.58 39.51
N CYS C 68 -29.96 -16.73 38.98
CA CYS C 68 -29.65 -15.32 38.76
C CYS C 68 -30.40 -14.43 39.73
N ASP C 69 -30.92 -15.00 40.82
CA ASP C 69 -31.77 -14.23 41.72
C ASP C 69 -31.06 -12.98 42.24
N LEU C 70 -29.77 -13.08 42.54
CA LEU C 70 -29.11 -12.01 43.29
C LEU C 70 -29.14 -10.69 42.54
N HIS C 71 -28.87 -10.71 41.24
CA HIS C 71 -28.75 -9.49 40.44
C HIS C 71 -29.68 -9.57 39.23
N LEU C 72 -30.93 -9.14 39.41
CA LEU C 72 -31.85 -8.92 38.30
C LEU C 72 -31.68 -7.51 37.73
N THR C 73 -31.89 -6.50 38.56
CA THR C 73 -31.72 -5.11 38.16
C THR C 73 -30.31 -4.64 38.52
N GLY C 74 -29.86 -3.61 37.81
CA GLY C 74 -28.55 -3.04 38.07
C GLY C 74 -28.06 -2.27 36.87
N MET C 75 -27.04 -1.44 37.13
CA MET C 75 -26.35 -0.68 36.10
C MET C 75 -24.92 -1.16 36.02
N TRP C 76 -24.33 -1.04 34.83
CA TRP C 76 -22.96 -1.51 34.62
C TRP C 76 -22.38 -0.82 33.40
N ASP C 77 -21.12 -1.16 33.10
CA ASP C 77 -20.42 -0.67 31.93
C ASP C 77 -19.69 -1.75 31.17
N THR C 78 -19.48 -2.93 31.76
CA THR C 78 -18.83 -4.04 31.08
C THR C 78 -19.36 -5.34 31.67
N LEU C 79 -20.32 -5.95 31.00
CA LEU C 79 -20.92 -7.18 31.47
C LEU C 79 -20.04 -8.36 31.10
N ILE C 80 -19.85 -9.29 32.05
CA ILE C 80 -18.99 -10.44 31.89
C ILE C 80 -19.83 -11.69 32.07
N GLU C 81 -19.74 -12.62 31.12
CA GLU C 81 -20.52 -13.86 31.14
C GLU C 81 -19.57 -15.04 31.18
N ARG C 82 -19.76 -15.92 32.16
CA ARG C 82 -18.91 -17.09 32.32
C ARG C 82 -19.35 -18.17 31.34
N GLU C 83 -18.81 -19.38 31.52
CA GLU C 83 -19.14 -20.52 30.67
C GLU C 83 -20.02 -21.49 31.45
N ASN C 84 -20.99 -22.08 30.76
CA ASN C 84 -21.91 -23.05 31.36
C ASN C 84 -22.85 -22.39 32.36
N ALA C 85 -23.39 -21.22 31.99
CA ALA C 85 -24.29 -20.49 32.87
C ALA C 85 -25.72 -21.03 32.74
N ILE C 86 -26.40 -21.07 33.88
CA ILE C 86 -27.75 -21.62 33.94
C ILE C 86 -28.76 -20.57 33.47
N ALA C 87 -29.68 -20.98 32.60
CA ALA C 87 -30.71 -20.10 32.07
C ALA C 87 -32.12 -20.54 32.46
N TYR C 88 -32.48 -21.79 32.18
CA TYR C 88 -33.81 -22.30 32.48
C TYR C 88 -33.72 -23.41 33.51
N CYS C 89 -34.50 -23.28 34.58
CA CYS C 89 -34.62 -24.34 35.58
C CYS C 89 -35.58 -25.42 35.11
N TYR C 90 -36.84 -25.06 34.91
CA TYR C 90 -37.79 -25.92 34.23
C TYR C 90 -37.47 -25.96 32.74
N PRO C 91 -37.39 -27.13 32.12
CA PRO C 91 -36.88 -27.19 30.74
C PRO C 91 -37.70 -26.33 29.79
N GLY C 92 -37.02 -25.72 28.84
CA GLY C 92 -37.68 -24.84 27.90
C GLY C 92 -36.74 -24.37 26.82
N ALA C 93 -37.24 -23.43 26.01
CA ALA C 93 -36.45 -22.80 24.96
C ALA C 93 -37.05 -21.44 24.66
N THR C 94 -36.24 -20.58 24.05
CA THR C 94 -36.66 -19.24 23.69
C THR C 94 -36.50 -19.04 22.19
N VAL C 95 -37.51 -18.45 21.57
CA VAL C 95 -37.47 -18.17 20.14
C VAL C 95 -36.65 -16.91 19.91
N ASN C 96 -35.86 -16.91 18.83
CA ASN C 96 -35.00 -15.77 18.51
C ASN C 96 -34.10 -15.44 19.70
N VAL C 97 -33.55 -16.48 20.32
CA VAL C 97 -32.76 -16.29 21.54
C VAL C 97 -31.49 -15.52 21.24
N GLU C 98 -30.84 -15.81 20.10
CA GLU C 98 -29.59 -15.14 19.79
C GLU C 98 -29.79 -13.64 19.61
N ALA C 99 -30.87 -13.24 18.93
CA ALA C 99 -31.12 -11.81 18.75
C ALA C 99 -31.47 -11.14 20.06
N LEU C 100 -31.86 -11.91 21.08
CA LEU C 100 -32.14 -11.34 22.39
C LEU C 100 -30.87 -11.24 23.23
N ARG C 101 -30.04 -12.29 23.22
CA ARG C 101 -28.81 -12.25 23.99
C ARG C 101 -27.91 -11.10 23.54
N GLN C 102 -27.88 -10.83 22.25
CA GLN C 102 -27.12 -9.69 21.75
C GLN C 102 -27.72 -8.38 22.25
N LYS C 103 -29.04 -8.30 22.28
CA LYS C 103 -29.70 -7.07 22.73
C LYS C 103 -29.37 -6.77 24.18
N ILE C 104 -29.32 -7.80 25.02
CA ILE C 104 -29.01 -7.59 26.43
C ILE C 104 -27.55 -7.19 26.61
N MET C 105 -26.65 -7.85 25.89
CA MET C 105 -25.22 -7.62 26.10
C MET C 105 -24.75 -6.25 25.62
N GLU C 106 -25.61 -5.52 24.91
CA GLU C 106 -25.26 -4.16 24.51
C GLU C 106 -25.73 -3.12 25.53
N SER C 107 -26.73 -3.44 26.33
CA SER C 107 -27.33 -2.45 27.22
C SER C 107 -26.35 -2.05 28.32
N GLY C 108 -26.69 -0.97 29.02
CA GLY C 108 -25.93 -0.50 30.16
C GLY C 108 -26.62 -0.70 31.49
N GLY C 109 -27.69 -1.47 31.54
CA GLY C 109 -28.41 -1.69 32.78
C GLY C 109 -29.81 -2.18 32.50
N ILE C 110 -30.54 -2.44 33.58
CA ILE C 110 -31.92 -2.90 33.49
C ILE C 110 -32.73 -2.24 34.59
N ASN C 111 -33.95 -1.87 34.26
CA ASN C 111 -34.92 -1.38 35.23
C ASN C 111 -36.23 -2.13 35.00
N LYS C 112 -36.95 -2.42 36.08
CA LYS C 112 -38.15 -3.24 36.00
C LYS C 112 -39.35 -2.53 36.62
N ILE C 113 -40.50 -2.69 35.97
CA ILE C 113 -41.76 -2.09 36.41
C ILE C 113 -42.82 -3.18 36.41
N SER C 114 -43.62 -3.24 37.46
CA SER C 114 -44.64 -4.27 37.59
C SER C 114 -45.77 -4.05 36.59
N THR C 115 -46.51 -5.11 36.32
CA THR C 115 -47.61 -5.05 35.34
C THR C 115 -48.95 -4.76 36.01
N GLY C 116 -49.17 -5.30 37.20
CA GLY C 116 -50.41 -5.06 37.91
C GLY C 116 -51.57 -5.94 37.50
N PHE C 117 -51.31 -7.10 36.90
CA PHE C 117 -52.39 -7.98 36.51
C PHE C 117 -53.10 -8.53 37.75
N THR C 118 -54.41 -8.76 37.60
CA THR C 118 -55.22 -9.34 38.65
C THR C 118 -56.06 -10.46 38.06
N TYR C 119 -56.28 -11.51 38.86
CA TYR C 119 -56.94 -12.72 38.39
C TYR C 119 -58.09 -13.07 39.31
N GLY C 120 -59.07 -13.80 38.75
CA GLY C 120 -60.31 -14.06 39.42
C GLY C 120 -60.22 -15.14 40.47
N SER C 121 -61.37 -15.41 41.09
CA SER C 121 -61.43 -16.40 42.17
C SER C 121 -61.06 -17.79 41.68
N SER C 122 -61.52 -18.17 40.49
CA SER C 122 -61.35 -19.52 39.99
C SER C 122 -60.04 -19.73 39.24
N ILE C 123 -59.02 -18.90 39.50
CA ILE C 123 -57.71 -19.06 38.89
C ILE C 123 -56.66 -19.06 40.00
N ASN C 124 -55.76 -20.04 39.96
CA ASN C 124 -54.68 -20.16 40.93
C ASN C 124 -53.38 -19.72 40.26
N SER C 125 -52.82 -18.60 40.73
CA SER C 125 -51.59 -18.04 40.17
C SER C 125 -50.38 -18.37 41.01
N ALA C 126 -50.42 -19.46 41.77
CA ALA C 126 -49.35 -19.84 42.68
C ALA C 126 -48.83 -21.24 42.34
N GLY C 127 -48.77 -21.56 41.06
CA GLY C 127 -48.21 -22.83 40.66
C GLY C 127 -46.73 -22.91 40.95
N THR C 128 -46.27 -24.11 41.28
CA THR C 128 -44.87 -24.35 41.62
C THR C 128 -44.46 -25.72 41.12
N THR C 129 -43.16 -25.87 40.88
CA THR C 129 -42.60 -27.11 40.36
C THR C 129 -41.33 -27.46 41.14
N ARG C 130 -40.99 -28.74 41.12
CA ARG C 130 -39.89 -29.25 41.93
C ARG C 130 -38.51 -28.93 41.36
N ALA C 131 -38.43 -28.55 40.09
CA ALA C 131 -37.14 -28.39 39.41
C ALA C 131 -36.60 -26.97 39.51
N CYS C 132 -37.26 -26.08 40.23
CA CYS C 132 -36.85 -24.69 40.39
C CYS C 132 -36.75 -24.34 41.87
N MET C 133 -36.04 -25.18 42.62
CA MET C 133 -36.03 -25.08 44.07
C MET C 133 -35.45 -23.75 44.54
N ARG C 134 -35.98 -23.26 45.66
CA ARG C 134 -35.43 -22.10 46.35
C ARG C 134 -35.72 -22.21 47.83
N ASN C 135 -34.71 -22.01 48.66
CA ASN C 135 -34.83 -22.09 50.11
C ASN C 135 -35.31 -23.47 50.56
N GLY C 136 -35.01 -24.50 49.77
CA GLY C 136 -35.40 -25.85 50.10
C GLY C 136 -36.84 -26.20 49.82
N GLY C 137 -37.59 -25.31 49.14
CA GLY C 137 -38.98 -25.56 48.84
C GLY C 137 -39.27 -25.33 47.37
N ASN C 138 -40.45 -25.77 46.95
CA ASN C 138 -40.87 -25.61 45.57
C ASN C 138 -41.10 -24.15 45.24
N SER C 139 -40.75 -23.75 44.02
CA SER C 139 -40.88 -22.37 43.59
C SER C 139 -41.01 -22.34 42.07
N PHE C 140 -40.93 -21.14 41.51
CA PHE C 140 -41.07 -20.93 40.08
C PHE C 140 -40.24 -19.71 39.69
N TYR C 141 -40.33 -19.33 38.42
CA TYR C 141 -39.61 -18.16 37.94
C TYR C 141 -40.06 -16.91 38.70
N ALA C 142 -39.11 -16.03 38.98
CA ALA C 142 -39.36 -14.91 39.88
C ALA C 142 -40.27 -13.84 39.26
N GLU C 143 -40.51 -13.88 37.95
CA GLU C 143 -41.25 -12.82 37.28
C GLU C 143 -42.36 -13.34 36.38
N LEU C 144 -42.64 -14.64 36.39
CA LEU C 144 -43.72 -15.24 35.63
C LEU C 144 -44.60 -16.03 36.59
N LYS C 145 -45.91 -16.03 36.34
CA LYS C 145 -46.87 -16.68 37.21
C LYS C 145 -47.57 -17.80 36.46
N TRP C 146 -47.47 -19.02 36.98
CA TRP C 146 -48.06 -20.20 36.34
C TRP C 146 -49.51 -20.29 36.77
N LEU C 147 -50.41 -19.79 35.94
CA LEU C 147 -51.84 -19.83 36.22
C LEU C 147 -52.38 -21.22 35.96
N VAL C 148 -53.17 -21.74 36.91
CA VAL C 148 -53.83 -23.03 36.77
C VAL C 148 -55.24 -22.90 37.34
N SER C 149 -56.01 -23.98 37.20
CA SER C 149 -57.36 -23.99 37.77
C SER C 149 -57.29 -24.03 39.29
N LYS C 150 -58.31 -23.44 39.93
CA LYS C 150 -58.38 -23.47 41.38
C LYS C 150 -58.53 -24.89 41.90
N SER C 151 -59.39 -25.69 41.28
CA SER C 151 -59.61 -27.07 41.66
C SER C 151 -59.46 -27.96 40.44
N LYS C 152 -58.78 -29.09 40.62
CA LYS C 152 -58.44 -29.94 39.49
C LYS C 152 -59.68 -30.40 38.76
N GLY C 153 -59.61 -30.40 37.42
CA GLY C 153 -60.68 -30.84 36.57
C GLY C 153 -61.61 -29.75 36.08
N GLN C 154 -61.71 -28.65 36.79
CA GLN C 154 -62.62 -27.57 36.41
C GLN C 154 -62.07 -26.81 35.22
N ASN C 155 -62.94 -26.55 34.25
CA ASN C 155 -62.53 -25.81 33.07
C ASN C 155 -61.98 -24.45 33.45
N PHE C 156 -60.86 -24.08 32.85
CA PHE C 156 -60.25 -22.79 33.12
C PHE C 156 -61.16 -21.69 32.61
N PRO C 157 -61.43 -20.65 33.39
CA PRO C 157 -62.26 -19.55 32.89
C PRO C 157 -61.49 -18.66 31.92
N GLN C 158 -62.19 -18.18 30.90
CA GLN C 158 -61.57 -17.30 29.92
C GLN C 158 -61.41 -15.90 30.50
N THR C 159 -60.22 -15.32 30.30
CA THR C 159 -59.93 -13.99 30.79
C THR C 159 -59.07 -13.25 29.77
N THR C 160 -59.12 -11.93 29.86
CA THR C 160 -58.34 -11.04 29.00
C THR C 160 -57.58 -10.04 29.88
N ASN C 161 -56.33 -9.78 29.52
CA ASN C 161 -55.47 -8.88 30.27
C ASN C 161 -54.81 -7.90 29.33
N THR C 162 -54.49 -6.72 29.84
CA THR C 162 -53.85 -5.67 29.06
C THR C 162 -52.76 -5.03 29.89
N TYR C 163 -51.66 -4.67 29.22
CA TYR C 163 -50.59 -3.90 29.84
C TYR C 163 -50.67 -2.47 29.34
N ARG C 164 -50.66 -1.52 30.26
CA ARG C 164 -50.87 -0.11 29.95
C ARG C 164 -49.54 0.62 30.16
N ASN C 165 -48.84 0.89 29.08
CA ASN C 165 -47.55 1.56 29.14
C ASN C 165 -47.72 3.06 29.23
N THR C 166 -46.96 3.69 30.12
CA THR C 166 -46.98 5.13 30.26
C THR C 166 -45.61 5.77 30.36
N ASP C 167 -44.53 5.00 30.51
CA ASP C 167 -43.20 5.56 30.55
C ASP C 167 -42.84 6.15 29.18
N THR C 168 -41.67 6.79 29.12
CA THR C 168 -41.25 7.49 27.91
C THR C 168 -40.44 6.61 26.96
N ALA C 169 -40.15 5.36 27.31
CA ALA C 169 -39.35 4.50 26.47
C ALA C 169 -39.97 3.11 26.41
N GLU C 170 -39.65 2.39 25.33
CA GLU C 170 -40.19 1.07 25.10
C GLU C 170 -39.68 0.07 26.13
N HIS C 171 -40.57 -0.82 26.55
CA HIS C 171 -40.25 -1.87 27.51
C HIS C 171 -40.26 -3.22 26.81
N LEU C 172 -39.47 -4.14 27.34
CA LEU C 172 -39.33 -5.49 26.78
C LEU C 172 -40.21 -6.42 27.60
N ILE C 173 -41.29 -6.89 27.00
CA ILE C 173 -42.24 -7.77 27.66
C ILE C 173 -42.02 -9.20 27.18
N MET C 174 -41.95 -10.13 28.12
CA MET C 174 -41.66 -11.54 27.83
C MET C 174 -42.69 -12.41 28.54
N TRP C 175 -43.06 -13.51 27.90
CA TRP C 175 -44.02 -14.46 28.48
C TRP C 175 -43.67 -15.86 28.01
N GLY C 176 -44.51 -16.83 28.41
CA GLY C 176 -44.27 -18.21 28.06
C GLY C 176 -45.58 -18.98 27.97
N ILE C 177 -45.52 -20.13 27.30
CA ILE C 177 -46.68 -20.98 27.09
C ILE C 177 -46.31 -22.41 27.45
N HIS C 178 -47.31 -23.19 27.87
CA HIS C 178 -47.09 -24.50 28.45
C HIS C 178 -47.44 -25.61 27.46
N HIS C 179 -46.69 -26.71 27.53
CA HIS C 179 -46.89 -27.86 26.65
C HIS C 179 -46.92 -29.14 27.48
N PRO C 180 -48.10 -29.58 27.91
CA PRO C 180 -48.18 -30.72 28.83
C PRO C 180 -47.51 -31.96 28.26
N SER C 181 -47.43 -33.00 29.09
CA SER C 181 -46.77 -34.23 28.74
C SER C 181 -47.73 -35.34 28.36
N SER C 182 -48.96 -35.32 28.88
CA SER C 182 -49.92 -36.38 28.59
C SER C 182 -51.33 -35.83 28.75
N THR C 183 -52.30 -36.53 28.15
CA THR C 183 -53.68 -36.08 28.20
C THR C 183 -54.17 -35.99 29.64
N GLN C 184 -53.64 -36.82 30.53
CA GLN C 184 -54.03 -36.73 31.94
C GLN C 184 -53.64 -35.40 32.54
N GLU C 185 -52.48 -34.86 32.16
CA GLU C 185 -52.01 -33.61 32.76
C GLU C 185 -52.91 -32.44 32.38
N LYS C 186 -53.20 -32.27 31.10
CA LYS C 186 -53.99 -31.11 30.68
C LYS C 186 -55.38 -31.16 31.27
N ASN C 187 -56.00 -32.35 31.29
CA ASN C 187 -57.35 -32.47 31.84
C ASN C 187 -57.38 -32.02 33.30
N ASP C 188 -56.27 -32.18 34.02
CA ASP C 188 -56.20 -31.79 35.41
C ASP C 188 -55.92 -30.30 35.59
N LEU C 189 -54.85 -29.81 34.97
CA LEU C 189 -54.44 -28.43 35.21
C LEU C 189 -55.46 -27.44 34.69
N TYR C 190 -56.01 -27.67 33.50
CA TYR C 190 -56.87 -26.69 32.84
C TYR C 190 -58.31 -27.15 32.67
N GLY C 191 -58.52 -28.30 32.03
CA GLY C 191 -59.86 -28.80 31.82
C GLY C 191 -59.94 -29.61 30.55
N THR C 192 -61.15 -29.73 30.01
CA THR C 192 -61.40 -30.58 28.87
C THR C 192 -61.56 -29.82 27.55
N GLN C 193 -62.01 -28.57 27.59
CA GLN C 193 -62.20 -27.82 26.36
C GLN C 193 -60.85 -27.57 25.69
N SER C 194 -60.91 -26.94 24.52
CA SER C 194 -59.73 -26.70 23.71
C SER C 194 -59.05 -25.40 24.16
N LEU C 195 -57.72 -25.44 24.26
CA LEU C 195 -56.94 -24.30 24.69
C LEU C 195 -56.49 -23.46 23.50
N SER C 196 -56.32 -22.17 23.74
CA SER C 196 -55.93 -21.24 22.70
C SER C 196 -55.56 -19.90 23.34
N ILE C 197 -54.53 -19.26 22.78
CA ILE C 197 -54.01 -18.02 23.31
C ILE C 197 -53.87 -17.00 22.18
N SER C 198 -54.45 -15.82 22.38
CA SER C 198 -54.41 -14.75 21.40
C SER C 198 -53.73 -13.53 21.98
N VAL C 199 -52.71 -13.04 21.28
CA VAL C 199 -51.97 -11.85 21.69
C VAL C 199 -52.19 -10.77 20.64
N GLY C 200 -52.15 -9.51 21.07
CA GLY C 200 -52.36 -8.42 20.16
C GLY C 200 -51.95 -7.06 20.68
N SER C 201 -51.18 -6.34 19.88
CA SER C 201 -50.87 -4.94 20.13
C SER C 201 -51.13 -4.17 18.84
N SER C 202 -50.77 -2.88 18.80
CA SER C 202 -50.92 -2.12 17.58
C SER C 202 -49.91 -2.51 16.51
N THR C 203 -48.92 -3.34 16.85
CA THR C 203 -47.88 -3.73 15.91
C THR C 203 -47.60 -5.23 15.88
N TYR C 204 -47.94 -5.98 16.93
CA TYR C 204 -47.59 -7.39 17.04
C TYR C 204 -48.85 -8.21 17.21
N ARG C 205 -49.08 -9.16 16.31
CA ARG C 205 -50.21 -10.07 16.39
C ARG C 205 -49.72 -11.49 16.16
N ASN C 206 -50.14 -12.41 17.04
CA ASN C 206 -49.74 -13.81 16.92
C ASN C 206 -50.71 -14.66 17.73
N ASN C 207 -50.67 -15.96 17.48
CA ASN C 207 -51.57 -16.90 18.13
C ASN C 207 -50.83 -18.22 18.33
N PHE C 208 -51.07 -18.86 19.48
CA PHE C 208 -50.42 -20.11 19.84
C PHE C 208 -51.48 -21.09 20.31
N VAL C 209 -51.04 -22.30 20.67
CA VAL C 209 -51.94 -23.32 21.19
C VAL C 209 -51.14 -24.41 21.88
N PRO C 210 -51.44 -24.77 23.14
CA PRO C 210 -50.77 -25.92 23.75
C PRO C 210 -51.08 -27.20 23.01
N VAL C 211 -50.07 -28.07 22.92
CA VAL C 211 -50.20 -29.39 22.32
C VAL C 211 -49.43 -30.38 23.18
N VAL C 212 -50.01 -31.56 23.37
CA VAL C 212 -49.51 -32.53 24.33
C VAL C 212 -48.89 -33.71 23.59
N GLY C 213 -47.74 -34.16 24.08
CA GLY C 213 -47.06 -35.31 23.51
C GLY C 213 -45.93 -35.81 24.39
N ALA C 214 -45.58 -37.09 24.28
CA ALA C 214 -44.54 -37.67 25.11
C ALA C 214 -43.16 -37.20 24.69
N ARG C 215 -42.25 -37.12 25.65
CA ARG C 215 -40.90 -36.63 25.42
C ARG C 215 -39.96 -37.28 26.42
N PRO C 216 -38.66 -37.21 26.19
CA PRO C 216 -37.70 -37.66 27.21
C PRO C 216 -37.77 -36.76 28.44
N GLN C 217 -37.42 -37.33 29.58
CA GLN C 217 -37.38 -36.58 30.83
C GLN C 217 -36.10 -35.76 30.93
N VAL C 218 -36.24 -34.48 31.24
CA VAL C 218 -35.12 -33.60 31.56
C VAL C 218 -35.36 -33.08 32.97
N ASN C 219 -34.34 -33.19 33.82
CA ASN C 219 -34.52 -32.89 35.23
C ASN C 219 -35.66 -33.72 35.78
N GLY C 220 -36.52 -33.12 36.61
CA GLY C 220 -37.61 -33.87 37.20
C GLY C 220 -38.94 -33.64 36.51
N GLN C 221 -38.90 -33.07 35.30
CA GLN C 221 -40.11 -32.71 34.57
C GLN C 221 -40.04 -33.26 33.16
N SER C 222 -41.16 -33.82 32.69
CA SER C 222 -41.26 -34.37 31.35
C SER C 222 -42.01 -33.46 30.39
N GLY C 223 -42.26 -32.22 30.77
CA GLY C 223 -42.91 -31.25 29.92
C GLY C 223 -41.94 -30.22 29.36
N ARG C 224 -42.50 -29.13 28.87
CA ARG C 224 -41.72 -28.05 28.30
C ARG C 224 -42.48 -26.74 28.45
N ILE C 225 -41.74 -25.64 28.51
CA ILE C 225 -42.28 -24.29 28.46
C ILE C 225 -41.38 -23.46 27.55
N ASP C 226 -41.96 -22.78 26.58
CA ASP C 226 -41.19 -22.00 25.62
C ASP C 226 -41.62 -20.54 25.65
N PHE C 227 -40.64 -19.65 25.59
CA PHE C 227 -40.82 -18.24 25.88
C PHE C 227 -40.75 -17.42 24.60
N HIS C 228 -41.56 -16.36 24.55
CA HIS C 228 -41.55 -15.40 23.46
C HIS C 228 -41.28 -14.02 24.04
N TRP C 229 -41.12 -13.03 23.17
CA TRP C 229 -40.90 -11.67 23.63
C TRP C 229 -41.22 -10.68 22.52
N THR C 230 -41.45 -9.43 22.92
CA THR C 230 -41.77 -8.36 21.99
C THR C 230 -41.45 -7.03 22.66
N LEU C 231 -41.40 -5.97 21.86
CA LEU C 231 -41.16 -4.63 22.35
C LEU C 231 -42.46 -3.83 22.32
N VAL C 232 -42.80 -3.21 23.44
CA VAL C 232 -44.01 -2.41 23.57
C VAL C 232 -43.60 -0.95 23.48
N GLN C 233 -44.01 -0.27 22.41
CA GLN C 233 -43.62 1.11 22.19
C GLN C 233 -44.33 2.03 23.18
N PRO C 234 -43.76 3.20 23.44
CA PRO C 234 -44.38 4.10 24.43
C PRO C 234 -45.78 4.53 24.01
N GLY C 235 -46.66 4.66 25.00
CA GLY C 235 -48.02 5.10 24.76
C GLY C 235 -48.94 4.05 24.19
N ASP C 236 -48.52 2.78 24.17
CA ASP C 236 -49.26 1.71 23.51
C ASP C 236 -49.84 0.75 24.53
N ASN C 237 -50.64 -0.19 24.02
CA ASN C 237 -51.22 -1.26 24.84
C ASN C 237 -50.97 -2.59 24.14
N ILE C 238 -50.65 -3.62 24.93
CA ILE C 238 -50.49 -4.98 24.43
C ILE C 238 -51.41 -5.87 25.24
N THR C 239 -52.16 -6.73 24.56
CA THR C 239 -53.27 -7.47 25.16
C THR C 239 -53.01 -8.96 25.10
N PHE C 240 -53.34 -9.65 26.19
CA PHE C 240 -53.27 -11.10 26.27
C PHE C 240 -54.67 -11.63 26.50
N SER C 241 -55.19 -12.40 25.55
CA SER C 241 -56.49 -13.04 25.65
C SER C 241 -56.26 -14.54 25.67
N HIS C 242 -56.29 -15.13 26.86
CA HIS C 242 -55.89 -16.52 27.06
C HIS C 242 -57.01 -17.31 27.70
N ASN C 243 -57.12 -18.56 27.28
CA ASN C 243 -58.08 -19.53 27.81
C ASN C 243 -57.42 -20.51 28.75
N GLY C 244 -56.21 -20.96 28.43
CA GLY C 244 -55.46 -21.84 29.30
C GLY C 244 -54.07 -22.03 28.76
N GLY C 245 -53.18 -22.51 29.63
CA GLY C 245 -51.82 -22.77 29.24
C GLY C 245 -50.90 -21.56 29.23
N LEU C 246 -51.41 -20.37 29.55
CA LEU C 246 -50.57 -19.19 29.55
C LEU C 246 -49.81 -19.07 30.85
N ILE C 247 -48.54 -18.68 30.74
CA ILE C 247 -47.71 -18.39 31.91
C ILE C 247 -47.44 -16.90 31.88
N ALA C 248 -48.29 -16.13 32.55
CA ALA C 248 -48.34 -14.69 32.38
C ALA C 248 -47.18 -14.01 33.10
N PRO C 249 -46.80 -12.82 32.65
CA PRO C 249 -45.76 -12.06 33.35
C PRO C 249 -46.33 -11.30 34.52
N SER C 250 -45.41 -10.82 35.37
CA SER C 250 -45.76 -9.91 36.45
C SER C 250 -44.83 -8.71 36.56
N ARG C 251 -43.79 -8.64 35.75
CA ARG C 251 -42.89 -7.49 35.74
C ARG C 251 -42.27 -7.38 34.35
N VAL C 252 -42.44 -6.22 33.71
CA VAL C 252 -41.76 -5.94 32.46
C VAL C 252 -40.44 -5.25 32.77
N SER C 253 -39.52 -5.27 31.81
CA SER C 253 -38.19 -4.73 32.00
C SER C 253 -37.85 -3.78 30.86
N LYS C 254 -37.03 -2.77 31.17
CA LYS C 254 -36.56 -1.80 30.19
C LYS C 254 -35.05 -1.73 30.24
N LEU C 255 -34.44 -1.65 29.06
CA LEU C 255 -32.98 -1.65 28.94
C LEU C 255 -32.50 -0.23 28.70
N ILE C 256 -31.56 0.23 29.54
CA ILE C 256 -31.16 1.62 29.57
C ILE C 256 -29.66 1.72 29.37
N GLY C 257 -29.23 2.66 28.53
CA GLY C 257 -27.82 2.95 28.35
C GLY C 257 -27.16 2.06 27.34
N ARG C 258 -25.84 2.27 27.19
CA ARG C 258 -25.02 1.47 26.30
C ARG C 258 -23.77 1.03 27.05
N GLY C 259 -23.35 -0.20 26.79
CA GLY C 259 -22.18 -0.76 27.45
C GLY C 259 -21.45 -1.77 26.61
N LEU C 260 -20.61 -2.59 27.25
CA LEU C 260 -19.82 -3.60 26.57
C LEU C 260 -20.10 -4.95 27.18
N GLY C 261 -20.17 -5.98 26.35
CA GLY C 261 -20.40 -7.32 26.82
C GLY C 261 -19.30 -8.27 26.39
N ILE C 262 -18.56 -8.81 27.36
CA ILE C 262 -17.42 -9.67 27.09
C ILE C 262 -17.81 -11.10 27.44
N GLN C 263 -17.10 -12.05 26.83
CA GLN C 263 -17.44 -13.47 26.91
C GLN C 263 -16.16 -14.26 27.14
N SER C 264 -15.84 -14.52 28.40
CA SER C 264 -14.61 -15.24 28.74
C SER C 264 -14.78 -15.85 30.12
N ASP C 265 -13.75 -16.58 30.56
CA ASP C 265 -13.76 -17.26 31.84
C ASP C 265 -12.50 -16.98 32.65
N ALA C 266 -11.77 -15.91 32.33
CA ALA C 266 -10.55 -15.60 33.05
C ALA C 266 -10.87 -14.91 34.38
N PRO C 267 -9.98 -15.03 35.37
CA PRO C 267 -10.22 -14.35 36.65
C PRO C 267 -10.21 -12.83 36.49
N ILE C 268 -10.98 -12.17 37.35
CA ILE C 268 -11.11 -10.72 37.29
C ILE C 268 -9.94 -10.07 38.00
N ASP C 269 -9.45 -8.97 37.43
CA ASP C 269 -8.38 -8.19 38.02
C ASP C 269 -8.85 -6.74 38.13
N ASN C 270 -8.57 -6.12 39.27
CA ASN C 270 -9.07 -4.79 39.57
C ASN C 270 -8.00 -3.70 39.57
N ASN C 271 -6.71 -4.07 39.59
CA ASN C 271 -5.62 -3.11 39.64
C ASN C 271 -4.83 -3.09 38.35
N CYS C 272 -5.43 -3.58 37.26
CA CYS C 272 -4.80 -3.59 35.95
C CYS C 272 -5.79 -3.04 34.93
N GLU C 273 -5.27 -2.37 33.91
CA GLU C 273 -6.08 -1.64 32.95
C GLU C 273 -5.84 -2.18 31.54
N SER C 274 -6.91 -2.16 30.73
CA SER C 274 -6.82 -2.61 29.35
C SER C 274 -7.98 -2.02 28.56
N LYS C 275 -7.83 -2.01 27.25
CA LYS C 275 -8.88 -1.55 26.34
C LYS C 275 -9.38 -2.64 25.41
N CYS C 276 -8.77 -3.82 25.44
CA CYS C 276 -9.13 -4.93 24.57
C CYS C 276 -9.26 -6.20 25.40
N PHE C 277 -10.03 -7.15 24.87
CA PHE C 277 -10.25 -8.41 25.56
C PHE C 277 -10.38 -9.54 24.55
N TRP C 278 -10.01 -10.73 24.98
CA TRP C 278 -10.29 -11.94 24.21
C TRP C 278 -10.54 -13.07 25.20
N ARG C 279 -11.08 -14.17 24.69
CA ARG C 279 -11.59 -15.23 25.57
C ARG C 279 -10.54 -15.68 26.57
N GLY C 280 -9.27 -15.68 26.17
CA GLY C 280 -8.20 -16.17 27.01
C GLY C 280 -7.56 -15.16 27.93
N GLY C 281 -8.00 -13.92 27.93
CA GLY C 281 -7.41 -12.91 28.78
C GLY C 281 -7.61 -11.52 28.17
N SER C 282 -6.62 -10.65 28.38
CA SER C 282 -6.66 -9.28 27.90
C SER C 282 -5.41 -8.99 27.09
N ILE C 283 -5.49 -7.98 26.24
CA ILE C 283 -4.38 -7.54 25.41
C ILE C 283 -4.20 -6.04 25.59
N ASN C 284 -2.99 -5.62 25.95
CA ASN C 284 -2.62 -4.22 25.98
C ASN C 284 -1.18 -4.10 25.55
N THR C 285 -0.92 -3.25 24.56
CA THR C 285 0.42 -3.11 24.01
C THR C 285 0.43 -1.87 23.12
N ARG C 286 1.62 -1.53 22.61
CA ARG C 286 1.79 -0.40 21.74
C ARG C 286 2.17 -0.78 20.32
N LEU C 287 2.41 -2.05 20.04
CA LEU C 287 2.74 -2.48 18.71
C LEU C 287 1.50 -2.40 17.81
N PRO C 288 1.68 -2.21 16.50
CA PRO C 288 0.51 -2.00 15.63
C PRO C 288 -0.31 -3.25 15.37
N PHE C 289 0.31 -4.43 15.29
CA PHE C 289 -0.38 -5.66 14.98
C PHE C 289 -0.29 -6.61 16.16
N GLN C 290 -1.08 -7.69 16.09
CA GLN C 290 -1.10 -8.70 17.14
C GLN C 290 -1.41 -10.05 16.51
N ASN C 291 -1.05 -11.12 17.23
CA ASN C 291 -1.14 -12.47 16.71
C ASN C 291 -1.73 -13.44 17.72
N LEU C 292 -2.41 -12.95 18.76
CA LEU C 292 -2.91 -13.83 19.79
C LEU C 292 -4.12 -14.62 19.31
N SER C 293 -5.21 -13.93 18.97
CA SER C 293 -6.42 -14.58 18.51
C SER C 293 -7.18 -13.63 17.60
N PRO C 294 -8.01 -14.15 16.69
CA PRO C 294 -8.77 -13.27 15.80
C PRO C 294 -9.99 -12.65 16.45
N ARG C 295 -10.67 -13.37 17.35
CA ARG C 295 -11.94 -12.93 17.92
C ARG C 295 -11.66 -12.12 19.17
N THR C 296 -11.91 -10.81 19.11
CA THR C 296 -11.68 -9.93 20.24
C THR C 296 -12.78 -8.88 20.29
N VAL C 297 -12.92 -8.24 21.44
CA VAL C 297 -13.91 -7.19 21.66
C VAL C 297 -13.20 -5.98 22.25
N GLY C 298 -13.53 -4.80 21.72
CA GLY C 298 -12.94 -3.57 22.19
C GLY C 298 -12.25 -2.80 21.10
N GLN C 299 -11.00 -2.38 21.35
CA GLN C 299 -10.20 -1.58 20.42
C GLN C 299 -8.84 -2.21 20.24
N CYS C 300 -8.84 -3.51 19.93
CA CYS C 300 -7.62 -4.28 19.88
C CYS C 300 -6.78 -3.90 18.66
N PRO C 301 -5.49 -4.28 18.66
CA PRO C 301 -4.70 -4.15 17.44
C PRO C 301 -5.17 -5.14 16.38
N LYS C 302 -4.90 -4.80 15.12
CA LYS C 302 -5.40 -5.61 14.02
C LYS C 302 -4.68 -6.95 13.97
N TYR C 303 -5.41 -7.98 13.54
CA TYR C 303 -4.90 -9.34 13.56
C TYR C 303 -4.06 -9.63 12.31
N VAL C 304 -2.84 -10.11 12.52
CA VAL C 304 -1.93 -10.46 11.43
C VAL C 304 -1.53 -11.91 11.59
N ASN C 305 -1.70 -12.70 10.52
CA ASN C 305 -1.44 -14.13 10.55
C ASN C 305 0.02 -14.41 10.19
N ARG C 306 0.90 -13.94 11.05
CA ARG C 306 2.33 -14.16 10.90
C ARG C 306 2.99 -14.26 12.26
N ARG C 307 4.05 -15.06 12.35
CA ARG C 307 4.73 -15.25 13.62
C ARG C 307 5.55 -14.02 14.01
N SER C 308 6.28 -13.45 13.06
CA SER C 308 7.15 -12.32 13.35
C SER C 308 7.31 -11.47 12.10
N LEU C 309 7.54 -10.18 12.32
CA LEU C 309 7.68 -9.21 11.23
C LEU C 309 8.60 -8.10 11.74
N MET C 310 9.87 -8.15 11.35
CA MET C 310 10.87 -7.24 11.87
C MET C 310 10.89 -5.95 11.07
N LEU C 311 11.24 -4.85 11.75
CA LEU C 311 11.32 -3.53 11.14
C LEU C 311 12.73 -2.99 11.35
N ALA C 312 13.36 -2.53 10.26
CA ALA C 312 14.70 -1.99 10.35
C ALA C 312 14.71 -0.72 11.18
N THR C 313 15.77 -0.54 11.97
CA THR C 313 15.96 0.67 12.76
C THR C 313 17.36 1.26 12.63
N GLY C 314 18.35 0.49 12.21
CA GLY C 314 19.68 0.99 11.95
C GLY C 314 19.94 1.15 10.47
N MET C 315 21.19 0.92 10.09
CA MET C 315 21.63 0.99 8.70
C MET C 315 22.06 -0.39 8.23
N ARG C 316 22.43 -0.46 6.95
CA ARG C 316 22.93 -1.71 6.39
C ARG C 316 24.29 -2.02 6.98
N ASN C 317 24.47 -3.28 7.38
CA ASN C 317 25.68 -3.72 8.06
C ASN C 317 26.64 -4.34 7.06
N VAL C 318 27.88 -3.87 7.06
CA VAL C 318 28.94 -4.42 6.23
C VAL C 318 30.20 -4.50 7.07
N PRO C 319 30.55 -5.67 7.61
CA PRO C 319 31.60 -5.74 8.63
C PRO C 319 32.99 -5.54 8.03
N GLU C 320 33.95 -5.36 8.93
CA GLU C 320 35.32 -5.13 8.55
C GLU C 320 35.97 -6.42 8.04
N LEU C 321 36.94 -6.24 7.14
CA LEU C 321 37.72 -7.37 6.64
C LEU C 321 38.73 -7.80 7.69
N ILE C 322 39.04 -9.10 7.70
CA ILE C 322 40.00 -9.65 8.65
C ILE C 322 41.42 -9.34 8.20
N LEU D 2 50.41 -7.43 8.59
CA LEU D 2 49.96 -6.11 8.05
C LEU D 2 50.17 -5.02 9.09
N PHE D 3 50.20 -3.76 8.65
CA PHE D 3 50.45 -2.65 9.55
C PHE D 3 49.86 -1.38 8.96
N GLY D 4 49.42 -0.49 9.86
CA GLY D 4 48.92 0.81 9.47
C GLY D 4 47.68 0.71 8.59
N ALA D 5 47.58 1.63 7.65
CA ALA D 5 46.50 1.66 6.67
C ALA D 5 45.20 2.14 7.29
N ILE D 6 44.52 3.05 6.60
CA ILE D 6 43.20 3.52 7.00
C ILE D 6 42.29 3.43 5.78
N ALA D 7 40.99 3.33 6.04
CA ALA D 7 40.02 3.27 4.96
C ALA D 7 38.70 3.84 5.45
N GLY D 8 37.86 4.24 4.51
CA GLY D 8 36.58 4.82 4.83
C GLY D 8 35.43 4.03 4.24
N PHE D 9 34.27 4.65 4.08
CA PHE D 9 33.18 3.98 3.38
C PHE D 9 33.60 3.72 1.94
N LEU D 10 32.89 2.80 1.30
CA LEU D 10 33.23 2.20 0.02
C LEU D 10 34.23 1.05 0.19
N GLU D 11 34.74 0.82 1.40
CA GLU D 11 35.62 -0.32 1.66
C GLU D 11 35.00 -1.24 2.71
N ASN D 12 34.54 -0.68 3.83
CA ASN D 12 33.90 -1.46 4.87
C ASN D 12 33.45 -0.52 5.97
N GLY D 13 32.58 -1.04 6.85
CA GLY D 13 32.15 -0.27 8.00
C GLY D 13 33.12 -0.37 9.15
N TRP D 14 33.15 0.68 9.97
CA TRP D 14 34.06 0.77 11.10
C TRP D 14 33.46 0.06 12.30
N GLU D 15 34.20 -0.88 12.87
CA GLU D 15 33.71 -1.68 13.98
C GLU D 15 34.04 -1.08 15.34
N GLY D 16 34.92 -0.09 15.39
CA GLY D 16 35.26 0.59 16.63
C GLY D 16 34.45 1.83 16.90
N MET D 17 33.40 2.08 16.12
CA MET D 17 32.52 3.24 16.30
C MET D 17 31.48 2.89 17.34
N VAL D 18 31.77 3.21 18.60
CA VAL D 18 30.84 2.92 19.69
C VAL D 18 29.88 4.06 19.95
N ASP D 19 30.13 5.25 19.43
CA ASP D 19 29.36 6.43 19.75
C ASP D 19 29.16 7.26 18.50
N GLY D 20 27.97 7.18 17.91
CA GLY D 20 27.66 7.93 16.70
C GLY D 20 27.58 7.05 15.48
N TRP D 21 26.81 7.51 14.50
CA TRP D 21 26.66 6.77 13.24
C TRP D 21 27.76 7.12 12.27
N TYR D 22 27.94 8.41 11.98
CA TYR D 22 28.96 8.89 11.07
C TYR D 22 30.09 9.55 11.87
N GLY D 23 31.26 9.62 11.27
CA GLY D 23 32.40 10.21 11.93
C GLY D 23 33.58 10.36 11.01
N PHE D 24 34.72 10.72 11.60
CA PHE D 24 35.94 10.97 10.86
C PHE D 24 37.07 10.10 11.42
N ARG D 25 38.16 10.04 10.67
CA ARG D 25 39.42 9.48 11.13
C ARG D 25 40.55 10.21 10.41
N HIS D 26 41.76 10.10 10.96
CA HIS D 26 42.88 10.81 10.37
C HIS D 26 44.19 10.13 10.75
N GLN D 27 45.28 10.68 10.21
CA GLN D 27 46.62 10.17 10.47
C GLN D 27 47.60 11.24 10.00
N ASN D 28 48.52 11.64 10.88
CA ASN D 28 49.48 12.68 10.54
C ASN D 28 50.78 12.40 11.29
N ALA D 29 51.65 13.40 11.34
CA ALA D 29 52.97 13.21 11.92
C ALA D 29 52.93 13.03 13.43
N GLN D 30 51.82 13.36 14.08
CA GLN D 30 51.70 13.23 15.53
C GLN D 30 51.03 11.94 15.97
N GLY D 31 50.03 11.47 15.25
CA GLY D 31 49.35 10.24 15.61
C GLY D 31 47.94 10.20 15.06
N THR D 32 47.32 9.03 15.21
CA THR D 32 45.98 8.79 14.70
C THR D 32 44.93 9.23 15.70
N GLY D 33 43.67 9.13 15.30
CA GLY D 33 42.58 9.59 16.16
C GLY D 33 41.24 9.29 15.53
N GLN D 34 40.18 9.72 16.23
CA GLN D 34 38.82 9.46 15.80
C GLN D 34 37.88 10.44 16.49
N ALA D 35 36.75 10.69 15.85
CA ALA D 35 35.70 11.52 16.43
C ALA D 35 34.47 11.43 15.55
N ALA D 36 33.30 11.52 16.16
CA ALA D 36 32.02 11.39 15.47
C ALA D 36 31.45 12.75 15.11
N ASP D 37 30.56 12.74 14.13
CA ASP D 37 29.95 13.96 13.59
C ASP D 37 28.55 14.08 14.19
N TYR D 38 28.48 14.71 15.38
CA TYR D 38 27.25 14.68 16.16
C TYR D 38 26.07 15.33 15.46
N LYS D 39 26.30 16.16 14.45
CA LYS D 39 25.19 16.82 13.78
C LYS D 39 24.42 15.84 12.91
N SER D 40 25.09 15.26 11.90
CA SER D 40 24.41 14.42 10.94
C SER D 40 23.84 13.17 11.58
N THR D 41 24.59 12.55 12.49
CA THR D 41 24.09 11.33 13.13
C THR D 41 22.84 11.60 13.95
N GLN D 42 22.68 12.82 14.46
CA GLN D 42 21.51 13.13 15.26
C GLN D 42 20.27 13.32 14.41
N ALA D 43 20.43 13.77 13.16
CA ALA D 43 19.28 13.92 12.27
C ALA D 43 18.72 12.57 11.86
N ALA D 44 19.60 11.64 11.46
CA ALA D 44 19.13 10.35 10.97
C ALA D 44 18.44 9.56 12.07
N ILE D 45 19.00 9.56 13.28
CA ILE D 45 18.40 8.79 14.36
C ILE D 45 17.01 9.33 14.68
N ASP D 46 16.83 10.64 14.58
CA ASP D 46 15.53 11.23 14.86
C ASP D 46 14.48 10.75 13.87
N GLN D 47 14.83 10.70 12.59
CA GLN D 47 13.86 10.31 11.56
C GLN D 47 13.49 8.84 11.67
N ILE D 48 14.48 7.98 11.90
CA ILE D 48 14.31 6.56 11.67
C ILE D 48 13.57 5.89 12.83
N THR D 49 13.92 6.27 14.06
CA THR D 49 13.42 5.54 15.22
C THR D 49 11.94 5.79 15.48
N GLY D 50 11.37 6.85 14.92
CA GLY D 50 9.98 7.18 15.15
C GLY D 50 9.01 6.56 14.16
N LYS D 51 9.48 5.71 13.26
CA LYS D 51 8.59 5.17 12.23
C LYS D 51 7.63 4.13 12.78
N LEU D 52 7.93 3.56 13.96
CA LEU D 52 7.02 2.57 14.53
C LEU D 52 5.68 3.20 14.90
N ASN D 53 5.72 4.38 15.52
CA ASN D 53 4.48 5.02 15.96
C ASN D 53 3.61 5.48 14.80
N ARG D 54 4.20 5.73 13.64
CA ARG D 54 3.43 6.10 12.46
C ARG D 54 2.72 4.93 11.82
N LEU D 55 3.06 3.69 12.21
CA LEU D 55 2.37 2.52 11.71
C LEU D 55 1.12 2.16 12.50
N VAL D 56 0.93 2.78 13.67
CA VAL D 56 -0.20 2.42 14.52
C VAL D 56 -1.43 3.20 14.09
N GLU D 57 -2.56 2.50 14.00
CA GLU D 57 -3.82 3.12 13.64
C GLU D 57 -4.24 4.10 14.73
N LYS D 58 -4.70 5.28 14.31
CA LYS D 58 -5.14 6.33 15.23
C LYS D 58 -6.53 6.83 14.86
N THR D 59 -7.42 5.90 14.49
CA THR D 59 -8.82 6.17 14.24
C THR D 59 -9.67 5.09 14.91
N ASN D 60 -9.38 4.84 16.19
CA ASN D 60 -9.91 3.68 16.88
C ASN D 60 -11.43 3.61 16.77
N THR D 61 -11.93 2.43 16.39
CA THR D 61 -13.35 2.14 16.36
C THR D 61 -13.60 0.87 17.17
N GLU D 62 -14.42 0.97 18.20
CA GLU D 62 -14.73 -0.18 19.04
C GLU D 62 -15.48 -1.23 18.23
N PHE D 63 -15.20 -2.49 18.54
CA PHE D 63 -15.80 -3.63 17.86
C PHE D 63 -16.51 -4.51 18.87
N GLU D 64 -17.66 -5.05 18.47
CA GLU D 64 -18.45 -5.91 19.33
C GLU D 64 -18.33 -7.36 18.87
N SER D 65 -19.10 -8.23 19.52
CA SER D 65 -19.15 -9.64 19.15
C SER D 65 -20.35 -9.90 18.26
N ILE D 66 -20.13 -10.63 17.17
CA ILE D 66 -21.17 -11.03 16.25
C ILE D 66 -21.45 -12.53 16.29
N GLU D 67 -20.84 -13.25 17.21
CA GLU D 67 -21.07 -14.69 17.33
C GLU D 67 -20.83 -15.08 18.78
N SER D 68 -21.38 -16.24 19.16
CA SER D 68 -21.33 -16.71 20.54
C SER D 68 -20.25 -17.75 20.72
N GLU D 69 -19.44 -17.57 21.76
CA GLU D 69 -18.33 -18.48 22.07
C GLU D 69 -18.77 -19.71 22.85
N PHE D 70 -20.02 -19.75 23.32
CA PHE D 70 -20.50 -20.85 24.14
C PHE D 70 -21.76 -21.51 23.59
N SER D 71 -22.37 -20.95 22.54
CA SER D 71 -23.58 -21.51 21.97
C SER D 71 -23.44 -21.55 20.46
N GLU D 72 -24.15 -22.48 19.84
CA GLU D 72 -24.03 -22.68 18.40
C GLU D 72 -24.66 -21.52 17.64
N ILE D 73 -24.36 -21.47 16.34
CA ILE D 73 -24.93 -20.50 15.42
C ILE D 73 -25.50 -21.27 14.23
N GLU D 74 -26.50 -20.67 13.58
CA GLU D 74 -27.09 -21.34 12.43
C GLU D 74 -26.03 -21.55 11.34
N HIS D 75 -26.14 -22.68 10.66
CA HIS D 75 -25.13 -23.03 9.65
C HIS D 75 -25.17 -22.07 8.47
N GLN D 76 -26.37 -21.69 8.04
CA GLN D 76 -26.50 -20.84 6.86
C GLN D 76 -25.79 -19.50 7.06
N ILE D 77 -26.02 -18.86 8.21
CA ILE D 77 -25.40 -17.57 8.48
C ILE D 77 -24.00 -17.70 9.04
N GLY D 78 -23.72 -18.79 9.76
CA GLY D 78 -22.38 -18.99 10.27
C GLY D 78 -21.33 -19.01 9.17
N ASN D 79 -21.66 -19.63 8.04
CA ASN D 79 -20.72 -19.68 6.92
C ASN D 79 -20.43 -18.28 6.40
N VAL D 80 -21.46 -17.47 6.23
CA VAL D 80 -21.25 -16.10 5.74
C VAL D 80 -20.52 -15.27 6.78
N ILE D 81 -20.80 -15.51 8.06
CA ILE D 81 -20.18 -14.71 9.11
C ILE D 81 -18.66 -14.88 9.08
N ASN D 82 -18.18 -16.12 8.96
CA ASN D 82 -16.75 -16.37 8.90
C ASN D 82 -16.33 -16.95 7.56
N TRP D 83 -16.91 -16.42 6.49
CA TRP D 83 -16.25 -16.30 5.20
C TRP D 83 -15.70 -14.91 5.00
N THR D 84 -16.37 -13.91 5.57
CA THR D 84 -15.85 -12.55 5.52
C THR D 84 -14.61 -12.39 6.39
N LYS D 85 -14.61 -13.02 7.57
CA LYS D 85 -13.49 -12.85 8.49
C LYS D 85 -12.19 -13.35 7.87
N ASP D 86 -12.23 -14.51 7.21
CA ASP D 86 -11.03 -15.06 6.60
C ASP D 86 -10.60 -14.23 5.41
N SER D 87 -11.55 -13.58 4.74
CA SER D 87 -11.20 -12.73 3.59
C SER D 87 -10.76 -11.34 4.02
N ILE D 88 -11.01 -10.97 5.27
CA ILE D 88 -10.52 -9.69 5.78
C ILE D 88 -9.16 -9.85 6.43
N THR D 89 -8.93 -10.99 7.09
CA THR D 89 -7.61 -11.27 7.63
C THR D 89 -6.57 -11.38 6.53
N ASP D 90 -6.99 -11.73 5.31
CA ASP D 90 -6.05 -11.85 4.21
C ASP D 90 -5.56 -10.49 3.73
N ILE D 91 -6.42 -9.48 3.77
CA ILE D 91 -6.01 -8.15 3.32
C ILE D 91 -5.00 -7.53 4.28
N TRP D 92 -5.26 -7.66 5.59
CA TRP D 92 -4.35 -7.08 6.57
C TRP D 92 -2.97 -7.75 6.51
N THR D 93 -2.95 -9.09 6.40
CA THR D 93 -1.67 -9.79 6.36
C THR D 93 -0.87 -9.38 5.14
N TYR D 94 -1.52 -9.29 3.98
CA TYR D 94 -0.84 -8.83 2.77
C TYR D 94 -0.41 -7.38 2.90
N GLN D 95 -1.26 -6.54 3.47
CA GLN D 95 -0.98 -5.11 3.55
C GLN D 95 0.15 -4.80 4.52
N ALA D 96 0.47 -5.72 5.44
CA ALA D 96 1.53 -5.45 6.41
C ALA D 96 2.89 -5.85 5.87
N GLU D 97 3.00 -7.05 5.28
CA GLU D 97 4.27 -7.48 4.72
C GLU D 97 4.79 -6.48 3.69
N LEU D 98 3.93 -6.06 2.77
CA LEU D 98 4.32 -5.21 1.66
C LEU D 98 4.42 -3.73 2.05
N LEU D 99 4.01 -3.38 3.27
CA LEU D 99 4.09 -2.01 3.76
C LEU D 99 5.30 -1.78 4.65
N VAL D 100 5.69 -2.79 5.43
CA VAL D 100 6.94 -2.70 6.18
C VAL D 100 8.12 -2.79 5.24
N ALA D 101 8.03 -3.63 4.21
CA ALA D 101 9.13 -3.79 3.27
C ALA D 101 9.45 -2.49 2.56
N MET D 102 8.43 -1.67 2.30
CA MET D 102 8.66 -0.39 1.66
C MET D 102 9.29 0.61 2.63
N GLU D 103 9.05 0.44 3.93
CA GLU D 103 9.70 1.28 4.91
C GLU D 103 11.14 0.82 5.15
N ASN D 104 11.37 -0.50 5.17
CA ASN D 104 12.73 -0.99 5.27
C ASN D 104 13.57 -0.56 4.07
N GLN D 105 12.99 -0.63 2.87
CA GLN D 105 13.72 -0.27 1.67
C GLN D 105 14.16 1.18 1.71
N HIS D 106 13.27 2.09 2.11
CA HIS D 106 13.61 3.51 2.09
C HIS D 106 14.67 3.84 3.13
N THR D 107 14.62 3.22 4.30
CA THR D 107 15.60 3.51 5.33
C THR D 107 17.00 3.16 4.85
N ILE D 108 17.17 2.02 4.19
CA ILE D 108 18.49 1.62 3.71
C ILE D 108 19.00 2.63 2.68
N ASP D 109 18.14 3.00 1.73
CA ASP D 109 18.56 3.94 0.69
C ASP D 109 18.86 5.31 1.29
N MET D 110 17.99 5.80 2.17
CA MET D 110 18.13 7.16 2.69
C MET D 110 19.41 7.31 3.49
N ALA D 111 19.63 6.42 4.45
CA ALA D 111 20.79 6.55 5.33
C ALA D 111 22.10 6.51 4.54
N ASP D 112 22.11 5.84 3.39
CA ASP D 112 23.32 5.79 2.58
C ASP D 112 23.53 7.08 1.81
N SER D 113 22.44 7.76 1.44
CA SER D 113 22.56 9.05 0.78
C SER D 113 23.06 10.12 1.75
N GLU D 114 22.60 10.08 2.99
CA GLU D 114 23.03 11.05 3.98
C GLU D 114 24.54 10.97 4.24
N MET D 115 25.17 9.85 3.88
CA MET D 115 26.61 9.73 4.06
C MET D 115 27.37 10.31 2.87
N LEU D 116 26.86 10.10 1.65
CA LEU D 116 27.53 10.65 0.48
C LEU D 116 27.37 12.16 0.41
N ASN D 117 26.43 12.72 1.16
CA ASN D 117 26.30 14.17 1.22
C ASN D 117 27.38 14.79 2.09
N LEU D 118 27.79 14.07 3.14
CA LEU D 118 28.86 14.60 4.00
C LEU D 118 30.21 14.47 3.33
N TYR D 119 30.45 13.37 2.61
CA TYR D 119 31.71 13.22 1.89
C TYR D 119 31.89 14.32 0.87
N GLU D 120 30.83 14.69 0.17
CA GLU D 120 30.92 15.77 -0.81
C GLU D 120 30.92 17.15 -0.16
N ARG D 121 30.57 17.23 1.13
CA ARG D 121 30.69 18.51 1.83
C ARG D 121 32.15 18.78 2.20
N VAL D 122 32.89 17.74 2.59
CA VAL D 122 34.31 17.91 2.88
C VAL D 122 35.08 18.17 1.60
N ARG D 123 34.70 17.50 0.50
CA ARG D 123 35.44 17.63 -0.75
C ARG D 123 35.52 19.09 -1.18
N LYS D 124 34.40 19.80 -1.15
CA LYS D 124 34.35 21.18 -1.60
C LYS D 124 34.90 22.16 -0.57
N GLN D 125 35.23 21.68 0.63
CA GLN D 125 35.78 22.51 1.68
C GLN D 125 37.28 22.70 1.53
N LEU D 126 38.01 21.63 1.19
CA LEU D 126 39.45 21.71 1.02
C LEU D 126 39.83 22.36 -0.30
N ARG D 127 39.02 22.19 -1.34
CA ARG D 127 39.24 22.82 -2.64
C ARG D 127 40.51 22.23 -3.24
N GLN D 128 41.45 23.03 -3.74
CA GLN D 128 42.57 22.54 -4.53
C GLN D 128 43.71 22.01 -3.69
N ASN D 129 43.53 21.80 -2.39
CA ASN D 129 44.58 21.36 -1.50
C ASN D 129 44.51 19.88 -1.17
N ALA D 130 43.70 19.09 -1.90
CA ALA D 130 43.54 17.69 -1.56
C ALA D 130 43.12 16.91 -2.80
N GLU D 131 43.44 15.62 -2.79
CA GLU D 131 43.05 14.70 -3.85
C GLU D 131 42.49 13.44 -3.22
N GLU D 132 41.47 12.88 -3.86
CA GLU D 132 40.82 11.68 -3.36
C GLU D 132 41.56 10.44 -3.83
N ASP D 133 41.93 9.57 -2.90
CA ASP D 133 42.61 8.33 -3.23
C ASP D 133 41.67 7.22 -3.68
N GLY D 134 40.37 7.36 -3.45
CA GLY D 134 39.39 6.41 -3.93
C GLY D 134 38.88 5.41 -2.90
N LYS D 135 39.26 5.55 -1.63
CA LYS D 135 38.80 4.66 -0.58
C LYS D 135 38.06 5.43 0.51
N GLY D 136 37.55 6.61 0.19
CA GLY D 136 36.80 7.41 1.14
C GLY D 136 37.61 8.41 1.93
N CYS D 137 38.88 8.63 1.58
CA CYS D 137 39.71 9.61 2.26
C CYS D 137 40.27 10.61 1.28
N PHE D 138 40.72 11.74 1.83
CA PHE D 138 41.36 12.81 1.08
C PHE D 138 42.80 12.93 1.56
N GLU D 139 43.73 13.04 0.62
CA GLU D 139 45.16 13.16 0.94
C GLU D 139 45.55 14.64 0.96
N ILE D 140 45.76 15.17 2.15
CA ILE D 140 46.13 16.57 2.31
C ILE D 140 47.57 16.76 1.87
N TYR D 141 47.81 17.75 1.02
CA TYR D 141 49.13 17.97 0.43
C TYR D 141 49.95 19.02 1.17
N HIS D 142 49.62 19.29 2.42
CA HIS D 142 50.43 20.14 3.29
C HIS D 142 50.45 19.50 4.68
N ALA D 143 51.31 20.01 5.54
CA ALA D 143 51.49 19.48 6.89
C ALA D 143 50.68 20.34 7.85
N CYS D 144 49.58 19.79 8.37
CA CYS D 144 48.69 20.52 9.25
C CYS D 144 48.38 19.65 10.47
N ASP D 145 48.35 20.28 11.65
CA ASP D 145 48.32 19.57 12.91
C ASP D 145 46.88 19.38 13.39
N ASP D 146 46.72 18.93 14.63
CA ASP D 146 45.40 18.65 15.17
C ASP D 146 44.51 19.90 15.21
N SER D 147 45.11 21.09 15.17
CA SER D 147 44.30 22.30 15.07
C SER D 147 43.69 22.47 13.69
N CYS D 148 44.26 21.84 12.67
CA CYS D 148 43.66 21.83 11.35
C CYS D 148 42.57 20.77 11.23
N MET D 149 42.82 19.58 11.78
CA MET D 149 41.85 18.50 11.67
C MET D 149 40.53 18.88 12.33
N GLU D 150 40.60 19.51 13.50
CA GLU D 150 39.37 20.00 14.13
C GLU D 150 38.70 21.05 13.26
N SER D 151 39.50 21.86 12.55
CA SER D 151 38.92 22.86 11.66
C SER D 151 38.12 22.20 10.54
N ILE D 152 38.66 21.14 9.94
CA ILE D 152 37.95 20.46 8.86
C ILE D 152 36.63 19.87 9.38
N ARG D 153 36.68 19.25 10.56
CA ARG D 153 35.44 18.78 11.19
C ARG D 153 34.52 19.94 11.50
N ASN D 154 35.07 21.04 12.01
CA ASN D 154 34.33 22.16 12.54
C ASN D 154 33.74 23.05 11.45
N ASN D 155 34.16 22.89 10.19
CA ASN D 155 33.66 23.72 9.09
C ASN D 155 34.21 25.14 9.18
N THR D 156 35.45 25.26 9.67
CA THR D 156 36.13 26.55 9.81
C THR D 156 37.42 26.60 9.00
N TYR D 157 37.58 25.72 8.02
CA TYR D 157 38.83 25.61 7.27
C TYR D 157 38.90 26.71 6.22
N ASP D 158 39.73 27.71 6.47
CA ASP D 158 39.97 28.79 5.51
C ASP D 158 41.09 28.32 4.58
N HIS D 159 40.70 27.77 3.43
CA HIS D 159 41.68 27.18 2.51
C HIS D 159 42.63 28.22 1.92
N SER D 160 42.23 29.48 1.89
CA SER D 160 42.98 30.47 1.12
C SER D 160 44.41 30.64 1.61
N GLN D 161 44.68 30.33 2.88
CA GLN D 161 46.01 30.55 3.44
C GLN D 161 46.98 29.41 3.16
N TYR D 162 46.49 28.26 2.70
CA TYR D 162 47.35 27.11 2.42
C TYR D 162 47.60 26.90 0.93
N ARG D 163 46.82 27.54 0.06
CA ARG D 163 46.88 27.22 -1.37
C ARG D 163 48.29 27.35 -1.92
N GLU D 164 49.02 28.38 -1.50
CA GLU D 164 50.36 28.59 -2.04
C GLU D 164 51.27 27.40 -1.73
N GLU D 165 51.21 26.90 -0.50
CA GLU D 165 52.08 25.80 -0.10
C GLU D 165 51.64 24.48 -0.72
N ALA D 166 50.35 24.32 -0.99
CA ALA D 166 49.85 23.05 -1.49
C ALA D 166 50.17 22.87 -2.97
N LEU D 167 49.75 23.83 -3.81
CA LEU D 167 49.88 23.67 -5.26
C LEU D 167 51.33 23.48 -5.67
N LEU D 168 52.28 23.91 -4.84
CA LEU D 168 53.68 23.59 -5.12
C LEU D 168 53.91 22.08 -5.06
N ASN D 169 53.25 21.39 -4.13
CA ASN D 169 53.44 19.96 -3.98
C ASN D 169 52.58 19.17 -4.94
N ARG D 170 51.36 19.63 -5.22
CA ARG D 170 50.46 18.89 -6.09
C ARG D 170 51.00 18.78 -7.50
N LEU D 171 51.53 19.87 -8.04
CA LEU D 171 52.05 19.89 -9.39
C LEU D 171 53.54 19.60 -9.45
N ASN D 172 54.19 19.37 -8.32
CA ASN D 172 55.62 19.06 -8.25
C ASN D 172 56.45 20.15 -8.92
N ILE D 173 56.33 21.35 -8.35
CA ILE D 173 57.02 22.55 -8.83
C ILE D 173 57.05 22.58 -10.35
N GLN E 1 14.75 -4.13 -38.17
CA GLN E 1 15.49 -5.42 -38.23
C GLN E 1 16.53 -5.37 -39.34
N VAL E 2 17.58 -6.18 -39.20
CA VAL E 2 18.69 -6.16 -40.13
C VAL E 2 18.30 -6.86 -41.43
N GLN E 3 18.82 -6.36 -42.55
CA GLN E 3 18.52 -6.92 -43.86
C GLN E 3 19.60 -6.47 -44.83
N LEU E 4 20.26 -7.42 -45.48
CA LEU E 4 21.27 -7.12 -46.49
C LEU E 4 20.79 -7.59 -47.85
N VAL E 5 20.72 -6.65 -48.80
CA VAL E 5 20.29 -6.95 -50.16
C VAL E 5 21.32 -6.36 -51.10
N GLN E 6 21.39 -6.91 -52.32
CA GLN E 6 22.39 -6.52 -53.29
C GLN E 6 21.78 -6.58 -54.68
N SER E 7 22.63 -6.38 -55.69
CA SER E 7 22.17 -6.33 -57.07
C SER E 7 21.67 -7.69 -57.52
N GLY E 8 21.28 -7.77 -58.79
CA GLY E 8 20.82 -9.01 -59.38
C GLY E 8 21.96 -9.78 -60.02
N ALA E 9 21.58 -10.74 -60.87
CA ALA E 9 22.57 -11.54 -61.58
C ALA E 9 23.43 -10.64 -62.45
N GLU E 10 24.49 -11.24 -63.01
CA GLU E 10 25.39 -10.49 -63.87
C GLU E 10 26.06 -11.44 -64.85
N VAL E 11 26.26 -10.95 -66.08
CA VAL E 11 26.91 -11.72 -67.14
C VAL E 11 27.96 -10.83 -67.79
N LYS E 12 29.17 -11.36 -67.95
CA LYS E 12 30.25 -10.61 -68.58
C LYS E 12 31.17 -11.59 -69.31
N LYS E 13 31.88 -11.06 -70.31
CA LYS E 13 32.79 -11.86 -71.12
C LYS E 13 34.18 -11.90 -70.51
N PRO E 14 35.01 -12.88 -70.90
CA PRO E 14 36.36 -12.94 -70.36
C PRO E 14 37.16 -11.67 -70.68
N GLY E 15 38.02 -11.29 -69.74
CA GLY E 15 38.85 -10.11 -69.90
C GLY E 15 38.20 -8.81 -69.45
N ALA E 16 36.94 -8.84 -69.05
CA ALA E 16 36.23 -7.66 -68.59
C ALA E 16 36.29 -7.59 -67.07
N SER E 17 35.53 -6.65 -66.50
CA SER E 17 35.47 -6.44 -65.07
C SER E 17 34.02 -6.37 -64.63
N VAL E 18 33.79 -6.55 -63.33
CA VAL E 18 32.44 -6.58 -62.76
C VAL E 18 32.42 -5.75 -61.49
N LYS E 19 31.21 -5.43 -61.06
CA LYS E 19 30.98 -4.77 -59.78
C LYS E 19 29.72 -5.34 -59.13
N VAL E 20 29.80 -5.61 -57.84
CA VAL E 20 28.68 -6.13 -57.06
C VAL E 20 28.50 -5.21 -55.86
N SER E 21 27.25 -4.82 -55.60
CA SER E 21 26.94 -3.84 -54.58
C SER E 21 26.08 -4.47 -53.49
N CYS E 22 26.54 -4.38 -52.25
CA CYS E 22 25.86 -4.97 -51.09
C CYS E 22 25.42 -3.84 -50.17
N LYS E 23 24.11 -3.61 -50.10
CA LYS E 23 23.54 -2.49 -49.36
C LYS E 23 22.93 -2.97 -48.06
N ALA E 24 23.22 -2.24 -46.98
CA ALA E 24 22.75 -2.59 -45.65
C ALA E 24 21.58 -1.69 -45.24
N SER E 25 21.01 -1.99 -44.08
CA SER E 25 19.88 -1.23 -43.57
C SER E 25 19.55 -1.72 -42.17
N GLY E 26 18.94 -0.84 -41.38
CA GLY E 26 18.47 -1.20 -40.05
C GLY E 26 19.50 -1.09 -38.96
N TYR E 27 20.70 -0.58 -39.25
CA TYR E 27 21.73 -0.43 -38.23
C TYR E 27 22.73 0.61 -38.73
N ILE E 28 23.77 0.85 -37.93
CA ILE E 28 24.76 1.86 -38.23
C ILE E 28 25.87 1.21 -39.07
N PHE E 29 26.08 1.73 -40.28
CA PHE E 29 26.86 1.00 -41.27
C PHE E 29 28.34 0.96 -40.92
N ILE E 30 28.87 2.04 -40.34
CA ILE E 30 30.32 2.13 -40.16
C ILE E 30 30.87 1.03 -39.28
N ASP E 31 30.11 0.59 -38.29
CA ASP E 31 30.55 -0.50 -37.42
C ASP E 31 30.47 -1.84 -38.15
N TYR E 32 31.09 -2.84 -37.55
CA TYR E 32 31.05 -4.20 -38.09
C TYR E 32 31.80 -4.30 -39.41
N TYR E 33 32.64 -5.32 -39.55
CA TYR E 33 33.30 -5.59 -40.82
C TYR E 33 32.29 -6.11 -41.82
N ILE E 34 32.76 -6.36 -43.05
CA ILE E 34 31.93 -6.92 -44.12
C ILE E 34 32.71 -8.03 -44.78
N HIS E 35 32.17 -9.24 -44.78
CA HIS E 35 32.81 -10.37 -45.43
C HIS E 35 32.43 -10.41 -46.91
N TRP E 36 33.12 -11.27 -47.66
CA TRP E 36 32.82 -11.51 -49.06
C TRP E 36 33.20 -12.95 -49.40
N VAL E 37 32.21 -13.76 -49.71
CA VAL E 37 32.39 -15.20 -49.90
C VAL E 37 31.75 -15.61 -51.23
N ARG E 38 32.49 -16.40 -52.01
CA ARG E 38 32.01 -16.90 -53.28
C ARG E 38 31.96 -18.42 -53.25
N GLN E 39 31.26 -18.99 -54.24
CA GLN E 39 31.06 -20.44 -54.30
C GLN E 39 30.94 -20.84 -55.77
N ALA E 40 32.03 -21.35 -56.34
CA ALA E 40 31.98 -21.86 -57.70
C ALA E 40 31.12 -23.12 -57.75
N PRO E 41 30.50 -23.41 -58.90
CA PRO E 41 29.62 -24.59 -58.98
C PRO E 41 30.37 -25.87 -58.67
N GLY E 42 29.72 -26.78 -57.96
CA GLY E 42 30.33 -28.03 -57.58
C GLY E 42 31.57 -27.88 -56.73
N GLN E 43 31.56 -26.93 -55.80
CA GLN E 43 32.72 -26.68 -54.97
C GLN E 43 32.29 -25.97 -53.70
N GLY E 44 33.18 -25.96 -52.71
CA GLY E 44 32.88 -25.38 -51.41
C GLY E 44 33.03 -23.87 -51.39
N LEU E 45 33.06 -23.33 -50.17
CA LEU E 45 33.14 -21.89 -49.97
C LEU E 45 34.58 -21.41 -49.92
N GLU E 46 34.83 -20.28 -50.59
CA GLU E 46 36.11 -19.61 -50.58
C GLU E 46 35.95 -18.21 -50.00
N TRP E 47 36.97 -17.74 -49.28
CA TRP E 47 36.92 -16.46 -48.60
C TRP E 47 37.75 -15.45 -49.39
N MET E 48 37.11 -14.35 -49.80
CA MET E 48 37.78 -13.33 -50.60
C MET E 48 38.50 -12.31 -49.72
N GLY E 49 37.75 -11.61 -48.87
CA GLY E 49 38.34 -10.61 -48.01
C GLY E 49 37.26 -9.91 -47.20
N TRP E 50 37.69 -8.92 -46.44
CA TRP E 50 36.76 -8.12 -45.66
C TRP E 50 37.31 -6.70 -45.54
N ILE E 51 36.40 -5.77 -45.28
CA ILE E 51 36.71 -4.34 -45.26
C ILE E 51 36.20 -3.75 -43.96
N ASN E 52 36.85 -2.68 -43.52
CA ASN E 52 36.45 -1.95 -42.32
C ASN E 52 35.83 -0.63 -42.75
N PRO E 53 34.50 -0.51 -42.75
CA PRO E 53 33.88 0.70 -43.33
C PRO E 53 34.25 1.98 -42.62
N ASN E 54 34.78 1.90 -41.39
CA ASN E 54 35.07 3.13 -40.66
C ASN E 54 36.13 3.96 -41.36
N ARG E 55 37.18 3.31 -41.90
CA ARG E 55 38.27 4.05 -42.51
C ARG E 55 38.73 3.45 -43.84
N GLY E 56 38.04 2.45 -44.37
CA GLY E 56 38.36 1.92 -45.68
C GLY E 56 39.45 0.88 -45.72
N GLY E 57 39.98 0.46 -44.58
CA GLY E 57 40.98 -0.60 -44.59
C GLY E 57 40.40 -1.87 -45.17
N THR E 58 41.26 -2.65 -45.83
CA THR E 58 40.83 -3.89 -46.48
C THR E 58 41.92 -4.93 -46.33
N ASP E 59 41.52 -6.19 -46.49
CA ASP E 59 42.45 -7.32 -46.46
C ASP E 59 41.94 -8.40 -47.38
N TYR E 60 42.80 -8.88 -48.28
CA TYR E 60 42.44 -9.90 -49.26
C TYR E 60 43.33 -11.12 -49.09
N ALA E 61 42.77 -12.28 -49.38
CA ALA E 61 43.57 -13.48 -49.52
C ALA E 61 44.49 -13.35 -50.72
N GLN E 62 45.72 -13.84 -50.59
CA GLN E 62 46.71 -13.64 -51.64
C GLN E 62 46.27 -14.23 -52.97
N LYS E 63 45.33 -15.18 -52.96
CA LYS E 63 44.90 -15.80 -54.21
C LYS E 63 44.26 -14.79 -55.15
N PHE E 64 43.62 -13.76 -54.59
CA PHE E 64 42.96 -12.73 -55.38
C PHE E 64 43.75 -11.43 -55.47
N GLN E 65 44.78 -11.25 -54.66
CA GLN E 65 45.46 -9.96 -54.61
C GLN E 65 45.99 -9.59 -55.99
N GLY E 66 45.84 -8.30 -56.32
CA GLY E 66 46.14 -7.81 -57.65
C GLY E 66 44.95 -7.77 -58.58
N ARG E 67 43.84 -8.40 -58.20
CA ARG E 67 42.62 -8.41 -59.00
C ARG E 67 41.41 -7.84 -58.26
N VAL E 68 41.26 -8.17 -56.99
CA VAL E 68 40.05 -7.77 -56.25
C VAL E 68 40.27 -6.37 -55.68
N THR E 69 39.17 -5.64 -55.51
CA THR E 69 39.20 -4.29 -54.97
C THR E 69 37.91 -4.04 -54.22
N MET E 70 38.00 -3.34 -53.09
CA MET E 70 36.86 -3.11 -52.22
C MET E 70 36.74 -1.63 -51.88
N THR E 71 35.51 -1.21 -51.65
CA THR E 71 35.21 0.19 -51.39
C THR E 71 33.94 0.27 -50.54
N SER E 72 33.73 1.43 -49.92
CA SER E 72 32.56 1.63 -49.08
C SER E 72 32.24 3.11 -49.00
N ASP E 73 30.99 3.47 -49.26
CA ASP E 73 30.52 4.85 -49.20
C ASP E 73 29.46 4.93 -48.10
N THR E 74 29.82 5.53 -46.97
CA THR E 74 28.89 5.60 -45.85
C THR E 74 27.65 6.43 -46.20
N SER E 75 27.79 7.42 -47.07
CA SER E 75 26.66 8.29 -47.39
C SER E 75 25.46 7.48 -47.89
N ILE E 76 25.70 6.41 -48.64
CA ILE E 76 24.64 5.57 -49.15
C ILE E 76 24.53 4.31 -48.30
N GLY E 77 25.67 3.86 -47.79
CA GLY E 77 25.69 2.64 -46.99
C GLY E 77 25.81 1.38 -47.82
N THR E 78 26.70 1.37 -48.80
CA THR E 78 26.86 0.25 -49.72
C THR E 78 28.32 -0.19 -49.74
N ALA E 79 28.54 -1.50 -49.70
CA ALA E 79 29.86 -2.09 -49.78
C ALA E 79 30.04 -2.73 -51.16
N PHE E 80 31.14 -2.41 -51.82
CA PHE E 80 31.35 -2.78 -53.22
C PHE E 80 32.49 -3.78 -53.34
N LEU E 81 32.36 -4.69 -54.30
CA LEU E 81 33.43 -5.58 -54.71
C LEU E 81 33.59 -5.45 -56.22
N GLU E 82 34.82 -5.28 -56.69
CA GLU E 82 35.09 -5.01 -58.09
C GLU E 82 36.22 -5.94 -58.57
N LEU E 83 35.84 -7.00 -59.28
CA LEU E 83 36.83 -7.91 -59.85
C LEU E 83 37.29 -7.39 -61.20
N THR E 84 38.59 -7.53 -61.46
CA THR E 84 39.20 -7.05 -62.69
C THR E 84 39.98 -8.17 -63.35
N ARG E 85 40.06 -8.10 -64.68
CA ARG E 85 40.77 -9.11 -65.47
C ARG E 85 40.15 -10.50 -65.27
N LEU E 86 38.86 -10.58 -65.60
CA LEU E 86 38.12 -11.83 -65.43
C LEU E 86 38.67 -12.88 -66.39
N LYS E 87 39.02 -14.05 -65.85
CA LYS E 87 39.76 -15.07 -66.59
C LYS E 87 38.90 -16.27 -66.96
N SER E 88 37.58 -16.12 -66.96
CA SER E 88 36.59 -17.12 -67.32
C SER E 88 36.39 -18.17 -66.23
N ASP E 89 37.16 -18.13 -65.14
CA ASP E 89 36.98 -19.07 -64.04
C ASP E 89 36.17 -18.49 -62.90
N ASP E 90 35.94 -17.17 -62.88
CA ASP E 90 35.24 -16.52 -61.79
C ASP E 90 33.72 -16.68 -61.86
N THR E 91 33.22 -17.60 -62.69
CA THR E 91 31.79 -17.89 -62.68
C THR E 91 31.41 -18.57 -61.36
N ALA E 92 30.65 -17.86 -60.53
CA ALA E 92 30.28 -18.36 -59.21
C ALA E 92 29.21 -17.43 -58.65
N VAL E 93 28.83 -17.69 -57.40
CA VAL E 93 27.84 -16.88 -56.69
C VAL E 93 28.55 -16.19 -55.53
N TYR E 94 28.52 -14.86 -55.54
CA TYR E 94 29.20 -14.05 -54.55
C TYR E 94 28.22 -13.59 -53.48
N TYR E 95 28.62 -13.74 -52.21
CA TYR E 95 27.81 -13.32 -51.08
C TYR E 95 28.45 -12.10 -50.42
N CYS E 96 27.75 -11.57 -49.42
CA CYS E 96 28.27 -10.51 -48.57
C CYS E 96 27.65 -10.68 -47.19
N ALA E 97 28.49 -10.80 -46.17
CA ALA E 97 27.99 -11.11 -44.83
C ALA E 97 28.56 -10.12 -43.83
N ARG E 98 27.66 -9.43 -43.11
CA ARG E 98 28.08 -8.60 -42.00
C ARG E 98 28.66 -9.49 -40.91
N ASP E 99 29.45 -8.88 -40.04
CA ASP E 99 30.00 -9.60 -38.89
C ASP E 99 29.08 -9.40 -37.69
N ARG E 100 29.50 -9.95 -36.54
CA ARG E 100 28.69 -9.89 -35.33
C ARG E 100 29.45 -9.28 -34.16
N ILE E 101 30.57 -8.61 -34.34
CA ILE E 101 31.32 -7.94 -33.24
C ILE E 101 31.45 -6.46 -33.60
N TRP E 102 31.47 -5.55 -32.63
CA TRP E 102 31.50 -4.08 -32.85
C TRP E 102 32.91 -3.60 -33.04
N GLY E 103 33.21 -2.89 -34.10
CA GLY E 103 34.53 -2.27 -34.26
C GLY E 103 35.69 -3.22 -34.39
N GLY E 104 36.92 -2.70 -34.43
CA GLY E 104 38.11 -3.52 -34.67
C GLY E 104 39.37 -2.68 -34.71
N ASN E 105 40.27 -2.88 -35.68
CA ASN E 105 41.63 -2.32 -35.62
C ASN E 105 42.18 -1.50 -36.81
N TRP E 106 41.44 -0.69 -37.58
CA TRP E 106 41.95 0.19 -38.62
C TRP E 106 42.70 -0.59 -39.71
N ASN E 107 42.84 -1.89 -39.52
CA ASN E 107 43.58 -2.74 -40.45
C ASN E 107 43.16 -4.16 -40.16
N PRO E 108 42.09 -4.65 -40.78
CA PRO E 108 41.55 -5.97 -40.40
C PRO E 108 42.56 -7.09 -40.50
N GLN E 109 43.68 -6.89 -41.19
CA GLN E 109 44.70 -7.93 -41.26
C GLN E 109 45.26 -8.26 -39.89
N LYS E 110 45.21 -7.31 -38.96
CA LYS E 110 45.83 -7.46 -37.65
C LYS E 110 44.83 -7.72 -36.53
N ASP E 111 43.55 -7.87 -36.86
CA ASP E 111 42.55 -8.08 -35.82
C ASP E 111 42.75 -9.41 -35.12
N ASP E 112 42.51 -9.44 -33.81
CA ASP E 112 42.69 -10.64 -33.02
C ASP E 112 41.60 -10.81 -31.98
N TYR E 113 40.38 -10.37 -32.28
CA TYR E 113 39.29 -10.48 -31.32
C TYR E 113 38.77 -11.92 -31.28
N GLY E 114 37.84 -12.17 -30.37
CA GLY E 114 37.43 -13.52 -30.06
C GLY E 114 36.31 -14.05 -30.94
N ASP E 115 35.21 -14.47 -30.34
CA ASP E 115 34.16 -15.19 -31.05
C ASP E 115 33.44 -14.24 -32.00
N ARG E 116 33.82 -14.28 -33.27
CA ARG E 116 33.15 -13.51 -34.31
C ARG E 116 32.88 -14.41 -35.50
N GLY E 117 31.83 -14.08 -36.25
CA GLY E 117 31.46 -14.90 -37.39
C GLY E 117 30.35 -14.22 -38.18
N GLY E 118 30.26 -14.62 -39.45
CA GLY E 118 29.29 -13.99 -40.32
C GLY E 118 27.88 -14.10 -39.78
N ASP E 119 27.13 -13.00 -39.91
CA ASP E 119 25.74 -12.96 -39.50
C ASP E 119 25.00 -12.01 -40.44
N TYR E 120 23.74 -12.33 -40.74
CA TYR E 120 22.96 -11.53 -41.69
C TYR E 120 23.64 -11.53 -43.06
N TRP E 121 23.62 -12.72 -43.65
CA TRP E 121 24.50 -13.14 -44.73
C TRP E 121 24.11 -12.61 -46.11
N GLY E 122 23.17 -11.68 -46.21
CA GLY E 122 22.80 -11.26 -47.55
C GLY E 122 22.05 -12.35 -48.29
N GLN E 123 22.09 -12.28 -49.62
CA GLN E 123 21.35 -13.23 -50.45
C GLN E 123 22.20 -13.85 -51.54
N GLY E 124 23.16 -13.11 -52.08
CA GLY E 124 24.05 -13.62 -53.09
C GLY E 124 23.55 -13.41 -54.50
N THR E 125 24.50 -13.26 -55.42
CA THR E 125 24.21 -13.01 -56.83
C THR E 125 25.13 -13.85 -57.69
N LEU E 126 24.69 -14.09 -58.93
CA LEU E 126 25.42 -14.94 -59.86
C LEU E 126 26.10 -14.07 -60.91
N VAL E 127 27.42 -14.15 -60.97
CA VAL E 127 28.21 -13.56 -62.04
C VAL E 127 28.73 -14.69 -62.90
N THR E 128 28.37 -14.69 -64.17
CA THR E 128 28.69 -15.77 -65.08
C THR E 128 29.84 -15.36 -66.00
N VAL E 129 30.42 -16.36 -66.65
CA VAL E 129 31.35 -16.10 -67.74
C VAL E 129 31.44 -17.36 -68.62
N GLU F 1 49.59 -20.15 -43.67
CA GLU F 1 48.12 -20.25 -43.91
C GLU F 1 47.54 -21.49 -43.23
N ILE F 2 46.70 -21.27 -42.22
CA ILE F 2 46.07 -22.37 -41.52
C ILE F 2 45.11 -23.08 -42.47
N VAL F 3 45.19 -24.41 -42.51
CA VAL F 3 44.36 -25.22 -43.38
C VAL F 3 43.57 -26.20 -42.51
N LEU F 4 42.30 -26.38 -42.84
CA LEU F 4 41.40 -27.21 -42.06
C LEU F 4 40.89 -28.39 -42.89
N THR F 5 40.79 -29.54 -42.25
CA THR F 5 40.25 -30.76 -42.87
C THR F 5 39.22 -31.38 -41.93
N GLN F 6 38.15 -31.91 -42.53
CA GLN F 6 37.02 -32.41 -41.78
C GLN F 6 36.84 -33.90 -42.05
N SER F 7 36.14 -34.57 -41.14
CA SER F 7 35.83 -35.98 -41.28
C SER F 7 35.11 -36.21 -42.61
N PRO F 8 35.73 -36.91 -43.56
CA PRO F 8 35.12 -37.07 -44.89
C PRO F 8 33.98 -38.08 -44.87
N GLY F 9 33.23 -38.09 -45.96
CA GLY F 9 32.12 -39.02 -46.14
C GLY F 9 30.78 -38.35 -45.89
N THR F 10 29.76 -38.86 -46.58
CA THR F 10 28.41 -38.33 -46.43
C THR F 10 27.86 -38.57 -45.02
N LEU F 11 28.36 -39.60 -44.32
CA LEU F 11 27.92 -39.90 -42.96
C LEU F 11 26.40 -40.03 -42.88
N SER F 12 25.88 -40.91 -43.73
CA SER F 12 24.44 -41.12 -43.80
C SER F 12 23.91 -41.63 -42.47
N LEU F 13 22.76 -41.11 -42.06
CA LEU F 13 22.14 -41.50 -40.80
C LEU F 13 20.62 -41.43 -40.95
N SER F 14 19.93 -42.34 -40.24
CA SER F 14 18.48 -42.33 -40.23
C SER F 14 17.96 -41.31 -39.21
N PRO F 15 16.75 -40.81 -39.38
CA PRO F 15 16.22 -39.84 -38.42
C PRO F 15 16.20 -40.40 -37.01
N GLY F 16 16.48 -39.55 -36.03
CA GLY F 16 16.47 -39.93 -34.64
C GLY F 16 17.79 -40.43 -34.09
N GLU F 17 18.81 -40.56 -34.94
CA GLU F 17 20.10 -41.04 -34.49
C GLU F 17 20.95 -39.88 -33.97
N ARG F 18 22.20 -40.17 -33.62
CA ARG F 18 23.15 -39.18 -33.15
C ARG F 18 24.32 -39.09 -34.13
N ALA F 19 24.64 -37.87 -34.55
CA ALA F 19 25.74 -37.61 -35.46
C ALA F 19 26.89 -36.95 -34.71
N THR F 20 28.07 -36.95 -35.35
CA THR F 20 29.25 -36.33 -34.76
C THR F 20 30.17 -35.90 -35.89
N LEU F 21 30.35 -34.59 -36.03
CA LEU F 21 31.24 -34.02 -37.04
C LEU F 21 32.49 -33.46 -36.39
N SER F 22 33.62 -33.60 -37.06
CA SER F 22 34.91 -33.22 -36.52
C SER F 22 35.64 -32.30 -37.48
N CYS F 23 36.35 -31.31 -36.91
CA CYS F 23 37.13 -30.35 -37.67
C CYS F 23 38.54 -30.31 -37.09
N ARG F 24 39.55 -30.46 -37.93
CA ARG F 24 40.93 -30.52 -37.50
C ARG F 24 41.76 -29.53 -38.31
N ALA F 25 42.76 -28.95 -37.66
CA ALA F 25 43.60 -27.91 -38.25
C ALA F 25 45.06 -28.32 -38.20
N SER F 26 45.89 -27.56 -38.94
CA SER F 26 47.31 -27.88 -39.03
C SER F 26 48.05 -27.51 -37.75
N GLN F 27 47.77 -26.36 -37.18
CA GLN F 27 48.45 -25.90 -35.96
C GLN F 27 47.41 -25.41 -34.97
N SER F 28 47.77 -25.48 -33.69
CA SER F 28 46.85 -25.17 -32.62
C SER F 28 46.53 -23.68 -32.57
N PHE F 29 45.31 -23.36 -32.14
CA PHE F 29 44.91 -21.99 -31.88
C PHE F 29 43.78 -22.02 -30.85
N SER F 30 43.50 -20.85 -30.28
CA SER F 30 42.58 -20.78 -29.15
C SER F 30 41.21 -21.29 -29.55
N SER F 31 40.50 -21.88 -28.57
CA SER F 31 39.21 -22.49 -28.85
C SER F 31 38.14 -21.47 -29.21
N THR F 32 38.40 -20.19 -28.99
CA THR F 32 37.42 -19.15 -29.33
C THR F 32 37.45 -18.79 -30.82
N TYR F 33 38.47 -19.21 -31.55
CA TYR F 33 38.58 -18.91 -32.98
C TYR F 33 37.99 -20.06 -33.81
N LEU F 34 36.66 -20.14 -33.82
CA LEU F 34 36.01 -21.14 -34.66
C LEU F 34 34.52 -20.86 -34.71
N ALA F 35 33.91 -21.20 -35.86
CA ALA F 35 32.49 -21.06 -36.05
C ALA F 35 32.00 -22.15 -36.98
N TRP F 36 30.72 -22.49 -36.85
CA TRP F 36 30.09 -23.57 -37.60
C TRP F 36 28.89 -23.02 -38.37
N TYR F 37 28.83 -23.33 -39.66
CA TYR F 37 27.78 -22.86 -40.55
C TYR F 37 27.01 -24.03 -41.14
N GLN F 38 25.74 -23.79 -41.44
CA GLN F 38 24.87 -24.77 -42.09
C GLN F 38 24.36 -24.19 -43.40
N HIS F 39 24.61 -24.90 -44.50
CA HIS F 39 24.35 -24.39 -45.84
C HIS F 39 23.40 -25.33 -46.57
N LYS F 40 22.20 -24.83 -46.89
CA LYS F 40 21.21 -25.58 -47.65
C LYS F 40 21.17 -25.08 -49.09
N PRO F 41 20.87 -25.95 -50.05
CA PRO F 41 20.94 -25.53 -51.46
C PRO F 41 20.06 -24.32 -51.74
N GLY F 42 20.57 -23.40 -52.54
CA GLY F 42 19.79 -22.26 -53.02
C GLY F 42 19.65 -21.13 -52.04
N GLN F 43 20.34 -21.16 -50.89
CA GLN F 43 20.20 -20.14 -49.88
C GLN F 43 21.57 -19.82 -49.29
N ALA F 44 21.67 -18.64 -48.70
CA ALA F 44 22.90 -18.25 -48.04
C ALA F 44 23.10 -19.09 -46.77
N PRO F 45 24.35 -19.33 -46.37
CA PRO F 45 24.58 -20.13 -45.17
C PRO F 45 23.96 -19.48 -43.95
N ARG F 46 24.05 -20.18 -42.82
CA ARG F 46 23.53 -19.70 -41.56
C ARG F 46 24.54 -20.00 -40.47
N LEU F 47 24.65 -19.10 -39.49
CA LEU F 47 25.60 -19.27 -38.40
C LEU F 47 24.95 -20.10 -37.29
N LEU F 48 25.54 -21.25 -36.99
CA LEU F 48 25.05 -22.10 -35.91
C LEU F 48 25.79 -21.82 -34.60
N ILE F 49 27.10 -22.00 -34.60
CA ILE F 49 27.92 -21.89 -33.40
C ILE F 49 29.03 -20.88 -33.65
N TYR F 50 29.28 -20.02 -32.66
CA TYR F 50 30.38 -19.07 -32.71
C TYR F 50 31.28 -19.31 -31.50
N GLY F 51 32.59 -19.28 -31.73
CA GLY F 51 33.53 -19.56 -30.68
C GLY F 51 33.72 -21.04 -30.39
N SER F 52 33.05 -21.92 -31.14
CA SER F 52 33.13 -23.37 -31.03
C SER F 52 32.34 -23.93 -29.86
N SER F 53 31.78 -23.09 -29.00
CA SER F 53 31.12 -23.62 -27.78
C SER F 53 29.98 -22.74 -27.29
N ARG F 54 29.51 -21.77 -28.08
CA ARG F 54 28.33 -20.97 -27.69
C ARG F 54 27.32 -21.03 -28.83
N ARG F 55 26.03 -20.98 -28.53
CA ARG F 55 24.99 -21.17 -29.58
C ARG F 55 24.61 -19.83 -30.20
N ALA F 56 24.38 -19.80 -31.50
CA ALA F 56 23.97 -18.58 -32.21
C ALA F 56 22.64 -18.10 -31.66
N THR F 57 21.99 -17.16 -32.35
CA THR F 57 20.71 -16.61 -31.90
C THR F 57 19.61 -17.52 -32.35
N GLY F 58 18.67 -17.88 -31.47
CA GLY F 58 17.51 -18.65 -31.88
C GLY F 58 17.79 -20.03 -32.42
N ILE F 59 19.01 -20.54 -32.26
CA ILE F 59 19.35 -21.86 -32.77
C ILE F 59 18.74 -22.92 -31.85
N PRO F 60 18.23 -24.03 -32.38
CA PRO F 60 17.68 -25.07 -31.49
C PRO F 60 18.74 -25.65 -30.56
N ASP F 61 18.29 -26.10 -29.39
CA ASP F 61 19.20 -26.63 -28.39
C ASP F 61 19.95 -27.85 -28.90
N ARG F 62 19.32 -28.65 -29.77
CA ARG F 62 19.88 -29.94 -30.16
C ARG F 62 21.27 -29.82 -30.80
N PHE F 63 21.71 -28.60 -31.08
CA PHE F 63 23.06 -28.36 -31.61
C PHE F 63 24.00 -28.02 -30.47
N SER F 64 25.18 -28.64 -30.47
CA SER F 64 26.21 -28.33 -29.50
C SER F 64 27.55 -28.78 -30.04
N GLY F 65 28.62 -28.19 -29.49
CA GLY F 65 29.96 -28.52 -29.94
C GLY F 65 30.94 -28.39 -28.80
N SER F 66 32.09 -29.03 -28.98
CA SER F 66 33.16 -28.99 -27.98
C SER F 66 34.48 -29.33 -28.65
N GLY F 67 35.56 -29.06 -27.94
CA GLY F 67 36.90 -29.33 -28.43
C GLY F 67 37.84 -28.21 -28.05
N SER F 68 39.11 -28.57 -27.93
CA SER F 68 40.15 -27.60 -27.57
C SER F 68 41.47 -28.06 -28.17
N GLY F 69 42.20 -27.12 -28.75
CA GLY F 69 43.49 -27.42 -29.34
C GLY F 69 43.39 -27.88 -30.78
N THR F 70 43.88 -29.10 -31.04
CA THR F 70 43.96 -29.58 -32.42
C THR F 70 42.61 -30.01 -32.97
N ASP F 71 41.74 -30.54 -32.11
CA ASP F 71 40.49 -31.18 -32.55
C ASP F 71 39.28 -30.41 -32.04
N PHE F 72 38.35 -30.13 -32.94
CA PHE F 72 37.06 -29.52 -32.61
C PHE F 72 35.94 -30.35 -33.22
N THR F 73 34.84 -30.47 -32.48
CA THR F 73 33.74 -31.33 -32.88
C THR F 73 32.41 -30.61 -32.70
N LEU F 74 31.45 -30.96 -33.57
CA LEU F 74 30.07 -30.51 -33.46
C LEU F 74 29.18 -31.75 -33.37
N THR F 75 28.25 -31.75 -32.43
CA THR F 75 27.38 -32.89 -32.18
C THR F 75 25.93 -32.45 -32.26
N ILE F 76 25.13 -33.22 -33.00
CA ILE F 76 23.69 -33.05 -33.04
C ILE F 76 23.09 -34.18 -32.21
N SER F 77 22.47 -33.83 -31.08
CA SER F 77 22.00 -34.86 -30.15
C SER F 77 20.98 -35.78 -30.81
N ARG F 78 20.01 -35.19 -31.51
CA ARG F 78 18.98 -35.96 -32.20
C ARG F 78 18.73 -35.33 -33.56
N LEU F 79 18.73 -36.16 -34.59
CA LEU F 79 18.57 -35.70 -35.97
C LEU F 79 17.08 -35.57 -36.31
N GLU F 80 16.74 -34.48 -36.98
CA GLU F 80 15.39 -34.18 -37.40
C GLU F 80 15.32 -34.13 -38.93
N PRO F 81 14.11 -34.23 -39.50
CA PRO F 81 14.02 -34.22 -40.97
C PRO F 81 14.55 -32.95 -41.61
N GLU F 82 14.46 -31.81 -40.93
CA GLU F 82 14.71 -30.51 -41.53
C GLU F 82 16.06 -29.92 -41.15
N ASP F 83 17.09 -30.76 -40.98
CA ASP F 83 18.43 -30.26 -40.73
C ASP F 83 19.51 -31.02 -41.49
N PHE F 84 19.17 -31.63 -42.62
CA PHE F 84 20.13 -32.36 -43.44
C PHE F 84 20.72 -31.38 -44.46
N ALA F 85 21.94 -30.92 -44.19
CA ALA F 85 22.56 -29.89 -45.02
C ALA F 85 24.07 -30.02 -44.89
N VAL F 86 24.81 -29.22 -45.66
CA VAL F 86 26.26 -29.23 -45.67
C VAL F 86 26.77 -28.32 -44.57
N TYR F 87 27.71 -28.82 -43.77
CA TYR F 87 28.21 -28.11 -42.60
C TYR F 87 29.65 -27.71 -42.82
N TYR F 88 29.98 -26.47 -42.46
CA TYR F 88 31.27 -25.87 -42.76
C TYR F 88 32.00 -25.47 -41.48
N CYS F 89 33.32 -25.44 -41.56
CA CYS F 89 34.20 -25.10 -40.45
C CYS F 89 35.10 -23.95 -40.88
N GLN F 90 35.07 -22.85 -40.13
CA GLN F 90 35.89 -21.68 -40.39
C GLN F 90 36.67 -21.31 -39.14
N GLN F 91 37.90 -20.85 -39.33
CA GLN F 91 38.80 -20.51 -38.23
C GLN F 91 39.17 -19.04 -38.31
N PHE F 92 39.25 -18.39 -37.15
CA PHE F 92 39.58 -16.97 -37.06
C PHE F 92 40.95 -16.77 -36.41
N GLY F 93 41.89 -17.67 -36.68
CA GLY F 93 43.19 -17.61 -36.08
C GLY F 93 44.08 -16.52 -36.67
N SER F 94 44.44 -16.68 -37.94
CA SER F 94 45.35 -15.74 -38.59
C SER F 94 44.92 -15.57 -40.05
N SER F 95 45.07 -14.35 -40.55
CA SER F 95 44.69 -14.09 -41.92
C SER F 95 45.57 -14.90 -42.87
N PRO F 96 45.00 -15.50 -43.92
CA PRO F 96 43.59 -15.47 -44.31
C PRO F 96 42.71 -16.34 -43.43
N ARG F 97 41.45 -15.95 -43.25
CA ARG F 97 40.47 -16.82 -42.61
C ARG F 97 39.88 -17.75 -43.66
N THR F 98 39.91 -19.05 -43.39
CA THR F 98 39.63 -20.05 -44.41
C THR F 98 38.51 -20.97 -43.97
N PHE F 99 37.76 -21.45 -44.96
CA PHE F 99 36.69 -22.42 -44.77
C PHE F 99 37.22 -23.83 -44.95
N GLY F 100 36.61 -24.76 -44.23
CA GLY F 100 36.95 -26.16 -44.39
C GLY F 100 36.33 -26.75 -45.65
N GLN F 101 36.67 -28.02 -45.90
CA GLN F 101 36.14 -28.69 -47.08
C GLN F 101 34.63 -28.84 -46.99
N GLY F 102 34.12 -29.18 -45.82
CA GLY F 102 32.69 -29.38 -45.64
C GLY F 102 32.32 -30.86 -45.74
N THR F 103 31.30 -31.24 -44.98
CA THR F 103 30.85 -32.63 -44.89
C THR F 103 29.39 -32.72 -45.26
N LYS F 104 29.09 -33.45 -46.34
CA LYS F 104 27.71 -33.64 -46.75
C LYS F 104 27.01 -34.60 -45.79
N LEU F 105 25.69 -34.43 -45.68
CA LEU F 105 24.86 -35.26 -44.81
C LEU F 105 23.61 -35.66 -45.57
N GLU F 106 23.16 -36.90 -45.36
CA GLU F 106 22.02 -37.43 -46.10
C GLU F 106 21.32 -38.49 -45.27
N VAL F 107 20.08 -38.78 -45.62
CA VAL F 107 19.32 -39.84 -44.96
C VAL F 107 19.76 -41.19 -45.50
N LYS F 108 19.52 -42.23 -44.70
CA LYS F 108 19.86 -43.59 -45.10
C LYS F 108 18.87 -44.11 -46.15
N GLY G 1 44.53 12.88 -33.12
CA GLY G 1 43.57 12.05 -32.35
C GLY G 1 43.94 11.92 -30.88
N LEU G 2 43.05 11.32 -30.09
CA LEU G 2 43.28 11.14 -28.67
C LEU G 2 42.53 9.90 -28.20
N ASP G 3 42.94 9.37 -27.06
CA ASP G 3 42.32 8.19 -26.48
C ASP G 3 41.04 8.57 -25.75
N LYS G 4 40.28 7.56 -25.35
CA LYS G 4 38.99 7.78 -24.69
C LYS G 4 38.58 6.47 -24.03
N ILE G 5 37.60 6.58 -23.14
CA ILE G 5 36.91 5.41 -22.60
C ILE G 5 35.51 5.84 -22.19
N CYS G 6 34.49 5.26 -22.81
CA CYS G 6 33.12 5.71 -22.60
C CYS G 6 32.25 4.61 -22.01
N LEU G 7 31.19 5.06 -21.33
CA LEU G 7 30.32 4.19 -20.53
C LEU G 7 28.87 4.38 -20.95
N GLY G 8 28.09 3.32 -20.85
CA GLY G 8 26.68 3.38 -21.23
C GLY G 8 25.98 2.09 -20.86
N HIS G 9 24.66 2.09 -21.06
CA HIS G 9 23.83 0.93 -20.76
C HIS G 9 23.03 0.56 -22.00
N HIS G 10 22.56 -0.69 -22.03
CA HIS G 10 21.98 -1.25 -23.24
C HIS G 10 20.61 -0.64 -23.53
N ALA G 11 20.18 -0.78 -24.78
CA ALA G 11 18.86 -0.37 -25.22
C ALA G 11 18.37 -1.34 -26.28
N VAL G 12 17.15 -1.10 -26.76
CA VAL G 12 16.49 -1.96 -27.73
C VAL G 12 15.83 -1.11 -28.80
N ALA G 13 15.52 -1.75 -29.92
CA ALA G 13 14.84 -1.05 -31.01
C ALA G 13 13.46 -0.58 -30.58
N ASN G 14 12.70 -1.44 -29.91
CA ASN G 14 11.36 -1.10 -29.44
C ASN G 14 11.05 -1.90 -28.19
N GLY G 15 10.62 -1.21 -27.13
CA GLY G 15 10.28 -1.84 -25.88
C GLY G 15 8.79 -1.83 -25.61
N THR G 16 8.45 -1.97 -24.34
CA THR G 16 7.07 -2.00 -23.89
C THR G 16 6.74 -0.73 -23.10
N ILE G 17 5.51 -0.68 -22.57
CA ILE G 17 5.01 0.47 -21.84
C ILE G 17 4.50 0.00 -20.49
N VAL G 18 4.91 0.71 -19.43
CA VAL G 18 4.48 0.40 -18.07
C VAL G 18 4.19 1.70 -17.33
N LYS G 19 3.39 1.60 -16.27
CA LYS G 19 2.97 2.75 -15.49
C LYS G 19 3.82 2.91 -14.23
N THR G 20 4.04 4.15 -13.83
CA THR G 20 4.77 4.48 -12.62
C THR G 20 4.09 5.66 -11.94
N LEU G 21 4.58 6.03 -10.76
CA LEU G 21 3.97 7.15 -10.04
C LEU G 21 4.07 8.44 -10.84
N THR G 22 5.24 8.73 -11.41
CA THR G 22 5.46 10.00 -12.08
C THR G 22 4.81 10.04 -13.46
N ASN G 23 4.88 8.95 -14.21
CA ASN G 23 4.41 8.91 -15.59
C ASN G 23 3.37 7.81 -15.74
N GLU G 24 2.72 7.79 -16.90
CA GLU G 24 1.72 6.77 -17.21
C GLU G 24 1.99 6.05 -18.53
N GLN G 25 3.05 6.43 -19.25
CA GLN G 25 3.41 5.76 -20.49
C GLN G 25 4.91 5.52 -20.54
N GLU G 26 5.52 5.24 -19.37
CA GLU G 26 6.94 4.98 -19.33
C GLU G 26 7.28 3.77 -20.17
N GLU G 27 8.43 3.83 -20.84
CA GLU G 27 8.89 2.78 -21.73
C GLU G 27 10.10 2.07 -21.11
N VAL G 28 10.10 0.75 -21.17
CA VAL G 28 11.19 -0.07 -20.65
C VAL G 28 11.59 -1.07 -21.72
N THR G 29 12.78 -1.65 -21.53
CA THR G 29 13.31 -2.62 -22.49
C THR G 29 12.66 -3.99 -22.37
N ASN G 30 12.09 -4.31 -21.21
CA ASN G 30 11.51 -5.64 -20.99
C ASN G 30 10.51 -5.55 -19.85
N ALA G 31 9.45 -6.34 -19.95
CA ALA G 31 8.41 -6.34 -18.93
C ALA G 31 7.68 -7.68 -18.95
N THR G 32 6.97 -7.97 -17.85
CA THR G 32 6.32 -9.26 -17.68
C THR G 32 4.88 -9.04 -17.20
N GLU G 33 3.99 -9.93 -17.62
CA GLU G 33 2.59 -9.90 -17.24
C GLU G 33 2.42 -10.36 -15.80
N THR G 34 1.27 -10.01 -15.22
CA THR G 34 0.98 -10.32 -13.83
C THR G 34 -0.39 -10.93 -13.58
N VAL G 35 -1.31 -10.87 -14.54
CA VAL G 35 -2.68 -11.33 -14.36
C VAL G 35 -2.92 -12.55 -15.23
N GLU G 36 -3.45 -13.61 -14.62
CA GLU G 36 -3.76 -14.84 -15.33
C GLU G 36 -5.18 -14.79 -15.87
N SER G 37 -5.34 -15.20 -17.14
CA SER G 37 -6.65 -15.21 -17.79
C SER G 37 -6.94 -16.51 -18.54
N THR G 38 -6.04 -17.49 -18.49
CA THR G 38 -6.24 -18.76 -19.17
C THR G 38 -6.48 -19.85 -18.12
N GLY G 39 -7.49 -20.68 -18.36
CA GLY G 39 -7.82 -21.75 -17.45
C GLY G 39 -7.98 -23.06 -18.19
N ILE G 40 -7.94 -24.15 -17.41
CA ILE G 40 -8.07 -25.49 -17.97
C ILE G 40 -9.53 -25.89 -17.97
N ASN G 41 -10.05 -26.22 -19.15
CA ASN G 41 -11.47 -26.55 -19.32
C ASN G 41 -11.83 -27.93 -18.79
N ARG G 42 -10.92 -28.59 -18.09
CA ARG G 42 -11.17 -29.89 -17.49
C ARG G 42 -11.10 -29.77 -15.98
N LEU G 43 -11.38 -30.86 -15.29
CA LEU G 43 -11.43 -30.87 -13.83
C LEU G 43 -10.26 -31.71 -13.31
N CYS G 44 -9.11 -31.06 -13.13
CA CYS G 44 -7.91 -31.75 -12.70
C CYS G 44 -8.13 -32.41 -11.34
N MET G 45 -7.95 -33.73 -11.28
CA MET G 45 -8.24 -34.49 -10.08
C MET G 45 -7.15 -35.52 -9.80
N LYS G 46 -5.90 -35.10 -9.90
CA LYS G 46 -4.78 -35.99 -9.58
C LYS G 46 -4.49 -35.96 -8.10
N GLY G 47 -4.36 -37.14 -7.50
CA GLY G 47 -4.00 -37.24 -6.11
C GLY G 47 -5.09 -36.90 -5.12
N ARG G 48 -6.35 -36.92 -5.55
CA ARG G 48 -7.49 -36.60 -4.68
C ARG G 48 -8.52 -37.71 -4.77
N LYS G 49 -8.98 -38.19 -3.62
CA LYS G 49 -10.00 -39.23 -3.55
C LYS G 49 -11.37 -38.57 -3.74
N HIS G 50 -11.71 -38.35 -5.01
CA HIS G 50 -12.91 -37.62 -5.36
C HIS G 50 -14.11 -38.55 -5.50
N LYS G 51 -15.29 -37.94 -5.60
CA LYS G 51 -16.53 -38.66 -5.87
C LYS G 51 -17.40 -37.83 -6.79
N ASP G 52 -17.69 -38.36 -7.98
CA ASP G 52 -18.56 -37.71 -8.95
C ASP G 52 -19.97 -38.22 -8.71
N LEU G 53 -20.81 -37.37 -8.13
CA LEU G 53 -22.17 -37.78 -7.82
C LEU G 53 -22.93 -38.13 -9.09
N GLY G 54 -22.80 -37.32 -10.13
CA GLY G 54 -23.43 -37.62 -11.39
C GLY G 54 -24.83 -37.06 -11.51
N ASN G 55 -25.83 -37.89 -11.28
CA ASN G 55 -27.22 -37.54 -11.55
C ASN G 55 -28.09 -37.44 -10.30
N CYS G 56 -27.51 -37.47 -9.09
CA CYS G 56 -28.32 -37.33 -7.89
C CYS G 56 -27.88 -36.12 -7.08
N HIS G 57 -28.87 -35.45 -6.50
CA HIS G 57 -28.61 -34.37 -5.58
C HIS G 57 -27.97 -34.92 -4.31
N PRO G 58 -27.09 -34.15 -3.67
CA PRO G 58 -26.53 -34.62 -2.39
C PRO G 58 -27.60 -34.96 -1.37
N ILE G 59 -28.70 -34.21 -1.33
CA ILE G 59 -29.76 -34.49 -0.38
C ILE G 59 -30.45 -35.81 -0.69
N GLY G 60 -30.27 -36.35 -1.89
CA GLY G 60 -30.79 -37.68 -2.18
C GLY G 60 -30.05 -38.79 -1.44
N MET G 61 -28.80 -38.55 -1.06
CA MET G 61 -28.05 -39.56 -0.32
C MET G 61 -28.70 -39.86 1.02
N LEU G 62 -29.22 -38.84 1.68
CA LEU G 62 -29.87 -39.01 2.97
C LEU G 62 -31.29 -39.54 2.84
N ILE G 63 -31.90 -39.43 1.66
CA ILE G 63 -33.26 -39.89 1.45
C ILE G 63 -33.33 -41.13 0.57
N GLY G 64 -32.25 -41.50 -0.12
CA GLY G 64 -32.22 -42.74 -0.88
C GLY G 64 -33.10 -42.74 -2.10
N THR G 65 -33.09 -41.66 -2.87
CA THR G 65 -33.84 -41.62 -4.12
C THR G 65 -33.32 -42.70 -5.07
N PRO G 66 -34.17 -43.27 -5.93
CA PRO G 66 -33.67 -44.25 -6.89
C PRO G 66 -32.53 -43.74 -7.73
N ALA G 67 -32.56 -42.47 -8.12
CA ALA G 67 -31.53 -41.91 -8.98
C ALA G 67 -30.15 -41.93 -8.33
N CYS G 68 -30.08 -42.07 -7.00
CA CYS G 68 -28.80 -41.97 -6.30
C CYS G 68 -28.44 -43.28 -5.64
N ASP G 69 -29.14 -44.37 -5.99
CA ASP G 69 -28.99 -45.63 -5.28
C ASP G 69 -27.55 -46.10 -5.26
N LEU G 70 -26.78 -45.80 -6.31
CA LEU G 70 -25.47 -46.44 -6.46
C LEU G 70 -24.56 -46.11 -5.29
N HIS G 71 -24.58 -44.86 -4.83
CA HIS G 71 -23.66 -44.41 -3.77
C HIS G 71 -24.44 -43.63 -2.72
N LEU G 72 -24.98 -44.35 -1.74
CA LEU G 72 -25.50 -43.73 -0.53
C LEU G 72 -24.42 -43.49 0.51
N THR G 73 -23.53 -44.44 0.70
CA THR G 73 -22.47 -44.35 1.69
C THR G 73 -21.12 -44.42 0.99
N GLY G 74 -20.16 -43.67 1.49
CA GLY G 74 -18.83 -43.64 0.91
C GLY G 74 -17.98 -42.58 1.55
N MET G 75 -16.66 -42.75 1.41
CA MET G 75 -15.68 -41.77 1.84
C MET G 75 -15.11 -41.07 0.61
N TRP G 76 -14.77 -39.79 0.77
CA TRP G 76 -14.24 -39.01 -0.34
C TRP G 76 -13.44 -37.84 0.21
N ASP G 77 -12.79 -37.13 -0.71
CA ASP G 77 -12.02 -35.94 -0.38
C ASP G 77 -12.45 -34.71 -1.17
N THR G 78 -13.17 -34.89 -2.27
CA THR G 78 -13.66 -33.76 -3.06
C THR G 78 -14.93 -34.18 -3.77
N LEU G 79 -16.09 -33.82 -3.22
CA LEU G 79 -17.37 -34.17 -3.79
C LEU G 79 -17.68 -33.25 -4.95
N ILE G 80 -18.10 -33.82 -6.08
CA ILE G 80 -18.38 -33.07 -7.30
C ILE G 80 -19.86 -33.24 -7.63
N GLU G 81 -20.54 -32.11 -7.84
CA GLU G 81 -21.97 -32.10 -8.11
C GLU G 81 -22.23 -31.49 -9.47
N ARG G 82 -23.00 -32.19 -10.29
CA ARG G 82 -23.34 -31.73 -11.62
C ARG G 82 -24.50 -30.75 -11.56
N GLU G 83 -25.07 -30.43 -12.72
CA GLU G 83 -26.23 -29.56 -12.81
C GLU G 83 -27.47 -30.38 -13.16
N ASN G 84 -28.63 -29.93 -12.67
CA ASN G 84 -29.91 -30.59 -12.93
C ASN G 84 -29.94 -31.98 -12.28
N ALA G 85 -29.48 -32.06 -11.04
CA ALA G 85 -29.46 -33.33 -10.32
C ALA G 85 -30.82 -33.62 -9.70
N ILE G 86 -31.23 -34.88 -9.78
CA ILE G 86 -32.54 -35.30 -9.28
C ILE G 86 -32.45 -35.47 -7.77
N ALA G 87 -33.42 -34.91 -7.05
CA ALA G 87 -33.48 -35.01 -5.59
C ALA G 87 -34.70 -35.76 -5.10
N TYR G 88 -35.90 -35.36 -5.52
CA TYR G 88 -37.14 -35.96 -5.07
C TYR G 88 -37.85 -36.63 -6.23
N CYS G 89 -38.17 -37.91 -6.09
CA CYS G 89 -39.00 -38.60 -7.07
C CYS G 89 -40.46 -38.24 -6.87
N TYR G 90 -41.02 -38.56 -5.71
CA TYR G 90 -42.33 -38.06 -5.31
C TYR G 90 -42.21 -36.60 -4.94
N PRO G 91 -43.08 -35.72 -5.42
CA PRO G 91 -42.88 -34.28 -5.22
C PRO G 91 -42.83 -33.93 -3.74
N GLY G 92 -42.00 -32.94 -3.41
CA GLY G 92 -41.84 -32.53 -2.04
C GLY G 92 -40.91 -31.34 -1.91
N ALA G 93 -40.62 -30.98 -0.67
CA ALA G 93 -39.68 -29.92 -0.37
C ALA G 93 -39.10 -30.17 1.02
N THR G 94 -37.97 -29.51 1.30
CA THR G 94 -37.27 -29.67 2.57
C THR G 94 -37.08 -28.31 3.22
N VAL G 95 -37.40 -28.24 4.52
CA VAL G 95 -37.22 -27.00 5.26
C VAL G 95 -35.74 -26.81 5.56
N ASN G 96 -35.27 -25.57 5.48
CA ASN G 96 -33.86 -25.26 5.69
C ASN G 96 -32.98 -26.10 4.77
N VAL G 97 -33.41 -26.23 3.52
CA VAL G 97 -32.70 -27.08 2.57
C VAL G 97 -31.29 -26.54 2.32
N GLU G 98 -31.15 -25.23 2.17
CA GLU G 98 -29.84 -24.67 1.88
C GLU G 98 -28.85 -24.94 3.01
N ALA G 99 -29.29 -24.77 4.27
CA ALA G 99 -28.40 -24.99 5.39
C ALA G 99 -28.00 -26.46 5.53
N LEU G 100 -28.73 -27.37 4.89
CA LEU G 100 -28.38 -28.79 4.91
C LEU G 100 -27.43 -29.15 3.77
N ARG G 101 -27.68 -28.64 2.57
CA ARG G 101 -26.79 -28.93 1.45
C ARG G 101 -25.37 -28.47 1.74
N GLN G 102 -25.23 -27.33 2.42
CA GLN G 102 -23.91 -26.87 2.84
C GLN G 102 -23.29 -27.83 3.84
N LYS G 103 -24.09 -28.36 4.76
CA LYS G 103 -23.57 -29.28 5.76
C LYS G 103 -23.06 -30.56 5.11
N ILE G 104 -23.75 -31.04 4.07
CA ILE G 104 -23.33 -32.27 3.40
C ILE G 104 -22.06 -32.01 2.60
N MET G 105 -22.01 -30.89 1.88
CA MET G 105 -20.88 -30.65 0.97
C MET G 105 -19.59 -30.38 1.74
N GLU G 106 -19.68 -30.13 3.04
CA GLU G 106 -18.49 -29.97 3.86
C GLU G 106 -17.94 -31.29 4.38
N SER G 107 -18.78 -32.32 4.47
CA SER G 107 -18.40 -33.56 5.11
C SER G 107 -17.34 -34.30 4.29
N GLY G 108 -16.75 -35.30 4.92
CA GLY G 108 -15.79 -36.19 4.28
C GLY G 108 -16.28 -37.60 4.07
N GLY G 109 -17.53 -37.89 4.42
CA GLY G 109 -18.07 -39.22 4.23
C GLY G 109 -19.43 -39.32 4.87
N ILE G 110 -20.05 -40.48 4.68
CA ILE G 110 -21.36 -40.76 5.28
C ILE G 110 -21.35 -42.20 5.77
N ASN G 111 -22.06 -42.44 6.87
CA ASN G 111 -22.26 -43.77 7.42
C ASN G 111 -23.70 -43.90 7.86
N LYS G 112 -24.28 -45.08 7.69
CA LYS G 112 -25.69 -45.32 7.99
C LYS G 112 -25.82 -46.35 9.09
N ILE G 113 -26.69 -46.06 10.06
CA ILE G 113 -27.00 -46.99 11.15
C ILE G 113 -28.51 -47.16 11.20
N SER G 114 -28.96 -48.42 11.20
CA SER G 114 -30.38 -48.70 11.21
C SER G 114 -31.03 -48.20 12.50
N THR G 115 -32.35 -48.09 12.47
CA THR G 115 -33.13 -47.55 13.58
C THR G 115 -33.82 -48.63 14.41
N GLY G 116 -34.28 -49.71 13.79
CA GLY G 116 -34.91 -50.79 14.52
C GLY G 116 -36.38 -50.58 14.82
N PHE G 117 -37.06 -49.71 14.10
CA PHE G 117 -38.48 -49.48 14.35
C PHE G 117 -39.29 -50.71 13.95
N THR G 118 -40.30 -51.02 14.76
CA THR G 118 -41.21 -52.14 14.50
C THR G 118 -42.65 -51.65 14.67
N TYR G 119 -43.54 -52.19 13.84
CA TYR G 119 -44.92 -51.72 13.77
C TYR G 119 -45.87 -52.90 13.93
N GLY G 120 -47.09 -52.57 14.37
CA GLY G 120 -48.07 -53.58 14.74
C GLY G 120 -48.76 -54.21 13.55
N SER G 121 -49.67 -55.14 13.87
CA SER G 121 -50.38 -55.88 12.83
C SER G 121 -51.24 -54.96 11.98
N SER G 122 -51.89 -53.98 12.59
CA SER G 122 -52.84 -53.12 11.89
C SER G 122 -52.18 -51.95 11.17
N ILE G 123 -50.89 -52.05 10.85
CA ILE G 123 -50.17 -51.01 10.14
C ILE G 123 -49.44 -51.64 8.96
N ASN G 124 -49.54 -51.02 7.80
CA ASN G 124 -48.84 -51.45 6.60
C ASN G 124 -47.71 -50.49 6.30
N SER G 125 -46.47 -50.96 6.40
CA SER G 125 -45.29 -50.14 6.19
C SER G 125 -44.65 -50.41 4.83
N ALA G 126 -45.44 -50.89 3.87
CA ALA G 126 -44.96 -51.24 2.54
C ALA G 126 -45.68 -50.41 1.48
N GLY G 127 -45.97 -49.15 1.79
CA GLY G 127 -46.57 -48.28 0.80
C GLY G 127 -45.63 -47.99 -0.35
N THR G 128 -46.19 -47.97 -1.56
CA THR G 128 -45.42 -47.71 -2.76
C THR G 128 -46.21 -46.76 -3.66
N THR G 129 -45.48 -46.03 -4.50
CA THR G 129 -46.08 -45.03 -5.37
C THR G 129 -45.55 -45.19 -6.79
N ARG G 130 -46.25 -44.55 -7.72
CA ARG G 130 -45.95 -44.71 -9.14
C ARG G 130 -44.68 -43.96 -9.55
N ALA G 131 -44.50 -42.75 -9.06
CA ALA G 131 -43.48 -41.83 -9.59
C ALA G 131 -42.09 -42.09 -9.04
N CYS G 132 -41.85 -43.23 -8.38
CA CYS G 132 -40.54 -43.59 -7.85
C CYS G 132 -40.16 -44.98 -8.32
N MET G 133 -40.32 -45.23 -9.62
CA MET G 133 -40.19 -46.58 -10.16
C MET G 133 -38.76 -47.10 -10.02
N ARG G 134 -38.66 -48.41 -9.84
CA ARG G 134 -37.37 -49.10 -9.80
C ARG G 134 -37.56 -50.52 -10.35
N ASN G 135 -36.70 -50.90 -11.28
CA ASN G 135 -36.75 -52.24 -11.88
C ASN G 135 -38.10 -52.51 -12.54
N GLY G 136 -38.77 -51.46 -13.02
CA GLY G 136 -40.05 -51.61 -13.67
C GLY G 136 -41.23 -51.80 -12.73
N GLY G 137 -41.03 -51.67 -11.42
CA GLY G 137 -42.08 -51.85 -10.45
C GLY G 137 -42.19 -50.66 -9.50
N ASN G 138 -43.31 -50.62 -8.79
CA ASN G 138 -43.55 -49.54 -7.85
C ASN G 138 -42.57 -49.62 -6.68
N SER G 139 -42.19 -48.46 -6.17
CA SER G 139 -41.23 -48.39 -5.06
C SER G 139 -41.35 -47.04 -4.38
N PHE G 140 -40.64 -46.91 -3.27
CA PHE G 140 -40.59 -45.70 -2.46
C PHE G 140 -39.14 -45.34 -2.18
N TYR G 141 -38.93 -44.34 -1.31
CA TYR G 141 -37.59 -43.96 -0.93
C TYR G 141 -36.91 -45.11 -0.21
N ALA G 142 -35.58 -45.18 -0.33
CA ALA G 142 -34.86 -46.35 0.16
C ALA G 142 -34.71 -46.38 1.68
N GLU G 143 -34.89 -45.24 2.35
CA GLU G 143 -34.64 -45.15 3.78
C GLU G 143 -35.82 -44.62 4.58
N LEU G 144 -36.97 -44.41 3.94
CA LEU G 144 -38.18 -43.95 4.60
C LEU G 144 -39.31 -44.92 4.31
N LYS G 145 -40.15 -45.19 5.30
CA LYS G 145 -41.22 -46.17 5.18
C LYS G 145 -42.56 -45.46 5.27
N TRP G 146 -43.38 -45.60 4.23
CA TRP G 146 -44.69 -44.97 4.16
C TRP G 146 -45.69 -45.82 4.91
N LEU G 147 -46.05 -45.38 6.12
CA LEU G 147 -47.02 -46.11 6.94
C LEU G 147 -48.44 -45.78 6.50
N VAL G 148 -49.27 -46.80 6.41
CA VAL G 148 -50.69 -46.64 6.09
C VAL G 148 -51.48 -47.67 6.88
N SER G 149 -52.80 -47.64 6.72
CA SER G 149 -53.65 -48.63 7.36
C SER G 149 -53.52 -49.99 6.67
N LYS G 150 -53.70 -51.05 7.45
CA LYS G 150 -53.65 -52.39 6.88
C LYS G 150 -54.79 -52.60 5.89
N SER G 151 -55.99 -52.15 6.23
CA SER G 151 -57.15 -52.27 5.36
C SER G 151 -57.78 -50.89 5.19
N LYS G 152 -58.17 -50.57 3.96
CA LYS G 152 -58.64 -49.23 3.65
C LYS G 152 -59.86 -48.88 4.50
N GLY G 153 -59.87 -47.65 5.01
CA GLY G 153 -60.96 -47.13 5.81
C GLY G 153 -60.74 -47.18 7.30
N GLN G 154 -60.06 -48.20 7.80
CA GLN G 154 -59.88 -48.38 9.24
C GLN G 154 -59.03 -47.26 9.81
N ASN G 155 -59.43 -46.77 10.98
CA ASN G 155 -58.67 -45.71 11.63
C ASN G 155 -57.26 -46.19 11.95
N PHE G 156 -56.29 -45.34 11.67
CA PHE G 156 -54.89 -45.68 11.96
C PHE G 156 -54.70 -45.79 13.47
N PRO G 157 -54.10 -46.87 13.96
CA PRO G 157 -53.86 -46.97 15.41
C PRO G 157 -52.74 -46.02 15.83
N GLN G 158 -52.89 -45.46 17.02
CA GLN G 158 -51.87 -44.56 17.55
C GLN G 158 -50.69 -45.35 18.07
N THR G 159 -49.48 -44.87 17.78
CA THR G 159 -48.26 -45.54 18.20
C THR G 159 -47.19 -44.50 18.51
N THR G 160 -46.19 -44.93 19.27
CA THR G 160 -45.06 -44.09 19.64
C THR G 160 -43.78 -44.86 19.37
N ASN G 161 -42.71 -44.14 19.02
CA ASN G 161 -41.44 -44.76 18.69
C ASN G 161 -40.31 -43.90 19.28
N THR G 162 -39.18 -44.54 19.51
CA THR G 162 -38.02 -43.87 20.10
C THR G 162 -36.77 -44.36 19.41
N TYR G 163 -35.73 -43.53 19.46
CA TYR G 163 -34.41 -43.87 18.93
C TYR G 163 -33.36 -43.53 19.96
N ARG G 164 -32.38 -44.42 20.11
CA ARG G 164 -31.33 -44.27 21.11
C ARG G 164 -29.99 -44.10 20.42
N ASN G 165 -29.31 -43.00 20.71
CA ASN G 165 -28.02 -42.67 20.09
C ASN G 165 -26.90 -43.11 21.02
N THR G 166 -26.66 -44.42 21.05
CA THR G 166 -25.55 -44.98 21.82
C THR G 166 -24.32 -45.06 20.93
N ASP G 167 -23.68 -43.90 20.77
CA ASP G 167 -22.49 -43.78 19.93
C ASP G 167 -21.74 -42.52 20.37
N THR G 168 -20.49 -42.41 19.91
CA THR G 168 -19.63 -41.33 20.34
C THR G 168 -19.91 -40.01 19.61
N ALA G 169 -20.71 -40.02 18.55
CA ALA G 169 -20.94 -38.82 17.76
C ALA G 169 -22.42 -38.69 17.44
N GLU G 170 -22.84 -37.45 17.17
CA GLU G 170 -24.24 -37.16 16.88
C GLU G 170 -24.61 -37.61 15.48
N HIS G 171 -25.83 -38.12 15.33
CA HIS G 171 -26.35 -38.63 14.08
C HIS G 171 -27.40 -37.69 13.52
N LEU G 172 -27.47 -37.62 12.19
CA LEU G 172 -28.48 -36.82 11.51
C LEU G 172 -29.70 -37.69 11.23
N ILE G 173 -30.86 -37.24 11.67
CA ILE G 173 -32.10 -37.98 11.54
C ILE G 173 -33.08 -37.13 10.72
N MET G 174 -33.69 -37.75 9.71
CA MET G 174 -34.57 -37.06 8.78
C MET G 174 -35.86 -37.83 8.64
N TRP G 175 -36.97 -37.10 8.43
CA TRP G 175 -38.27 -37.73 8.25
C TRP G 175 -39.14 -36.81 7.39
N GLY G 176 -40.37 -37.26 7.12
CA GLY G 176 -41.29 -36.50 6.30
C GLY G 176 -42.72 -36.73 6.72
N ILE G 177 -43.61 -35.87 6.19
CA ILE G 177 -45.02 -35.89 6.51
C ILE G 177 -45.82 -35.82 5.21
N HIS G 178 -46.95 -36.53 5.17
CA HIS G 178 -47.79 -36.58 3.98
C HIS G 178 -48.82 -35.47 4.01
N HIS G 179 -49.18 -34.99 2.81
CA HIS G 179 -50.20 -33.97 2.62
C HIS G 179 -51.17 -34.44 1.56
N PRO G 180 -52.24 -35.13 1.93
CA PRO G 180 -53.13 -35.73 0.93
C PRO G 180 -53.64 -34.70 -0.07
N SER G 181 -54.31 -35.20 -1.11
CA SER G 181 -54.78 -34.36 -2.19
C SER G 181 -56.29 -34.15 -2.18
N SER G 182 -57.05 -34.97 -1.46
CA SER G 182 -58.49 -34.82 -1.42
C SER G 182 -59.05 -35.52 -0.19
N THR G 183 -60.25 -35.11 0.21
CA THR G 183 -60.88 -35.74 1.37
C THR G 183 -61.05 -37.23 1.17
N GLN G 184 -61.32 -37.65 -0.07
CA GLN G 184 -61.47 -39.08 -0.35
C GLN G 184 -60.18 -39.85 -0.09
N GLU G 185 -59.03 -39.17 -0.14
CA GLU G 185 -57.75 -39.87 0.01
C GLU G 185 -57.43 -40.14 1.48
N LYS G 186 -57.51 -39.11 2.32
CA LYS G 186 -57.15 -39.30 3.72
C LYS G 186 -58.09 -40.30 4.39
N ASN G 187 -59.38 -40.24 4.07
CA ASN G 187 -60.33 -41.19 4.63
C ASN G 187 -59.96 -42.62 4.30
N ASP G 188 -59.24 -42.84 3.20
CA ASP G 188 -58.84 -44.18 2.81
C ASP G 188 -57.51 -44.59 3.45
N LEU G 189 -56.48 -43.78 3.28
CA LEU G 189 -55.15 -44.16 3.75
C LEU G 189 -55.11 -44.30 5.27
N TYR G 190 -55.72 -43.36 5.99
CA TYR G 190 -55.59 -43.30 7.44
C TYR G 190 -56.90 -43.53 8.16
N GLY G 191 -57.94 -42.76 7.87
CA GLY G 191 -59.21 -42.91 8.54
C GLY G 191 -59.93 -41.59 8.62
N THR G 192 -60.90 -41.51 9.54
CA THR G 192 -61.79 -40.36 9.63
C THR G 192 -61.49 -39.46 10.82
N GLN G 193 -60.66 -39.90 11.76
CA GLN G 193 -60.34 -39.06 12.91
C GLN G 193 -59.36 -37.96 12.50
N SER G 194 -58.97 -37.14 13.48
CA SER G 194 -58.06 -36.04 13.22
C SER G 194 -56.61 -36.48 13.40
N LEU G 195 -55.77 -36.12 12.45
CA LEU G 195 -54.37 -36.53 12.43
C LEU G 195 -53.49 -35.47 13.07
N SER G 196 -52.42 -35.91 13.72
CA SER G 196 -51.50 -35.00 14.40
C SER G 196 -50.26 -35.77 14.80
N ILE G 197 -49.11 -35.12 14.69
CA ILE G 197 -47.81 -35.73 14.93
C ILE G 197 -47.03 -34.89 15.92
N SER G 198 -46.53 -35.54 16.97
CA SER G 198 -45.76 -34.87 18.01
C SER G 198 -44.36 -35.47 18.07
N VAL G 199 -43.36 -34.62 17.99
CA VAL G 199 -41.96 -35.02 18.06
C VAL G 199 -41.37 -34.43 19.33
N GLY G 200 -40.36 -35.11 19.88
CA GLY G 200 -39.75 -34.64 21.10
C GLY G 200 -38.40 -35.25 21.42
N SER G 201 -37.47 -34.42 21.84
CA SER G 201 -36.18 -34.85 22.36
C SER G 201 -35.82 -33.94 23.52
N SER G 202 -34.59 -34.05 24.01
CA SER G 202 -34.14 -33.19 25.08
C SER G 202 -33.80 -31.78 24.61
N THR G 203 -33.80 -31.54 23.29
CA THR G 203 -33.43 -30.24 22.76
C THR G 203 -34.42 -29.74 21.72
N TYR G 204 -35.11 -30.65 21.03
CA TYR G 204 -35.94 -30.31 19.90
C TYR G 204 -37.37 -30.74 20.16
N ARG G 205 -38.31 -29.79 20.09
CA ARG G 205 -39.72 -30.06 20.25
C ARG G 205 -40.47 -29.35 19.13
N ASN G 206 -41.37 -30.09 18.47
CA ASN G 206 -42.16 -29.52 17.39
C ASN G 206 -43.41 -30.37 17.18
N ASN G 207 -44.39 -29.79 16.49
CA ASN G 207 -45.66 -30.45 16.22
C ASN G 207 -46.11 -30.10 14.81
N PHE G 208 -46.70 -31.07 14.13
CA PHE G 208 -47.17 -30.89 12.76
C PHE G 208 -48.57 -31.48 12.64
N VAL G 209 -49.17 -31.32 11.46
CA VAL G 209 -50.49 -31.87 11.20
C VAL G 209 -50.73 -31.96 9.69
N PRO G 210 -51.08 -33.12 9.14
CA PRO G 210 -51.47 -33.18 7.73
C PRO G 210 -52.71 -32.32 7.46
N VAL G 211 -52.71 -31.66 6.31
CA VAL G 211 -53.84 -30.83 5.88
C VAL G 211 -54.08 -31.10 4.41
N VAL G 212 -55.35 -31.31 4.06
CA VAL G 212 -55.72 -31.66 2.70
C VAL G 212 -56.01 -30.40 1.91
N GLY G 213 -55.76 -30.45 0.61
CA GLY G 213 -56.04 -29.31 -0.26
C GLY G 213 -56.13 -29.69 -1.72
N ALA G 214 -55.86 -28.75 -2.61
CA ALA G 214 -55.84 -29.00 -4.05
C ALA G 214 -54.59 -28.36 -4.64
N ARG G 215 -54.00 -29.05 -5.62
CA ARG G 215 -52.71 -28.63 -6.16
C ARG G 215 -52.63 -29.02 -7.62
N PRO G 216 -51.77 -28.38 -8.39
CA PRO G 216 -51.45 -28.90 -9.73
C PRO G 216 -50.75 -30.24 -9.66
N GLN G 217 -50.91 -31.04 -10.70
CA GLN G 217 -50.27 -32.34 -10.75
C GLN G 217 -48.81 -32.19 -11.18
N VAL G 218 -47.92 -32.77 -10.38
CA VAL G 218 -46.51 -32.89 -10.71
C VAL G 218 -46.19 -34.38 -10.81
N ASN G 219 -45.59 -34.78 -11.92
CA ASN G 219 -45.42 -36.20 -12.22
C ASN G 219 -46.79 -36.87 -12.14
N GLY G 220 -46.85 -38.09 -11.62
CA GLY G 220 -48.09 -38.82 -11.52
C GLY G 220 -48.82 -38.67 -10.21
N GLN G 221 -48.43 -37.71 -9.37
CA GLN G 221 -49.02 -37.53 -8.05
C GLN G 221 -49.47 -36.09 -7.87
N SER G 222 -50.66 -35.91 -7.30
CA SER G 222 -51.21 -34.60 -7.02
C SER G 222 -51.08 -34.19 -5.56
N GLY G 223 -50.29 -34.93 -4.78
CA GLY G 223 -50.03 -34.61 -3.41
C GLY G 223 -48.63 -34.05 -3.19
N ARG G 224 -48.21 -34.07 -1.93
CA ARG G 224 -46.89 -33.58 -1.58
C ARG G 224 -46.41 -34.29 -0.32
N ILE G 225 -45.09 -34.32 -0.14
CA ILE G 225 -44.47 -34.79 1.10
C ILE G 225 -43.34 -33.83 1.42
N ASP G 226 -43.28 -33.36 2.66
CA ASP G 226 -42.29 -32.39 3.09
C ASP G 226 -41.41 -32.99 4.16
N PHE G 227 -40.11 -32.70 4.09
CA PHE G 227 -39.11 -33.35 4.91
C PHE G 227 -38.52 -32.39 5.92
N HIS G 228 -38.24 -32.90 7.11
CA HIS G 228 -37.60 -32.15 8.18
C HIS G 228 -36.37 -32.91 8.62
N TRP G 229 -35.57 -32.29 9.49
CA TRP G 229 -34.38 -32.96 10.00
C TRP G 229 -33.92 -32.30 11.29
N THR G 230 -33.09 -33.03 12.04
CA THR G 230 -32.54 -32.56 13.30
C THR G 230 -31.27 -33.34 13.59
N LEU G 231 -30.56 -32.94 14.65
CA LEU G 231 -29.35 -33.61 15.10
C LEU G 231 -29.60 -34.24 16.47
N VAL G 232 -29.29 -35.52 16.60
CA VAL G 232 -29.46 -36.26 17.84
C VAL G 232 -28.10 -36.39 18.51
N GLN G 233 -27.95 -35.73 19.66
CA GLN G 233 -26.67 -35.73 20.35
C GLN G 233 -26.39 -37.10 20.96
N PRO G 234 -25.11 -37.42 21.20
CA PRO G 234 -24.79 -38.73 21.77
C PRO G 234 -25.43 -38.95 23.13
N GLY G 235 -25.88 -40.17 23.37
CA GLY G 235 -26.48 -40.53 24.63
C GLY G 235 -27.90 -40.05 24.83
N ASP G 236 -28.56 -39.55 23.79
CA ASP G 236 -29.87 -38.95 23.89
C ASP G 236 -30.94 -39.85 23.28
N ASN G 237 -32.19 -39.43 23.41
CA ASN G 237 -33.33 -40.12 22.83
C ASN G 237 -34.19 -39.10 22.10
N ILE G 238 -34.69 -39.48 20.92
CA ILE G 238 -35.63 -38.67 20.15
C ILE G 238 -36.87 -39.52 19.90
N THR G 239 -38.04 -38.95 20.18
CA THR G 239 -39.29 -39.70 20.22
C THR G 239 -40.24 -39.19 19.14
N PHE G 240 -40.92 -40.14 18.48
CA PHE G 240 -41.95 -39.84 17.49
C PHE G 240 -43.27 -40.39 18.00
N SER G 241 -44.28 -39.53 18.09
CA SER G 241 -45.62 -39.92 18.51
C SER G 241 -46.59 -39.48 17.42
N HIS G 242 -47.04 -40.43 16.61
CA HIS G 242 -47.83 -40.13 15.42
C HIS G 242 -49.12 -40.92 15.41
N ASN G 243 -50.20 -40.26 14.98
CA ASN G 243 -51.50 -40.88 14.80
C ASN G 243 -51.69 -41.29 13.34
N GLY G 244 -51.20 -40.48 12.42
CA GLY G 244 -51.28 -40.80 11.01
C GLY G 244 -50.54 -39.75 10.21
N GLY G 245 -50.24 -40.11 8.97
CA GLY G 245 -49.56 -39.22 8.06
C GLY G 245 -48.04 -39.23 8.18
N LEU G 246 -47.49 -39.82 9.23
CA LEU G 246 -46.05 -39.85 9.38
C LEU G 246 -45.42 -40.78 8.36
N ILE G 247 -44.28 -40.36 7.81
CA ILE G 247 -43.48 -41.18 6.92
C ILE G 247 -42.17 -41.43 7.67
N ALA G 248 -42.13 -42.54 8.40
CA ALA G 248 -41.07 -42.77 9.37
C ALA G 248 -39.79 -43.20 8.70
N PRO G 249 -38.64 -42.98 9.34
CA PRO G 249 -37.37 -43.44 8.79
C PRO G 249 -37.10 -44.90 9.16
N SER G 250 -36.12 -45.47 8.46
CA SER G 250 -35.61 -46.79 8.79
C SER G 250 -34.10 -46.84 8.94
N ARG G 251 -33.39 -45.77 8.58
CA ARG G 251 -31.96 -45.66 8.82
C ARG G 251 -31.62 -44.19 9.08
N VAL G 252 -30.55 -43.98 9.85
CA VAL G 252 -30.05 -42.64 10.13
C VAL G 252 -28.62 -42.57 9.63
N SER G 253 -28.15 -41.34 9.43
CA SER G 253 -26.85 -41.09 8.81
C SER G 253 -25.95 -40.32 9.77
N LYS G 254 -24.66 -40.63 9.73
CA LYS G 254 -23.65 -39.91 10.49
C LYS G 254 -22.62 -39.35 9.52
N LEU G 255 -22.33 -38.06 9.64
CA LEU G 255 -21.41 -37.38 8.74
C LEU G 255 -20.04 -37.29 9.40
N ILE G 256 -19.01 -37.76 8.70
CA ILE G 256 -17.68 -37.95 9.28
C ILE G 256 -16.64 -37.27 8.41
N GLY G 257 -15.68 -36.62 9.05
CA GLY G 257 -14.54 -36.06 8.36
C GLY G 257 -14.79 -34.68 7.79
N ARG G 258 -13.80 -34.18 7.06
CA ARG G 258 -13.89 -32.92 6.36
C ARG G 258 -13.39 -33.09 4.94
N GLY G 259 -14.03 -32.38 4.01
CA GLY G 259 -13.67 -32.45 2.61
C GLY G 259 -13.97 -31.17 1.86
N LEU G 260 -14.03 -31.27 0.54
CA LEU G 260 -14.31 -30.12 -0.32
C LEU G 260 -15.46 -30.44 -1.24
N GLY G 261 -16.32 -29.46 -1.47
CA GLY G 261 -17.44 -29.63 -2.37
C GLY G 261 -17.40 -28.65 -3.51
N ILE G 262 -17.23 -29.15 -4.74
CA ILE G 262 -17.07 -28.31 -5.92
C ILE G 262 -18.32 -28.44 -6.77
N GLN G 263 -18.78 -27.31 -7.30
CA GLN G 263 -20.08 -27.22 -7.97
C GLN G 263 -19.82 -26.78 -9.42
N SER G 264 -19.70 -27.73 -10.32
CA SER G 264 -19.38 -27.43 -11.71
C SER G 264 -19.87 -28.58 -12.58
N ASP G 265 -19.73 -28.41 -13.90
CA ASP G 265 -20.22 -29.38 -14.87
C ASP G 265 -19.15 -29.78 -15.88
N ALA G 266 -17.88 -29.53 -15.58
CA ALA G 266 -16.82 -29.84 -16.52
C ALA G 266 -16.44 -31.32 -16.45
N PRO G 267 -15.86 -31.86 -17.53
CA PRO G 267 -15.43 -33.26 -17.49
C PRO G 267 -14.30 -33.49 -16.49
N ILE G 268 -14.27 -34.69 -15.93
CA ILE G 268 -13.26 -35.05 -14.95
C ILE G 268 -11.94 -35.33 -15.66
N ASP G 269 -10.84 -35.17 -14.93
CA ASP G 269 -9.50 -35.41 -15.46
C ASP G 269 -8.63 -35.97 -14.34
N ASN G 270 -7.93 -37.06 -14.64
CA ASN G 270 -7.06 -37.72 -13.67
C ASN G 270 -5.59 -37.49 -13.93
N ASN G 271 -5.23 -36.84 -15.03
CA ASN G 271 -3.83 -36.64 -15.41
C ASN G 271 -3.30 -35.27 -15.04
N CYS G 272 -4.16 -34.25 -15.01
CA CYS G 272 -3.76 -32.92 -14.57
C CYS G 272 -3.96 -32.79 -13.06
N GLU G 273 -3.41 -31.72 -12.49
CA GLU G 273 -3.50 -31.46 -11.06
C GLU G 273 -3.72 -29.98 -10.82
N SER G 274 -4.39 -29.67 -9.71
CA SER G 274 -4.68 -28.28 -9.38
C SER G 274 -5.06 -28.17 -7.91
N LYS G 275 -5.06 -26.93 -7.42
CA LYS G 275 -5.51 -26.62 -6.07
C LYS G 275 -6.71 -25.69 -6.05
N CYS G 276 -7.18 -25.25 -7.21
CA CYS G 276 -8.29 -24.32 -7.32
C CYS G 276 -9.26 -24.81 -8.38
N PHE G 277 -10.52 -24.39 -8.24
CA PHE G 277 -11.56 -24.79 -9.18
C PHE G 277 -12.55 -23.65 -9.36
N TRP G 278 -13.24 -23.65 -10.49
CA TRP G 278 -14.34 -22.74 -10.71
C TRP G 278 -15.34 -23.41 -11.63
N ARG G 279 -16.51 -22.77 -11.78
CA ARG G 279 -17.64 -23.40 -12.45
C ARG G 279 -17.29 -23.89 -13.85
N GLY G 280 -16.33 -23.25 -14.51
CA GLY G 280 -15.98 -23.57 -15.88
C GLY G 280 -14.71 -24.35 -16.07
N GLY G 281 -14.08 -24.83 -15.01
CA GLY G 281 -12.85 -25.58 -15.14
C GLY G 281 -11.98 -25.40 -13.90
N SER G 282 -10.68 -25.57 -14.09
CA SER G 282 -9.69 -25.45 -13.03
C SER G 282 -8.73 -24.33 -13.34
N ILE G 283 -8.00 -23.89 -12.31
CA ILE G 283 -6.99 -22.84 -12.45
C ILE G 283 -5.74 -23.28 -11.70
N ASN G 284 -4.60 -23.24 -12.38
CA ASN G 284 -3.31 -23.45 -11.73
C ASN G 284 -2.29 -22.59 -12.45
N THR G 285 -1.68 -21.66 -11.72
CA THR G 285 -0.73 -20.72 -12.30
C THR G 285 0.18 -20.22 -11.21
N ARG G 286 1.28 -19.59 -11.61
CA ARG G 286 2.23 -19.00 -10.69
C ARG G 286 2.07 -17.50 -10.54
N LEU G 287 1.25 -16.86 -11.36
CA LEU G 287 1.06 -15.43 -11.27
C LEU G 287 0.25 -15.09 -10.02
N PRO G 288 0.44 -13.89 -9.46
CA PRO G 288 -0.24 -13.56 -8.20
C PRO G 288 -1.74 -13.35 -8.33
N PHE G 289 -2.20 -12.68 -9.39
CA PHE G 289 -3.61 -12.32 -9.55
C PHE G 289 -4.20 -13.09 -10.72
N GLN G 290 -5.52 -13.12 -10.78
CA GLN G 290 -6.24 -13.80 -11.85
C GLN G 290 -7.47 -13.01 -12.23
N ASN G 291 -8.01 -13.31 -13.41
CA ASN G 291 -9.10 -12.53 -13.99
C ASN G 291 -10.16 -13.40 -14.64
N LEU G 292 -10.20 -14.70 -14.31
CA LEU G 292 -11.13 -15.61 -14.98
C LEU G 292 -12.56 -15.41 -14.48
N SER G 293 -12.80 -15.66 -13.20
CA SER G 293 -14.12 -15.50 -12.62
C SER G 293 -13.98 -15.24 -11.13
N PRO G 294 -14.95 -14.56 -10.52
CA PRO G 294 -14.82 -14.24 -9.09
C PRO G 294 -15.11 -15.39 -8.15
N ARG G 295 -16.02 -16.29 -8.52
CA ARG G 295 -16.49 -17.36 -7.63
C ARG G 295 -15.59 -18.58 -7.81
N THR G 296 -14.81 -18.90 -6.78
CA THR G 296 -13.92 -20.05 -6.84
C THR G 296 -13.89 -20.72 -5.48
N VAL G 297 -13.34 -21.93 -5.44
CA VAL G 297 -13.21 -22.71 -4.22
C VAL G 297 -11.81 -23.33 -4.19
N GLY G 298 -11.16 -23.24 -3.03
CA GLY G 298 -9.83 -23.78 -2.86
C GLY G 298 -8.82 -22.75 -2.41
N GLN G 299 -7.69 -22.67 -3.10
CA GLN G 299 -6.63 -21.74 -2.77
C GLN G 299 -6.23 -20.92 -4.00
N CYS G 300 -7.24 -20.34 -4.66
CA CYS G 300 -7.03 -19.67 -5.93
C CYS G 300 -6.27 -18.36 -5.76
N PRO G 301 -5.74 -17.82 -6.85
CA PRO G 301 -5.20 -16.45 -6.80
C PRO G 301 -6.33 -15.45 -6.61
N LYS G 302 -5.97 -14.28 -6.08
CA LYS G 302 -6.97 -13.25 -5.80
C LYS G 302 -7.50 -12.64 -7.09
N TYR G 303 -8.76 -12.26 -7.07
CA TYR G 303 -9.45 -11.77 -8.25
C TYR G 303 -9.18 -10.28 -8.44
N VAL G 304 -8.75 -9.91 -9.65
CA VAL G 304 -8.46 -8.53 -10.00
C VAL G 304 -9.28 -8.17 -11.22
N ASN G 305 -10.05 -7.08 -11.13
CA ASN G 305 -10.95 -6.66 -12.20
C ASN G 305 -10.20 -5.77 -13.19
N ARG G 306 -9.21 -6.37 -13.86
CA ARG G 306 -8.44 -5.68 -14.87
C ARG G 306 -8.04 -6.67 -15.95
N ARG G 307 -7.78 -6.15 -17.15
CA ARG G 307 -7.43 -7.01 -18.27
C ARG G 307 -5.94 -7.35 -18.29
N SER G 308 -5.09 -6.39 -17.95
CA SER G 308 -3.65 -6.63 -17.95
C SER G 308 -2.99 -5.66 -16.98
N LEU G 309 -1.87 -6.09 -16.42
CA LEU G 309 -1.13 -5.28 -15.45
C LEU G 309 0.35 -5.64 -15.60
N MET G 310 1.08 -4.82 -16.35
CA MET G 310 2.47 -5.12 -16.69
C MET G 310 3.39 -4.71 -15.55
N LEU G 311 4.46 -5.48 -15.37
CA LEU G 311 5.47 -5.23 -14.35
C LEU G 311 6.82 -5.03 -15.02
N ALA G 312 7.50 -3.95 -14.67
CA ALA G 312 8.81 -3.68 -15.24
C ALA G 312 9.79 -4.76 -14.80
N THR G 313 10.64 -5.19 -15.74
CA THR G 313 11.68 -6.16 -15.46
C THR G 313 13.06 -5.73 -15.94
N GLY G 314 13.15 -4.87 -16.94
CA GLY G 314 14.42 -4.31 -17.39
C GLY G 314 14.65 -2.93 -16.82
N MET G 315 15.05 -2.01 -17.69
CA MET G 315 15.35 -0.65 -17.28
C MET G 315 14.86 0.31 -18.37
N ARG G 316 14.83 1.60 -18.02
CA ARG G 316 14.28 2.61 -18.91
C ARG G 316 14.98 2.58 -20.26
N ASN G 317 14.19 2.65 -21.33
CA ASN G 317 14.71 2.57 -22.69
C ASN G 317 14.78 3.96 -23.30
N VAL G 318 15.93 4.28 -23.89
CA VAL G 318 16.13 5.55 -24.59
C VAL G 318 16.96 5.25 -25.83
N PRO G 319 16.36 5.20 -27.01
CA PRO G 319 17.07 4.67 -28.18
C PRO G 319 18.08 5.65 -28.73
N GLU G 320 18.90 5.15 -29.66
CA GLU G 320 19.96 5.93 -30.27
C GLU G 320 19.39 6.94 -31.25
N LEU G 321 20.15 8.01 -31.46
CA LEU G 321 19.80 9.01 -32.46
C LEU G 321 20.11 8.50 -33.86
N ILE G 322 19.37 9.01 -34.84
CA ILE G 322 19.57 8.62 -36.22
C ILE G 322 20.78 9.33 -36.81
N LEU H 2 28.47 11.75 -41.45
CA LEU H 2 28.97 11.76 -40.05
C LEU H 2 29.94 10.61 -39.82
N PHE H 3 30.80 10.76 -38.82
CA PHE H 3 31.80 9.73 -38.53
C PHE H 3 32.28 9.89 -37.09
N GLY H 4 32.83 8.81 -36.56
CA GLY H 4 33.41 8.86 -35.22
C GLY H 4 32.36 8.98 -34.13
N ALA H 5 32.77 9.56 -33.02
CA ALA H 5 31.88 9.81 -31.88
C ALA H 5 31.59 8.53 -31.13
N ILE H 6 31.85 8.54 -29.82
CA ILE H 6 31.63 7.37 -28.97
C ILE H 6 30.81 7.79 -27.76
N ALA H 7 29.94 8.78 -27.94
CA ALA H 7 29.16 9.31 -26.82
C ALA H 7 28.59 8.18 -25.97
N GLY H 8 28.61 8.37 -24.67
CA GLY H 8 28.15 7.39 -23.70
C GLY H 8 26.77 7.74 -23.16
N PHE H 9 26.51 7.31 -21.93
CA PHE H 9 25.25 7.68 -21.29
C PHE H 9 25.25 9.17 -20.99
N LEU H 10 24.04 9.70 -20.76
CA LEU H 10 23.71 11.12 -20.76
C LEU H 10 23.49 11.62 -22.18
N GLU H 11 23.67 10.77 -23.20
CA GLU H 11 23.32 11.12 -24.57
C GLU H 11 22.33 10.14 -25.19
N ASN H 12 22.48 8.85 -24.95
CA ASN H 12 21.53 7.84 -25.44
C ASN H 12 22.02 6.48 -24.98
N GLY H 13 21.16 5.47 -25.20
CA GLY H 13 21.53 4.10 -24.91
C GLY H 13 22.16 3.41 -26.10
N TRP H 14 23.04 2.46 -25.82
CA TRP H 14 23.77 1.74 -26.86
C TRP H 14 22.89 0.62 -27.40
N GLU H 15 22.72 0.57 -28.72
CA GLU H 15 21.84 -0.40 -29.34
C GLU H 15 22.55 -1.68 -29.75
N GLY H 16 23.87 -1.65 -29.90
CA GLY H 16 24.65 -2.81 -30.21
C GLY H 16 25.18 -3.57 -29.00
N MET H 17 24.76 -3.19 -27.80
CA MET H 17 25.20 -3.84 -26.57
C MET H 17 24.20 -4.94 -26.26
N VAL H 18 24.58 -6.19 -26.54
CA VAL H 18 23.68 -7.32 -26.37
C VAL H 18 24.11 -8.25 -25.25
N ASP H 19 25.35 -8.15 -24.77
CA ASP H 19 25.89 -9.14 -23.84
C ASP H 19 25.76 -8.75 -22.37
N GLY H 20 25.18 -7.59 -22.07
CA GLY H 20 25.06 -7.18 -20.68
C GLY H 20 24.28 -5.90 -20.56
N TRP H 21 24.05 -5.48 -19.32
CA TRP H 21 23.35 -4.23 -19.08
C TRP H 21 24.30 -3.04 -19.16
N TYR H 22 25.43 -3.11 -18.48
CA TYR H 22 26.42 -2.05 -18.46
C TYR H 22 27.68 -2.51 -19.19
N GLY H 23 28.57 -1.56 -19.48
CA GLY H 23 29.79 -1.91 -20.18
C GLY H 23 30.63 -0.69 -20.46
N PHE H 24 31.62 -0.89 -21.33
CA PHE H 24 32.58 0.14 -21.68
C PHE H 24 32.71 0.24 -23.19
N ARG H 25 33.33 1.33 -23.64
CA ARG H 25 33.79 1.48 -25.01
C ARG H 25 35.05 2.33 -24.99
N HIS H 26 35.81 2.28 -26.08
CA HIS H 26 37.06 3.01 -26.14
C HIS H 26 37.44 3.29 -27.59
N GLN H 27 38.45 4.13 -27.76
CA GLN H 27 38.98 4.49 -29.06
C GLN H 27 40.39 5.03 -28.87
N ASN H 28 41.34 4.46 -29.59
CA ASN H 28 42.74 4.89 -29.47
C ASN H 28 43.41 4.72 -30.82
N ALA H 29 44.74 4.77 -30.82
CA ALA H 29 45.50 4.73 -32.06
C ALA H 29 45.48 3.37 -32.73
N GLN H 30 44.96 2.33 -32.07
CA GLN H 30 44.90 0.99 -32.62
C GLN H 30 43.53 0.62 -33.17
N GLY H 31 42.46 1.03 -32.50
CA GLY H 31 41.13 0.72 -32.99
C GLY H 31 39.92 1.30 -32.27
N THR H 32 38.99 0.42 -31.98
CA THR H 32 37.74 0.79 -31.33
C THR H 32 37.43 -0.62 -30.83
N GLY H 33 36.56 -0.69 -29.81
CA GLY H 33 36.22 -1.96 -29.21
C GLY H 33 35.09 -1.81 -28.21
N GLN H 34 34.75 -2.92 -27.56
CA GLN H 34 33.63 -2.94 -26.63
C GLN H 34 33.82 -4.11 -25.66
N ALA H 35 33.18 -3.99 -24.50
CA ALA H 35 33.17 -5.06 -23.51
C ALA H 35 32.19 -4.70 -22.41
N ALA H 36 31.67 -5.71 -21.72
CA ALA H 36 30.65 -5.53 -20.70
C ALA H 36 31.24 -5.74 -19.31
N ASP H 37 30.62 -5.09 -18.33
CA ASP H 37 31.04 -5.13 -16.93
C ASP H 37 30.18 -6.17 -16.22
N TYR H 38 30.64 -7.42 -16.21
CA TYR H 38 29.82 -8.54 -15.79
C TYR H 38 29.52 -8.54 -14.29
N LYS H 39 30.21 -7.69 -13.52
CA LYS H 39 29.93 -7.61 -12.09
C LYS H 39 28.64 -6.83 -11.82
N SER H 40 28.60 -5.57 -12.26
CA SER H 40 27.46 -4.72 -11.95
C SER H 40 26.18 -5.25 -12.60
N THR H 41 26.25 -5.69 -13.85
CA THR H 41 25.06 -6.20 -14.51
C THR H 41 24.52 -7.47 -13.86
N GLN H 42 25.38 -8.26 -13.22
CA GLN H 42 24.91 -9.48 -12.57
C GLN H 42 24.18 -9.19 -11.27
N ALA H 43 24.55 -8.12 -10.57
CA ALA H 43 23.84 -7.77 -9.35
C ALA H 43 22.46 -7.22 -9.66
N ALA H 44 22.35 -6.31 -10.63
CA ALA H 44 21.07 -5.69 -10.93
C ALA H 44 20.06 -6.71 -11.45
N ILE H 45 20.51 -7.63 -12.31
CA ILE H 45 19.60 -8.64 -12.84
C ILE H 45 19.07 -9.52 -11.72
N ASP H 46 19.92 -9.80 -10.72
CA ASP H 46 19.51 -10.65 -9.61
C ASP H 46 18.35 -10.03 -8.83
N GLN H 47 18.43 -8.73 -8.56
CA GLN H 47 17.41 -8.09 -7.73
C GLN H 47 16.08 -7.98 -8.45
N ILE H 48 16.11 -7.50 -9.70
CA ILE H 48 14.88 -7.11 -10.39
C ILE H 48 14.06 -8.33 -10.78
N THR H 49 14.70 -9.37 -11.32
CA THR H 49 13.95 -10.47 -11.90
C THR H 49 13.20 -11.29 -10.88
N GLY H 50 13.50 -11.14 -9.60
CA GLY H 50 12.84 -11.90 -8.56
C GLY H 50 11.67 -11.20 -7.89
N LYS H 51 11.27 -10.02 -8.36
CA LYS H 51 10.21 -9.27 -7.70
C LYS H 51 8.83 -9.84 -7.97
N LEU H 52 8.70 -10.74 -8.96
CA LEU H 52 7.41 -11.35 -9.22
C LEU H 52 7.00 -12.28 -8.09
N ASN H 53 7.92 -13.12 -7.62
CA ASN H 53 7.62 -14.09 -6.58
C ASN H 53 7.35 -13.45 -5.22
N ARG H 54 7.83 -12.23 -5.00
CA ARG H 54 7.54 -11.51 -3.76
C ARG H 54 6.17 -10.85 -3.78
N LEU H 55 5.48 -10.86 -4.91
CA LEU H 55 4.11 -10.37 -5.00
C LEU H 55 3.08 -11.44 -4.70
N VAL H 56 3.49 -12.70 -4.54
CA VAL H 56 2.55 -13.80 -4.35
C VAL H 56 2.29 -13.98 -2.86
N GLU H 57 1.02 -14.12 -2.50
CA GLU H 57 0.64 -14.36 -1.11
C GLU H 57 1.09 -15.75 -0.68
N LYS H 58 1.74 -15.82 0.47
CA LYS H 58 2.27 -17.08 1.01
C LYS H 58 1.68 -17.37 2.38
N THR H 59 0.37 -17.16 2.53
CA THR H 59 -0.39 -17.50 3.72
C THR H 59 -1.68 -18.19 3.31
N ASN H 60 -1.56 -19.18 2.42
CA ASN H 60 -2.72 -19.77 1.76
C ASN H 60 -3.77 -20.23 2.76
N THR H 61 -5.01 -19.78 2.53
CA THR H 61 -6.16 -20.21 3.31
C THR H 61 -7.23 -20.71 2.36
N GLU H 62 -7.77 -21.89 2.67
CA GLU H 62 -8.76 -22.51 1.79
C GLU H 62 -10.11 -21.84 1.96
N PHE H 63 -10.76 -21.55 0.84
CA PHE H 63 -12.07 -20.92 0.81
C PHE H 63 -13.13 -21.93 0.37
N GLU H 64 -14.38 -21.51 0.42
CA GLU H 64 -15.50 -22.39 0.15
C GLU H 64 -16.59 -21.62 -0.58
N SER H 65 -17.63 -22.35 -0.99
CA SER H 65 -18.81 -21.74 -1.57
C SER H 65 -19.77 -21.30 -0.48
N ILE H 66 -20.37 -20.13 -0.67
CA ILE H 66 -21.38 -19.61 0.24
C ILE H 66 -22.70 -19.32 -0.46
N GLU H 67 -22.84 -19.68 -1.72
CA GLU H 67 -24.08 -19.48 -2.45
C GLU H 67 -24.17 -20.52 -3.56
N SER H 68 -25.36 -21.08 -3.75
CA SER H 68 -25.53 -22.15 -4.73
C SER H 68 -25.45 -21.59 -6.15
N GLU H 69 -24.79 -22.35 -7.02
CA GLU H 69 -24.66 -21.98 -8.42
C GLU H 69 -25.78 -22.53 -9.29
N PHE H 70 -26.66 -23.37 -8.74
CA PHE H 70 -27.74 -23.99 -9.49
C PHE H 70 -29.11 -23.78 -8.84
N SER H 71 -29.18 -23.12 -7.68
CA SER H 71 -30.44 -22.92 -6.99
C SER H 71 -30.50 -21.50 -6.47
N GLU H 72 -31.72 -21.00 -6.27
CA GLU H 72 -31.92 -19.63 -5.85
C GLU H 72 -31.54 -19.45 -4.38
N ILE H 73 -31.46 -18.19 -3.97
CA ILE H 73 -31.17 -17.81 -2.59
C ILE H 73 -32.17 -16.75 -2.17
N GLU H 74 -32.36 -16.62 -0.86
CA GLU H 74 -33.26 -15.59 -0.34
C GLU H 74 -32.76 -14.21 -0.76
N HIS H 75 -33.69 -13.33 -1.11
CA HIS H 75 -33.32 -12.00 -1.56
C HIS H 75 -32.69 -11.18 -0.44
N GLN H 76 -33.22 -11.28 0.78
CA GLN H 76 -32.73 -10.48 1.88
C GLN H 76 -31.23 -10.72 2.10
N ILE H 77 -30.84 -11.99 2.22
CA ILE H 77 -29.44 -12.32 2.46
C ILE H 77 -28.60 -12.34 1.19
N GLY H 78 -29.22 -12.56 0.03
CA GLY H 78 -28.46 -12.54 -1.21
C GLY H 78 -27.80 -11.20 -1.46
N ASN H 79 -28.51 -10.11 -1.18
CA ASN H 79 -27.92 -8.79 -1.36
C ASN H 79 -26.74 -8.58 -0.43
N VAL H 80 -26.88 -8.99 0.83
CA VAL H 80 -25.80 -8.81 1.79
C VAL H 80 -24.60 -9.67 1.41
N ILE H 81 -24.86 -10.86 0.87
CA ILE H 81 -23.77 -11.75 0.48
C ILE H 81 -22.92 -11.11 -0.61
N ASN H 82 -23.55 -10.65 -1.68
CA ASN H 82 -22.79 -10.04 -2.78
C ASN H 82 -23.02 -8.53 -2.87
N TRP H 83 -23.12 -7.88 -1.71
CA TRP H 83 -22.66 -6.51 -1.53
C TRP H 83 -21.27 -6.48 -0.93
N THR H 84 -20.92 -7.51 -0.17
CA THR H 84 -19.57 -7.61 0.39
C THR H 84 -18.56 -8.00 -0.69
N LYS H 85 -18.95 -8.91 -1.59
CA LYS H 85 -18.01 -9.37 -2.61
C LYS H 85 -17.57 -8.22 -3.51
N ASP H 86 -18.50 -7.36 -3.91
CA ASP H 86 -18.13 -6.23 -4.76
C ASP H 86 -17.29 -5.22 -4.01
N SER H 87 -17.52 -5.09 -2.70
CA SER H 87 -16.74 -4.14 -1.90
C SER H 87 -15.37 -4.70 -1.55
N ILE H 88 -15.18 -6.02 -1.64
CA ILE H 88 -13.88 -6.61 -1.39
C ILE H 88 -13.07 -6.69 -2.68
N THR H 89 -13.75 -6.92 -3.81
CA THR H 89 -13.05 -6.91 -5.08
C THR H 89 -12.53 -5.52 -5.42
N ASP H 90 -13.13 -4.48 -4.84
CA ASP H 90 -12.68 -3.13 -5.11
C ASP H 90 -11.37 -2.81 -4.40
N ILE H 91 -11.15 -3.40 -3.22
CA ILE H 91 -9.92 -3.14 -2.49
C ILE H 91 -8.74 -3.80 -3.19
N TRP H 92 -8.91 -5.04 -3.64
CA TRP H 92 -7.81 -5.75 -4.29
C TRP H 92 -7.41 -5.08 -5.59
N THR H 93 -8.39 -4.65 -6.39
CA THR H 93 -8.08 -4.00 -7.65
C THR H 93 -7.30 -2.70 -7.42
N TYR H 94 -7.75 -1.89 -6.45
CA TYR H 94 -7.03 -0.66 -6.14
C TYR H 94 -5.64 -0.95 -5.59
N GLN H 95 -5.53 -1.97 -4.74
CA GLN H 95 -4.25 -2.28 -4.11
C GLN H 95 -3.22 -2.75 -5.14
N ALA H 96 -3.65 -3.56 -6.12
CA ALA H 96 -2.72 -4.09 -7.09
C ALA H 96 -2.16 -3.00 -7.99
N GLU H 97 -3.01 -2.12 -8.50
CA GLU H 97 -2.56 -1.06 -9.40
C GLU H 97 -1.51 -0.18 -8.71
N LEU H 98 -1.81 0.28 -7.50
CA LEU H 98 -0.94 1.20 -6.80
C LEU H 98 0.26 0.53 -6.16
N LEU H 99 0.25 -0.80 -6.04
CA LEU H 99 1.38 -1.54 -5.48
C LEU H 99 2.41 -1.92 -6.52
N VAL H 100 1.97 -2.24 -7.75
CA VAL H 100 2.92 -2.48 -8.82
C VAL H 100 3.58 -1.18 -9.26
N ALA H 101 2.81 -0.10 -9.32
CA ALA H 101 3.36 1.18 -9.74
C ALA H 101 4.50 1.61 -8.84
N MET H 102 4.42 1.30 -7.55
CA MET H 102 5.50 1.62 -6.63
C MET H 102 6.71 0.72 -6.82
N GLU H 103 6.57 -0.39 -7.55
CA GLU H 103 7.71 -1.23 -7.85
C GLU H 103 8.30 -0.91 -9.21
N ASN H 104 7.46 -0.54 -10.18
CA ASN H 104 7.98 -0.02 -11.43
C ASN H 104 8.76 1.27 -11.19
N GLN H 105 8.24 2.13 -10.32
CA GLN H 105 8.91 3.39 -10.04
C GLN H 105 10.30 3.19 -9.46
N HIS H 106 10.42 2.25 -8.51
CA HIS H 106 11.70 2.07 -7.83
C HIS H 106 12.74 1.39 -8.74
N THR H 107 12.31 0.42 -9.54
CA THR H 107 13.25 -0.25 -10.43
C THR H 107 13.91 0.74 -11.37
N ILE H 108 13.12 1.64 -11.94
CA ILE H 108 13.68 2.65 -12.85
C ILE H 108 14.69 3.52 -12.14
N ASP H 109 14.33 4.01 -10.95
CA ASP H 109 15.24 4.89 -10.21
C ASP H 109 16.51 4.15 -9.79
N MET H 110 16.37 2.94 -9.26
CA MET H 110 17.52 2.24 -8.71
C MET H 110 18.54 1.94 -9.81
N ALA H 111 18.08 1.31 -10.89
CA ALA H 111 18.99 0.85 -11.93
C ALA H 111 19.74 2.01 -12.57
N ASP H 112 19.19 3.22 -12.50
CA ASP H 112 19.87 4.37 -13.04
C ASP H 112 20.90 4.92 -12.07
N SER H 113 20.74 4.66 -10.78
CA SER H 113 21.77 5.02 -9.81
C SER H 113 22.94 4.06 -9.85
N GLU H 114 22.69 2.78 -10.08
CA GLU H 114 23.77 1.80 -10.17
C GLU H 114 24.71 2.14 -11.32
N MET H 115 24.25 2.94 -12.29
CA MET H 115 25.11 3.35 -13.39
C MET H 115 25.97 4.56 -13.02
N LEU H 116 25.42 5.49 -12.26
CA LEU H 116 26.19 6.66 -11.85
C LEU H 116 27.22 6.30 -10.79
N ASN H 117 27.08 5.14 -10.16
CA ASN H 117 28.10 4.68 -9.21
C ASN H 117 29.32 4.14 -9.93
N LEU H 118 29.13 3.49 -11.08
CA LEU H 118 30.26 2.98 -11.82
C LEU H 118 31.01 4.09 -12.53
N TYR H 119 30.29 5.08 -13.06
CA TYR H 119 30.95 6.22 -13.69
C TYR H 119 31.86 6.94 -12.70
N GLU H 120 31.41 7.09 -11.45
CA GLU H 120 32.23 7.74 -10.44
C GLU H 120 33.29 6.83 -9.88
N ARG H 121 33.18 5.51 -10.12
CA ARG H 121 34.26 4.59 -9.72
C ARG H 121 35.43 4.68 -10.69
N VAL H 122 35.15 4.87 -11.99
CA VAL H 122 36.21 5.07 -12.95
C VAL H 122 36.85 6.44 -12.77
N ARG H 123 36.03 7.45 -12.47
CA ARG H 123 36.54 8.81 -12.36
C ARG H 123 37.68 8.89 -11.34
N LYS H 124 37.44 8.38 -10.13
CA LYS H 124 38.45 8.43 -9.08
C LYS H 124 39.60 7.46 -9.32
N GLN H 125 39.46 6.54 -10.27
CA GLN H 125 40.53 5.60 -10.57
C GLN H 125 41.65 6.28 -11.33
N LEU H 126 41.32 7.12 -12.32
CA LEU H 126 42.32 7.77 -13.15
C LEU H 126 42.99 8.95 -12.45
N ARG H 127 42.30 9.60 -11.52
CA ARG H 127 42.86 10.72 -10.75
C ARG H 127 43.19 11.83 -11.73
N GLN H 128 44.38 12.43 -11.66
CA GLN H 128 44.69 13.66 -12.39
C GLN H 128 45.19 13.40 -13.81
N ASN H 129 44.85 12.25 -14.40
CA ASN H 129 45.28 11.90 -15.74
C ASN H 129 44.14 11.91 -16.76
N ALA H 130 43.02 12.54 -16.45
CA ALA H 130 41.89 12.52 -17.36
C ALA H 130 40.92 13.65 -17.01
N GLU H 131 40.16 14.07 -18.03
CA GLU H 131 39.15 15.09 -17.87
C GLU H 131 37.87 14.64 -18.55
N GLU H 132 36.75 14.73 -17.84
CA GLU H 132 35.46 14.38 -18.41
C GLU H 132 35.06 15.41 -19.44
N ASP H 133 34.65 14.94 -20.61
CA ASP H 133 34.22 15.83 -21.69
C ASP H 133 32.73 16.17 -21.63
N GLY H 134 31.97 15.52 -20.76
CA GLY H 134 30.58 15.87 -20.52
C GLY H 134 29.56 15.04 -21.25
N LYS H 135 29.98 14.08 -22.07
CA LYS H 135 29.07 13.18 -22.77
C LYS H 135 29.15 11.78 -22.18
N GLY H 136 29.65 11.67 -20.97
CA GLY H 136 29.72 10.41 -20.27
C GLY H 136 31.04 9.68 -20.32
N CYS H 137 32.12 10.32 -20.75
CA CYS H 137 33.38 9.61 -20.87
C CYS H 137 34.60 10.51 -20.79
N PHE H 138 35.74 9.86 -20.56
CA PHE H 138 36.96 10.50 -20.06
C PHE H 138 38.01 10.52 -21.17
N GLU H 139 38.74 11.63 -21.27
CA GLU H 139 39.78 11.79 -22.28
C GLU H 139 41.15 11.55 -21.64
N ILE H 140 41.78 10.42 -21.95
CA ILE H 140 43.07 10.07 -21.38
C ILE H 140 44.15 10.90 -22.06
N TYR H 141 45.00 11.53 -21.26
CA TYR H 141 45.97 12.49 -21.76
C TYR H 141 47.35 11.87 -22.01
N HIS H 142 47.46 10.56 -21.96
CA HIS H 142 48.65 9.84 -22.38
C HIS H 142 48.26 8.80 -23.42
N ALA H 143 49.25 8.12 -23.98
CA ALA H 143 49.03 7.11 -25.01
C ALA H 143 49.17 5.74 -24.35
N CYS H 144 48.04 5.08 -24.13
CA CYS H 144 48.00 3.78 -23.46
C CYS H 144 47.22 2.79 -24.31
N ASP H 145 47.72 1.57 -24.39
CA ASP H 145 47.26 0.59 -25.37
C ASP H 145 46.22 -0.33 -24.73
N ASP H 146 45.83 -1.39 -25.45
CA ASP H 146 44.80 -2.30 -24.96
C ASP H 146 45.16 -2.89 -23.61
N SER H 147 46.46 -3.02 -23.32
CA SER H 147 46.85 -3.48 -22.00
C SER H 147 46.47 -2.49 -20.90
N CYS H 148 46.35 -1.21 -21.23
CA CYS H 148 45.83 -0.22 -20.29
C CYS H 148 44.32 -0.25 -20.20
N MET H 149 43.63 -0.34 -21.35
CA MET H 149 42.18 -0.30 -21.34
C MET H 149 41.61 -1.44 -20.51
N GLU H 150 42.19 -2.64 -20.65
CA GLU H 150 41.76 -3.74 -19.79
C GLU H 150 42.05 -3.45 -18.33
N SER H 151 43.14 -2.73 -18.06
CA SER H 151 43.47 -2.37 -16.68
C SER H 151 42.41 -1.47 -16.08
N ILE H 152 41.93 -0.49 -16.83
CA ILE H 152 40.92 0.43 -16.29
C ILE H 152 39.65 -0.34 -15.96
N ARG H 153 39.23 -1.26 -16.82
CA ARG H 153 38.10 -2.12 -16.51
C ARG H 153 38.40 -3.01 -15.32
N ASN H 154 39.62 -3.53 -15.24
CA ASN H 154 40.00 -4.56 -14.30
C ASN H 154 40.25 -4.03 -12.90
N ASN H 155 40.34 -2.70 -12.72
CA ASN H 155 40.60 -2.10 -11.42
C ASN H 155 42.04 -2.31 -10.97
N THR H 156 42.95 -2.46 -11.94
CA THR H 156 44.38 -2.66 -11.67
C THR H 156 45.22 -1.50 -12.20
N TYR H 157 44.62 -0.31 -12.33
CA TYR H 157 45.28 0.83 -12.95
C TYR H 157 46.06 1.60 -11.89
N ASP H 158 47.38 1.47 -11.93
CA ASP H 158 48.26 2.23 -11.05
C ASP H 158 48.53 3.58 -11.72
N HIS H 159 47.87 4.63 -11.21
CA HIS H 159 47.99 5.94 -11.84
C HIS H 159 49.36 6.54 -11.66
N SER H 160 50.10 6.11 -10.63
CA SER H 160 51.32 6.80 -10.24
C SER H 160 52.37 6.80 -11.34
N GLN H 161 52.42 5.77 -12.18
CA GLN H 161 53.49 5.68 -13.17
C GLN H 161 53.24 6.54 -14.40
N TYR H 162 52.02 7.00 -14.62
CA TYR H 162 51.69 7.83 -15.77
C TYR H 162 51.59 9.32 -15.45
N ARG H 163 51.57 9.68 -14.17
CA ARG H 163 51.28 11.07 -13.80
C ARG H 163 52.29 12.04 -14.41
N GLU H 164 53.57 11.64 -14.41
CA GLU H 164 54.61 12.57 -14.87
C GLU H 164 54.37 13.02 -16.30
N GLU H 165 54.06 12.08 -17.18
CA GLU H 165 53.86 12.37 -18.60
C GLU H 165 52.45 12.86 -18.91
N ALA H 166 51.56 12.88 -17.92
CA ALA H 166 50.19 13.36 -18.14
C ALA H 166 50.06 14.83 -17.83
N LEU H 167 50.47 15.25 -16.63
CA LEU H 167 50.36 16.67 -16.26
C LEU H 167 51.17 17.56 -17.18
N LEU H 168 52.13 17.00 -17.91
CA LEU H 168 52.81 17.77 -18.94
C LEU H 168 51.84 18.20 -20.02
N ASN H 169 50.92 17.31 -20.41
CA ASN H 169 49.96 17.59 -21.47
C ASN H 169 48.73 18.34 -20.97
N ARG H 170 48.27 18.03 -19.75
CA ARG H 170 47.06 18.68 -19.24
C ARG H 170 47.27 20.18 -19.08
N LEU H 171 48.41 20.60 -18.53
CA LEU H 171 48.70 22.01 -18.31
C LEU H 171 49.48 22.63 -19.46
N ASN H 172 49.83 21.86 -20.48
CA ASN H 172 50.56 22.36 -21.64
C ASN H 172 51.87 23.02 -21.21
N ILE H 173 52.72 22.20 -20.59
CA ILE H 173 54.02 22.64 -20.08
C ILE H 173 53.94 24.04 -19.49
N GLN I 1 4.46 40.63 3.56
CA GLN I 1 3.87 41.37 2.41
C GLN I 1 4.55 42.73 2.25
N VAL I 2 4.65 43.19 1.01
CA VAL I 2 5.39 44.42 0.74
C VAL I 2 4.52 45.63 1.06
N GLN I 3 5.18 46.73 1.42
CA GLN I 3 4.50 47.98 1.71
C GLN I 3 5.53 49.08 1.75
N LEU I 4 5.25 50.18 1.06
CA LEU I 4 6.11 51.36 1.05
C LEU I 4 5.40 52.51 1.75
N VAL I 5 6.07 53.09 2.73
CA VAL I 5 5.53 54.19 3.52
C VAL I 5 6.51 55.35 3.46
N GLN I 6 6.00 56.56 3.69
CA GLN I 6 6.82 57.75 3.60
C GLN I 6 6.27 58.82 4.52
N SER I 7 6.95 59.97 4.53
CA SER I 7 6.63 61.05 5.45
C SER I 7 5.24 61.63 5.13
N GLY I 8 4.86 62.64 5.91
CA GLY I 8 3.60 63.33 5.70
C GLY I 8 3.74 64.54 4.81
N ALA I 9 2.68 65.35 4.78
CA ALA I 9 2.68 66.55 3.97
C ALA I 9 3.81 67.48 4.41
N GLU I 10 4.14 68.43 3.54
CA GLU I 10 5.23 69.35 3.80
C GLU I 10 4.93 70.68 3.15
N VAL I 11 5.41 71.76 3.76
CA VAL I 11 5.22 73.12 3.25
C VAL I 11 6.54 73.85 3.37
N LYS I 12 6.96 74.50 2.29
CA LYS I 12 8.20 75.28 2.28
C LYS I 12 8.03 76.48 1.35
N LYS I 13 8.78 77.53 1.64
CA LYS I 13 8.74 78.76 0.87
C LYS I 13 9.64 78.68 -0.35
N PRO I 14 9.42 79.55 -1.34
CA PRO I 14 10.24 79.50 -2.56
C PRO I 14 11.73 79.68 -2.25
N GLY I 15 12.56 78.97 -3.01
CA GLY I 15 14.00 79.06 -2.86
C GLY I 15 14.60 78.15 -1.81
N ALA I 16 13.77 77.44 -1.05
CA ALA I 16 14.26 76.57 0.00
C ALA I 16 14.50 75.17 -0.57
N SER I 17 14.73 74.19 0.31
CA SER I 17 14.94 72.82 -0.08
C SER I 17 14.09 71.91 0.77
N VAL I 18 13.78 70.72 0.23
CA VAL I 18 12.93 69.75 0.89
C VAL I 18 13.59 68.37 0.83
N LYS I 19 13.14 67.49 1.71
CA LYS I 19 13.56 66.10 1.71
C LYS I 19 12.33 65.22 1.91
N VAL I 20 12.23 64.16 1.10
CA VAL I 20 11.13 63.20 1.18
C VAL I 20 11.74 61.82 1.35
N SER I 21 11.24 61.07 2.32
CA SER I 21 11.79 59.77 2.67
C SER I 21 10.79 58.67 2.36
N CYS I 22 11.27 57.59 1.76
CA CYS I 22 10.43 56.46 1.35
C CYS I 22 11.02 55.19 1.94
N LYS I 23 10.32 54.59 2.89
CA LYS I 23 10.81 53.45 3.64
C LYS I 23 10.13 52.16 3.18
N ALA I 24 10.93 51.13 2.94
CA ALA I 24 10.44 49.84 2.48
C ALA I 24 10.39 48.84 3.62
N SER I 25 9.75 47.70 3.34
CA SER I 25 9.60 46.66 4.35
C SER I 25 9.13 45.38 3.67
N GLY I 26 9.41 44.25 4.32
CA GLY I 26 8.94 42.97 3.86
C GLY I 26 9.79 42.31 2.80
N TYR I 27 10.91 42.90 2.42
CA TYR I 27 11.78 42.32 1.40
C TYR I 27 13.19 42.88 1.60
N ILE I 28 14.10 42.46 0.74
CA ILE I 28 15.51 42.86 0.83
C ILE I 28 15.68 44.16 0.06
N PHE I 29 16.00 45.24 0.78
CA PHE I 29 15.97 46.58 0.18
C PHE I 29 17.07 46.78 -0.86
N ILE I 30 18.14 46.00 -0.82
CA ILE I 30 19.27 46.25 -1.71
C ILE I 30 18.87 46.08 -3.17
N ASP I 31 18.13 45.03 -3.47
CA ASP I 31 17.73 44.77 -4.84
C ASP I 31 16.63 45.74 -5.28
N TYR I 32 16.25 45.64 -6.55
CA TYR I 32 15.14 46.41 -7.10
C TYR I 32 15.45 47.91 -7.11
N TYR I 33 15.31 48.53 -8.28
CA TYR I 33 15.44 49.98 -8.38
C TYR I 33 14.30 50.66 -7.62
N ILE I 34 14.36 51.98 -7.55
CA ILE I 34 13.34 52.80 -6.90
C ILE I 34 12.99 53.95 -7.83
N HIS I 35 11.74 54.05 -8.24
CA HIS I 35 11.28 55.13 -9.09
C HIS I 35 10.92 56.34 -8.25
N TRP I 36 10.68 57.46 -8.93
CA TRP I 36 10.24 58.70 -8.27
C TRP I 36 9.39 59.49 -9.24
N VAL I 37 8.08 59.48 -9.03
CA VAL I 37 7.11 60.07 -9.94
C VAL I 37 6.29 61.12 -9.21
N ARG I 38 6.16 62.29 -9.82
CA ARG I 38 5.37 63.38 -9.25
C ARG I 38 4.19 63.70 -10.17
N GLN I 39 3.26 64.50 -9.64
CA GLN I 39 2.03 64.84 -10.36
C GLN I 39 1.58 66.22 -9.92
N ALA I 40 1.91 67.24 -10.70
CA ALA I 40 1.44 68.57 -10.42
C ALA I 40 -0.08 68.66 -10.64
N PRO I 41 -0.76 69.57 -9.95
CA PRO I 41 -2.21 69.65 -10.10
C PRO I 41 -2.62 69.97 -11.54
N GLY I 42 -3.69 69.33 -11.99
CA GLY I 42 -4.15 69.53 -13.35
C GLY I 42 -3.10 69.17 -14.38
N GLN I 43 -2.35 68.10 -14.15
CA GLN I 43 -1.24 67.74 -15.02
C GLN I 43 -1.02 66.23 -14.93
N GLY I 44 -0.34 65.69 -15.94
CA GLY I 44 -0.07 64.27 -15.98
C GLY I 44 1.12 63.88 -15.12
N LEU I 45 1.54 62.63 -15.29
CA LEU I 45 2.64 62.10 -14.50
C LEU I 45 3.99 62.43 -15.13
N GLU I 46 4.92 62.89 -14.30
CA GLU I 46 6.27 63.21 -14.72
C GLU I 46 7.26 62.30 -14.00
N TRP I 47 8.26 61.83 -14.73
CA TRP I 47 9.23 60.88 -14.21
C TRP I 47 10.49 61.64 -13.81
N MET I 48 10.86 61.55 -12.53
CA MET I 48 12.01 62.29 -12.02
C MET I 48 13.31 61.51 -12.20
N GLY I 49 13.39 60.32 -11.62
CA GLY I 49 14.60 59.51 -11.75
C GLY I 49 14.45 58.23 -10.97
N TRP I 50 15.53 57.44 -10.97
CA TRP I 50 15.56 56.20 -10.21
C TRP I 50 16.98 55.93 -9.76
N ILE I 51 17.11 55.14 -8.69
CA ILE I 51 18.37 54.89 -8.03
C ILE I 51 18.57 53.38 -7.87
N ASN I 52 19.83 52.97 -7.85
CA ASN I 52 20.19 51.58 -7.62
C ASN I 52 20.71 51.44 -6.19
N PRO I 53 19.92 50.90 -5.26
CA PRO I 53 20.36 50.89 -3.86
C PRO I 53 21.61 50.10 -3.62
N ASN I 54 22.01 49.21 -4.53
CA ASN I 54 23.16 48.36 -4.27
C ASN I 54 24.45 49.18 -4.17
N ARG I 55 24.60 50.19 -5.03
CA ARG I 55 25.83 50.97 -5.04
C ARG I 55 25.61 52.47 -5.18
N GLY I 56 24.37 52.94 -5.12
CA GLY I 56 24.10 54.36 -5.14
C GLY I 56 24.03 55.01 -6.50
N GLY I 57 24.16 54.25 -7.58
CA GLY I 57 24.01 54.84 -8.90
C GLY I 57 22.63 55.45 -9.06
N THR I 58 22.57 56.54 -9.82
CA THR I 58 21.32 57.28 -10.00
C THR I 58 21.25 57.81 -11.42
N ASP I 59 20.04 58.15 -11.84
CA ASP I 59 19.80 58.76 -13.14
C ASP I 59 18.61 59.69 -13.05
N TYR I 60 18.75 60.89 -13.61
CA TYR I 60 17.70 61.90 -13.57
C TYR I 60 17.38 62.37 -14.98
N ALA I 61 16.16 62.87 -15.16
CA ALA I 61 15.77 63.50 -16.40
C ALA I 61 16.43 64.86 -16.53
N GLN I 62 16.56 65.34 -17.78
CA GLN I 62 17.26 66.59 -18.01
C GLN I 62 16.59 67.76 -17.29
N LYS I 63 15.27 67.71 -17.14
CA LYS I 63 14.55 68.84 -16.56
C LYS I 63 15.01 69.12 -15.13
N PHE I 64 15.17 68.08 -14.33
CA PHE I 64 15.53 68.23 -12.92
C PHE I 64 17.02 68.26 -12.68
N GLN I 65 17.84 67.84 -13.64
CA GLN I 65 19.27 67.73 -13.39
C GLN I 65 19.84 69.07 -12.95
N GLY I 66 20.71 69.03 -11.94
CA GLY I 66 21.22 70.22 -11.30
C GLY I 66 20.40 70.67 -10.11
N ARG I 67 19.25 70.07 -9.87
CA ARG I 67 18.40 70.40 -8.73
C ARG I 67 18.07 69.20 -7.86
N VAL I 68 17.84 68.04 -8.45
CA VAL I 68 17.40 66.87 -7.70
C VAL I 68 18.62 66.10 -7.22
N THR I 69 18.44 65.36 -6.13
CA THR I 69 19.52 64.57 -5.54
C THR I 69 18.89 63.36 -4.87
N MET I 70 19.58 62.22 -4.94
CA MET I 70 19.05 60.97 -4.42
C MET I 70 20.10 60.26 -3.58
N THR I 71 19.60 59.48 -2.60
CA THR I 71 20.46 58.80 -1.65
C THR I 71 19.72 57.56 -1.15
N SER I 72 20.46 56.68 -0.50
CA SER I 72 19.87 55.47 0.05
C SER I 72 20.76 54.90 1.14
N ASP I 73 20.18 54.66 2.31
CA ASP I 73 20.89 54.08 3.44
C ASP I 73 20.34 52.68 3.69
N THR I 74 21.17 51.67 3.41
CA THR I 74 20.71 50.29 3.55
C THR I 74 20.47 49.93 5.00
N SER I 75 21.19 50.54 5.94
CA SER I 75 21.05 50.18 7.34
C SER I 75 19.62 50.39 7.83
N ILE I 76 19.01 51.51 7.45
CA ILE I 76 17.65 51.81 7.85
C ILE I 76 16.69 51.30 6.78
N GLY I 77 17.12 51.35 5.52
CA GLY I 77 16.26 50.93 4.43
C GLY I 77 15.34 52.01 3.92
N THR I 78 15.87 53.21 3.69
CA THR I 78 15.07 54.36 3.27
C THR I 78 15.70 54.99 2.04
N ALA I 79 14.86 55.40 1.09
CA ALA I 79 15.29 56.10 -0.12
C ALA I 79 14.83 57.55 -0.04
N PHE I 80 15.75 58.47 -0.31
CA PHE I 80 15.51 59.89 -0.12
C PHE I 80 15.53 60.64 -1.45
N LEU I 81 14.71 61.67 -1.54
CA LEU I 81 14.73 62.63 -2.63
C LEU I 81 14.84 64.02 -2.03
N GLU I 82 15.79 64.81 -2.53
CA GLU I 82 16.09 66.12 -1.96
C GLU I 82 16.11 67.17 -3.07
N LEU I 83 15.01 67.91 -3.20
CA LEU I 83 14.94 68.99 -4.16
C LEU I 83 15.62 70.24 -3.61
N THR I 84 16.06 71.11 -4.51
CA THR I 84 16.79 72.31 -4.13
C THR I 84 16.32 73.48 -5.00
N ARG I 85 16.40 74.69 -4.43
CA ARG I 85 16.06 75.92 -5.12
C ARG I 85 14.63 75.87 -5.65
N LEU I 86 13.68 75.77 -4.73
CA LEU I 86 12.28 75.71 -5.09
C LEU I 86 11.87 76.97 -5.85
N LYS I 87 11.16 76.78 -6.97
CA LYS I 87 10.69 77.88 -7.79
C LYS I 87 9.18 78.06 -7.74
N SER I 88 8.50 77.35 -6.84
CA SER I 88 7.07 77.41 -6.60
C SER I 88 6.26 76.70 -7.69
N ASP I 89 6.89 76.22 -8.76
CA ASP I 89 6.20 75.42 -9.76
C ASP I 89 6.29 73.93 -9.46
N ASP I 90 6.87 73.56 -8.32
CA ASP I 90 7.03 72.17 -7.93
C ASP I 90 5.98 71.73 -6.91
N THR I 91 4.89 72.47 -6.76
CA THR I 91 3.79 72.03 -5.93
C THR I 91 3.11 70.83 -6.58
N ALA I 92 3.23 69.68 -5.96
CA ALA I 92 2.75 68.43 -6.55
C ALA I 92 2.73 67.37 -5.47
N VAL I 93 2.48 66.12 -5.89
CA VAL I 93 2.50 64.98 -4.99
C VAL I 93 3.55 64.00 -5.50
N TYR I 94 4.56 63.72 -4.68
CA TYR I 94 5.68 62.89 -5.06
C TYR I 94 5.46 61.47 -4.57
N TYR I 95 5.65 60.50 -5.47
CA TYR I 95 5.52 59.09 -5.13
C TYR I 95 6.88 58.43 -5.09
N CYS I 96 6.89 57.15 -4.73
CA CYS I 96 8.07 56.30 -4.78
C CYS I 96 7.62 54.88 -5.06
N ALA I 97 8.07 54.32 -6.17
CA ALA I 97 7.59 53.02 -6.63
C ALA I 97 8.76 52.07 -6.81
N ARG I 98 8.72 50.93 -6.13
CA ARG I 98 9.68 49.87 -6.37
C ARG I 98 9.46 49.29 -7.75
N ASP I 99 10.52 48.69 -8.31
CA ASP I 99 10.40 48.02 -9.59
C ASP I 99 9.94 46.58 -9.36
N ARG I 100 9.95 45.78 -10.44
CA ARG I 100 9.42 44.43 -10.36
C ARG I 100 10.35 43.35 -10.89
N ILE I 101 11.58 43.71 -11.29
CA ILE I 101 12.62 42.79 -11.81
C ILE I 101 13.80 42.87 -10.83
N TRP I 102 14.66 41.85 -10.72
CA TRP I 102 15.75 41.75 -9.72
C TRP I 102 17.03 42.33 -10.27
N GLY I 103 17.69 43.22 -9.54
CA GLY I 103 18.99 43.72 -9.95
C GLY I 103 19.02 44.48 -11.26
N GLY I 104 20.20 44.80 -11.78
CA GLY I 104 20.34 45.64 -12.96
C GLY I 104 21.81 45.88 -13.24
N ASN I 105 22.20 47.06 -13.66
CA ASN I 105 23.55 47.30 -14.21
C ASN I 105 24.44 48.34 -13.52
N TRP I 106 24.42 48.54 -12.20
CA TRP I 106 25.41 49.41 -11.49
C TRP I 106 25.33 50.86 -11.94
N ASN I 107 24.58 51.19 -12.98
CA ASN I 107 24.37 52.51 -13.55
C ASN I 107 23.06 52.47 -14.31
N PRO I 108 21.93 52.75 -13.66
CA PRO I 108 20.64 52.53 -14.33
C PRO I 108 20.49 53.28 -15.64
N GLN I 109 21.33 54.27 -15.91
CA GLN I 109 21.24 54.98 -17.18
C GLN I 109 21.45 54.05 -18.36
N LYS I 110 22.23 52.99 -18.18
CA LYS I 110 22.59 52.09 -19.27
C LYS I 110 21.84 50.76 -19.21
N ASP I 111 20.85 50.62 -18.36
CA ASP I 111 20.12 49.36 -18.26
C ASP I 111 19.30 49.12 -19.52
N ASP I 112 19.16 47.84 -19.87
CA ASP I 112 18.40 47.46 -21.06
C ASP I 112 17.57 46.19 -20.85
N TYR I 113 17.17 45.89 -19.61
CA TYR I 113 16.45 44.65 -19.36
C TYR I 113 15.03 44.73 -19.93
N GLY I 114 14.29 43.63 -19.79
CA GLY I 114 13.04 43.47 -20.49
C GLY I 114 11.84 44.06 -19.79
N ASP I 115 10.83 43.24 -19.53
CA ASP I 115 9.54 43.73 -19.06
C ASP I 115 9.59 44.14 -17.60
N ARG I 116 10.01 45.36 -17.33
CA ARG I 116 10.01 45.94 -16.00
C ARG I 116 8.94 47.02 -15.91
N GLY I 117 8.55 47.35 -14.68
CA GLY I 117 7.51 48.33 -14.45
C GLY I 117 7.24 48.56 -12.98
N GLY I 118 6.78 49.76 -12.64
CA GLY I 118 6.58 50.10 -11.24
C GLY I 118 5.59 49.15 -10.57
N ASP I 119 5.87 48.84 -9.31
CA ASP I 119 5.01 47.96 -8.52
C ASP I 119 5.19 48.33 -7.05
N TYR I 120 4.12 48.22 -6.28
CA TYR I 120 4.15 48.58 -4.86
C TYR I 120 4.53 50.05 -4.71
N TRP I 121 3.61 50.89 -5.16
CA TRP I 121 3.84 52.29 -5.50
C TRP I 121 3.92 53.24 -4.31
N GLY I 122 3.69 52.78 -3.09
CA GLY I 122 3.66 53.72 -1.97
C GLY I 122 2.35 54.48 -1.94
N GLN I 123 2.40 55.67 -1.32
CA GLN I 123 1.18 56.45 -1.11
C GLN I 123 1.32 57.89 -1.59
N GLY I 124 2.52 58.45 -1.51
CA GLY I 124 2.72 59.81 -2.00
C GLY I 124 2.48 60.86 -0.94
N THR I 125 3.20 61.98 -1.06
CA THR I 125 3.13 63.08 -0.13
C THR I 125 3.01 64.39 -0.89
N LEU I 126 2.30 65.34 -0.29
CA LEU I 126 2.05 66.63 -0.90
C LEU I 126 3.07 67.65 -0.39
N VAL I 127 3.82 68.23 -1.31
CA VAL I 127 4.77 69.30 -1.00
C VAL I 127 4.20 70.59 -1.58
N THR I 128 3.94 71.55 -0.71
CA THR I 128 3.38 72.84 -1.11
C THR I 128 4.49 73.86 -1.24
N VAL I 129 4.18 74.96 -1.91
CA VAL I 129 5.13 76.06 -2.08
C VAL I 129 4.45 77.21 -2.81
N GLU J 1 14.79 62.03 -26.78
CA GLU J 1 13.77 61.41 -25.90
C GLU J 1 12.65 60.78 -26.73
N ILE J 2 12.21 59.59 -26.32
CA ILE J 2 11.13 58.89 -26.99
C ILE J 2 9.82 59.46 -26.45
N VAL J 3 9.15 60.28 -27.26
CA VAL J 3 7.93 60.95 -26.86
C VAL J 3 6.74 60.14 -27.35
N LEU J 4 5.77 59.92 -26.46
CA LEU J 4 4.59 59.12 -26.75
C LEU J 4 3.33 59.99 -26.72
N THR J 5 2.39 59.67 -27.60
CA THR J 5 1.10 60.34 -27.66
C THR J 5 -0.01 59.31 -27.65
N GLN J 6 -1.17 59.73 -27.15
CA GLN J 6 -2.30 58.83 -26.93
C GLN J 6 -3.41 59.13 -27.93
N SER J 7 -4.42 58.27 -27.93
CA SER J 7 -5.61 58.50 -28.74
C SER J 7 -6.40 59.65 -28.14
N PRO J 8 -6.66 60.73 -28.87
CA PRO J 8 -7.33 61.88 -28.26
C PRO J 8 -8.77 61.55 -27.86
N GLY J 9 -9.26 62.33 -26.89
CA GLY J 9 -10.64 62.25 -26.47
C GLY J 9 -10.82 61.39 -25.23
N THR J 10 -11.85 61.75 -24.45
CA THR J 10 -12.18 60.98 -23.25
C THR J 10 -12.77 59.62 -23.57
N LEU J 11 -13.24 59.41 -24.80
CA LEU J 11 -13.77 58.12 -25.23
C LEU J 11 -14.89 57.64 -24.31
N SER J 12 -15.93 58.47 -24.24
CA SER J 12 -17.07 58.14 -23.39
C SER J 12 -17.78 56.88 -23.90
N LEU J 13 -18.25 56.07 -22.98
CA LEU J 13 -18.93 54.83 -23.33
C LEU J 13 -19.94 54.48 -22.24
N SER J 14 -20.89 53.60 -22.59
CA SER J 14 -21.85 53.11 -21.62
C SER J 14 -21.39 51.78 -21.04
N PRO J 15 -21.84 51.42 -19.84
CA PRO J 15 -21.41 50.15 -19.24
C PRO J 15 -21.78 48.98 -20.15
N GLY J 16 -20.89 47.98 -20.19
CA GLY J 16 -21.10 46.79 -20.98
C GLY J 16 -20.55 46.84 -22.38
N GLU J 17 -20.00 47.98 -22.80
CA GLU J 17 -19.47 48.12 -24.15
C GLU J 17 -18.02 47.66 -24.20
N ARG J 18 -17.39 47.84 -25.36
CA ARG J 18 -15.99 47.50 -25.57
C ARG J 18 -15.22 48.77 -25.92
N ALA J 19 -14.10 49.00 -25.22
CA ALA J 19 -13.25 50.16 -25.45
C ALA J 19 -11.96 49.73 -26.14
N THR J 20 -11.22 50.72 -26.62
CA THR J 20 -9.97 50.46 -27.33
C THR J 20 -9.09 51.71 -27.21
N LEU J 21 -7.95 51.57 -26.53
CA LEU J 21 -6.99 52.64 -26.35
C LEU J 21 -5.70 52.29 -27.08
N SER J 22 -5.09 53.30 -27.71
CA SER J 22 -3.90 53.10 -28.51
C SER J 22 -2.79 54.03 -28.05
N CYS J 23 -1.55 53.55 -28.16
CA CYS J 23 -0.37 54.31 -27.78
C CYS J 23 0.65 54.23 -28.90
N ARG J 24 1.12 55.38 -29.38
CA ARG J 24 2.09 55.44 -30.46
C ARG J 24 3.27 56.31 -30.03
N ALA J 25 4.45 55.98 -30.56
CA ALA J 25 5.69 56.62 -30.20
C ALA J 25 6.37 57.20 -31.44
N SER J 26 7.40 58.02 -31.19
CA SER J 26 8.09 58.68 -32.28
C SER J 26 8.95 57.69 -33.08
N GLN J 27 9.65 56.79 -32.40
CA GLN J 27 10.50 55.82 -33.06
C GLN J 27 10.24 54.43 -32.48
N SER J 28 10.52 53.42 -33.29
CA SER J 28 10.20 52.04 -32.93
C SER J 28 11.11 51.54 -31.82
N PHE J 29 10.57 50.63 -31.01
CA PHE J 29 11.35 49.92 -30.00
C PHE J 29 10.66 48.60 -29.71
N SER J 30 11.38 47.71 -29.03
CA SER J 30 10.90 46.36 -28.84
C SER J 30 9.58 46.35 -28.08
N SER J 31 8.75 45.34 -28.38
CA SER J 31 7.41 45.28 -27.80
C SER J 31 7.43 44.98 -26.31
N THR J 32 8.57 44.56 -25.76
CA THR J 32 8.68 44.28 -24.34
C THR J 32 8.88 45.53 -23.51
N TYR J 33 9.21 46.67 -24.13
CA TYR J 33 9.43 47.92 -23.41
C TYR J 33 8.14 48.74 -23.37
N LEU J 34 7.18 48.29 -22.56
CA LEU J 34 5.96 49.06 -22.40
C LEU J 34 5.15 48.53 -21.22
N ALA J 35 4.47 49.44 -20.54
CA ALA J 35 3.60 49.09 -19.43
C ALA J 35 2.42 50.05 -19.39
N TRP J 36 1.33 49.59 -18.78
CA TRP J 36 0.08 50.33 -18.70
C TRP J 36 -0.35 50.44 -17.24
N TYR J 37 -0.73 51.65 -16.82
CA TYR J 37 -1.13 51.92 -15.46
C TYR J 37 -2.56 52.47 -15.42
N GLN J 38 -3.23 52.25 -14.29
CA GLN J 38 -4.57 52.79 -14.04
C GLN J 38 -4.53 53.66 -12.80
N HIS J 39 -5.01 54.89 -12.91
CA HIS J 39 -4.85 55.90 -11.87
C HIS J 39 -6.22 56.46 -11.48
N LYS J 40 -6.77 55.96 -10.38
CA LYS J 40 -8.01 56.51 -9.84
C LYS J 40 -7.71 57.73 -8.97
N PRO J 41 -8.60 58.71 -8.92
CA PRO J 41 -8.31 59.93 -8.18
C PRO J 41 -8.02 59.65 -6.71
N GLY J 42 -7.03 60.36 -6.17
CA GLY J 42 -6.74 60.31 -4.75
C GLY J 42 -5.93 59.12 -4.29
N GLN J 43 -5.42 58.31 -5.21
CA GLN J 43 -4.68 57.11 -4.85
C GLN J 43 -3.50 56.94 -5.79
N ALA J 44 -2.54 56.13 -5.35
CA ALA J 44 -1.38 55.85 -6.18
C ALA J 44 -1.81 55.00 -7.38
N PRO J 45 -1.10 55.12 -8.51
CA PRO J 45 -1.47 54.32 -9.68
C PRO J 45 -1.35 52.82 -9.40
N ARG J 46 -1.71 52.03 -10.40
CA ARG J 46 -1.67 50.58 -10.31
C ARG J 46 -1.13 50.02 -11.62
N LEU J 47 -0.31 48.99 -11.53
CA LEU J 47 0.25 48.35 -12.72
C LEU J 47 -0.75 47.32 -13.25
N LEU J 48 -1.17 47.50 -14.51
CA LEU J 48 -2.11 46.58 -15.15
C LEU J 48 -1.39 45.55 -16.02
N ILE J 49 -0.63 46.02 -17.01
CA ILE J 49 0.07 45.14 -17.95
C ILE J 49 1.53 45.57 -18.01
N TYR J 50 2.43 44.58 -17.97
CA TYR J 50 3.86 44.80 -18.10
C TYR J 50 4.36 44.11 -19.35
N GLY J 51 5.23 44.79 -20.09
CA GLY J 51 5.72 44.25 -21.35
C GLY J 51 4.75 44.36 -22.50
N SER J 52 3.59 44.98 -22.28
CA SER J 52 2.56 45.24 -23.29
C SER J 52 1.71 44.02 -23.61
N SER J 53 2.05 42.83 -23.12
CA SER J 53 1.29 41.65 -23.49
C SER J 53 1.01 40.68 -22.35
N ARG J 54 1.37 40.99 -21.11
CA ARG J 54 1.16 40.09 -20.00
C ARG J 54 0.50 40.81 -18.84
N ARG J 55 -0.45 40.16 -18.20
CA ARG J 55 -1.21 40.76 -17.10
C ARG J 55 -0.39 40.78 -15.83
N ALA J 56 -0.66 41.78 -14.99
CA ALA J 56 0.01 41.91 -13.70
C ALA J 56 -0.59 40.91 -12.71
N THR J 57 -0.18 40.99 -11.46
CA THR J 57 -0.66 40.05 -10.45
C THR J 57 -2.13 40.32 -10.12
N GLY J 58 -2.93 39.27 -10.12
CA GLY J 58 -4.32 39.38 -9.70
C GLY J 58 -5.18 40.27 -10.59
N ILE J 59 -4.71 40.58 -11.78
CA ILE J 59 -5.47 41.46 -12.68
C ILE J 59 -6.63 40.66 -13.26
N PRO J 60 -7.85 41.20 -13.28
CA PRO J 60 -8.96 40.49 -13.92
C PRO J 60 -8.69 40.25 -15.40
N ASP J 61 -9.22 39.13 -15.91
CA ASP J 61 -8.96 38.72 -17.28
C ASP J 61 -9.46 39.72 -18.30
N ARG J 62 -10.44 40.56 -17.95
CA ARG J 62 -11.05 41.44 -18.93
C ARG J 62 -10.09 42.49 -19.50
N PHE J 63 -8.87 42.57 -18.98
CA PHE J 63 -7.85 43.47 -19.52
C PHE J 63 -6.91 42.69 -20.40
N SER J 64 -6.61 43.24 -21.58
CA SER J 64 -5.64 42.63 -22.48
C SER J 64 -5.15 43.70 -23.45
N GLY J 65 -3.93 43.49 -23.95
CA GLY J 65 -3.32 44.43 -24.87
C GLY J 65 -2.46 43.72 -25.89
N SER J 66 -2.21 44.42 -26.99
CA SER J 66 -1.38 43.88 -28.06
C SER J 66 -0.83 45.03 -28.89
N GLY J 67 0.16 44.72 -29.69
CA GLY J 67 0.78 45.70 -30.56
C GLY J 67 2.26 45.43 -30.72
N SER J 68 2.83 46.00 -31.78
CA SER J 68 4.25 45.85 -32.06
C SER J 68 4.71 47.05 -32.86
N GLY J 69 6.01 47.31 -32.84
CA GLY J 69 6.58 48.40 -33.60
C GLY J 69 6.05 49.76 -33.19
N THR J 70 5.50 50.50 -34.15
CA THR J 70 5.13 51.89 -33.91
C THR J 70 3.91 51.98 -32.98
N ASP J 71 2.99 51.03 -33.06
CA ASP J 71 1.70 51.14 -32.40
C ASP J 71 1.53 50.08 -31.31
N PHE J 72 0.92 50.50 -30.21
CA PHE J 72 0.55 49.63 -29.10
C PHE J 72 -0.87 49.94 -28.67
N THR J 73 -1.61 48.90 -28.28
CA THR J 73 -3.02 49.03 -27.98
C THR J 73 -3.39 48.29 -26.70
N LEU J 74 -4.35 48.83 -25.98
CA LEU J 74 -4.95 48.20 -24.82
C LEU J 74 -6.46 48.11 -25.03
N THR J 75 -7.03 46.95 -24.77
CA THR J 75 -8.45 46.70 -24.97
C THR J 75 -9.07 46.12 -23.71
N ILE J 76 -10.18 46.69 -23.29
CA ILE J 76 -11.01 46.14 -22.22
C ILE J 76 -12.19 45.44 -22.88
N SER J 77 -12.28 44.13 -22.73
CA SER J 77 -13.30 43.36 -23.45
C SER J 77 -14.70 43.82 -23.06
N ARG J 78 -14.94 44.01 -21.76
CA ARG J 78 -16.23 44.48 -21.27
C ARG J 78 -15.99 45.45 -20.12
N LEU J 79 -16.70 46.57 -20.15
CA LEU J 79 -16.50 47.62 -19.15
C LEU J 79 -17.43 47.42 -17.98
N GLU J 80 -16.87 47.47 -16.77
CA GLU J 80 -17.63 47.37 -15.53
C GLU J 80 -17.74 48.74 -14.89
N PRO J 81 -18.63 48.93 -13.91
CA PRO J 81 -18.74 50.24 -13.26
C PRO J 81 -17.45 50.68 -12.57
N GLU J 82 -16.67 49.75 -12.04
CA GLU J 82 -15.56 50.07 -11.14
C GLU J 82 -14.20 50.06 -11.84
N ASP J 83 -14.14 50.48 -13.11
CA ASP J 83 -12.86 50.62 -13.79
C ASP J 83 -12.78 51.88 -14.64
N PHE J 84 -13.53 52.93 -14.28
CA PHE J 84 -13.50 54.19 -15.01
C PHE J 84 -12.45 55.10 -14.37
N ALA J 85 -11.27 55.16 -14.97
CA ALA J 85 -10.16 55.90 -14.40
C ALA J 85 -9.20 56.27 -15.53
N VAL J 86 -8.23 57.12 -15.21
CA VAL J 86 -7.24 57.57 -16.18
C VAL J 86 -6.21 56.47 -16.38
N TYR J 87 -5.77 56.29 -17.62
CA TYR J 87 -4.81 55.27 -17.98
C TYR J 87 -3.58 55.92 -18.59
N TYR J 88 -2.41 55.30 -18.36
CA TYR J 88 -1.14 55.89 -18.73
C TYR J 88 -0.30 54.90 -19.52
N CYS J 89 0.60 55.46 -20.34
CA CYS J 89 1.47 54.69 -21.23
C CYS J 89 2.90 55.12 -20.96
N GLN J 90 3.75 54.15 -20.60
CA GLN J 90 5.16 54.41 -20.32
C GLN J 90 6.02 53.47 -21.15
N GLN J 91 7.20 53.98 -21.53
CA GLN J 91 8.15 53.23 -22.35
C GLN J 91 9.44 53.03 -21.57
N PHE J 92 10.08 51.88 -21.79
CA PHE J 92 11.35 51.55 -21.15
C PHE J 92 12.48 51.43 -22.16
N GLY J 93 12.32 52.05 -23.35
CA GLY J 93 13.31 51.88 -24.39
C GLY J 93 14.65 52.52 -24.07
N SER J 94 14.65 53.80 -23.70
CA SER J 94 15.90 54.52 -23.53
C SER J 94 15.69 55.66 -22.54
N SER J 95 16.70 55.90 -21.72
CA SER J 95 16.62 56.99 -20.76
C SER J 95 16.49 58.32 -21.50
N PRO J 96 15.60 59.20 -21.05
CA PRO J 96 14.69 59.08 -19.91
C PRO J 96 13.49 58.19 -20.19
N ARG J 97 12.99 57.50 -19.16
CA ARG J 97 11.71 56.82 -19.27
C ARG J 97 10.60 57.80 -18.99
N THR J 98 9.64 57.90 -19.91
CA THR J 98 8.66 58.97 -19.88
C THR J 98 7.25 58.42 -19.99
N PHE J 99 6.33 59.11 -19.31
CA PHE J 99 4.91 58.79 -19.32
C PHE J 99 4.23 59.48 -20.50
N GLY J 100 3.16 58.86 -20.99
CA GLY J 100 2.32 59.49 -21.98
C GLY J 100 1.43 60.54 -21.36
N GLN J 101 0.63 61.19 -22.21
CA GLN J 101 -0.27 62.22 -21.72
C GLN J 101 -1.45 61.63 -20.96
N GLY J 102 -1.81 60.38 -21.26
CA GLY J 102 -2.92 59.73 -20.61
C GLY J 102 -4.25 60.01 -21.29
N THR J 103 -5.21 59.13 -21.03
CA THR J 103 -6.55 59.24 -21.61
C THR J 103 -7.59 59.08 -20.51
N LYS J 104 -8.53 60.02 -20.45
CA LYS J 104 -9.61 59.95 -19.48
C LYS J 104 -10.71 59.00 -19.98
N LEU J 105 -11.59 58.63 -19.06
CA LEU J 105 -12.68 57.71 -19.38
C LEU J 105 -13.86 58.04 -18.48
N GLU J 106 -15.00 58.38 -19.10
CA GLU J 106 -16.20 58.75 -18.36
C GLU J 106 -17.41 58.05 -18.97
N VAL J 107 -18.42 57.83 -18.13
CA VAL J 107 -19.65 57.20 -18.61
C VAL J 107 -20.41 58.16 -19.51
N LYS J 108 -21.39 57.61 -20.23
CA LYS J 108 -22.23 58.40 -21.12
C LYS J 108 -23.31 59.14 -20.33
N GLY K 1 37.08 42.45 -7.60
CA GLY K 1 35.80 41.84 -8.07
C GLY K 1 36.02 40.69 -9.04
N LEU K 2 35.16 39.67 -8.93
CA LEU K 2 35.26 38.50 -9.78
C LEU K 2 33.85 38.08 -10.20
N ASP K 3 33.78 37.34 -11.30
CA ASP K 3 32.50 36.91 -11.83
C ASP K 3 32.00 35.67 -11.09
N LYS K 4 30.74 35.33 -11.35
CA LYS K 4 30.11 34.19 -10.69
C LYS K 4 28.87 33.80 -11.49
N ILE K 5 28.39 32.59 -11.24
CA ILE K 5 27.09 32.16 -11.73
C ILE K 5 26.52 31.14 -10.74
N CYS K 6 25.39 31.48 -10.11
CA CYS K 6 24.85 30.66 -9.04
C CYS K 6 23.46 30.11 -9.37
N LEU K 7 23.16 28.99 -8.72
CA LEU K 7 21.97 28.19 -8.98
C LEU K 7 21.13 28.07 -7.71
N GLY K 8 19.82 28.03 -7.88
CA GLY K 8 18.93 27.91 -6.74
C GLY K 8 17.54 27.55 -7.21
N HIS K 9 16.66 27.30 -6.23
CA HIS K 9 15.27 26.96 -6.51
C HIS K 9 14.37 27.85 -5.68
N HIS K 10 13.14 28.03 -6.14
CA HIS K 10 12.28 29.07 -5.60
C HIS K 10 11.72 28.66 -4.24
N ALA K 11 11.32 29.68 -3.47
CA ALA K 11 10.70 29.48 -2.17
C ALA K 11 9.61 30.52 -2.00
N VAL K 12 8.97 30.50 -0.82
CA VAL K 12 7.84 31.37 -0.52
C VAL K 12 7.99 31.92 0.89
N ALA K 13 7.22 32.97 1.18
CA ALA K 13 7.23 33.54 2.52
C ALA K 13 6.70 32.55 3.55
N ASN K 14 5.61 31.86 3.23
CA ASN K 14 5.03 30.86 4.13
C ASN K 14 4.28 29.83 3.30
N GLY K 15 4.50 28.55 3.61
CA GLY K 15 3.92 27.44 2.90
C GLY K 15 2.92 26.68 3.73
N THR K 16 2.78 25.38 3.43
CA THR K 16 1.82 24.52 4.09
C THR K 16 2.55 23.34 4.72
N ILE K 17 1.86 22.63 5.60
CA ILE K 17 2.41 21.49 6.32
C ILE K 17 1.79 20.21 5.78
N VAL K 18 2.63 19.22 5.45
CA VAL K 18 2.17 17.94 4.95
C VAL K 18 2.99 16.83 5.61
N LYS K 19 2.44 15.62 5.59
CA LYS K 19 3.02 14.47 6.26
C LYS K 19 3.75 13.58 5.28
N THR K 20 4.87 13.00 5.73
CA THR K 20 5.69 12.11 4.92
C THR K 20 6.17 10.95 5.78
N LEU K 21 6.88 10.01 5.16
CA LEU K 21 7.28 8.80 5.87
C LEU K 21 8.19 9.11 7.05
N THR K 22 9.13 10.04 6.87
CA THR K 22 10.14 10.31 7.90
C THR K 22 9.79 11.49 8.80
N ASN K 23 8.78 12.28 8.45
CA ASN K 23 8.43 13.47 9.22
C ASN K 23 6.91 13.57 9.30
N GLU K 24 6.45 14.41 10.22
CA GLU K 24 5.02 14.64 10.41
C GLU K 24 4.61 16.10 10.29
N GLN K 25 5.55 17.03 10.23
CA GLN K 25 5.26 18.45 10.06
C GLN K 25 6.08 19.02 8.91
N GLU K 26 6.20 18.24 7.84
CA GLU K 26 7.00 18.67 6.70
C GLU K 26 6.35 19.87 6.04
N GLU K 27 7.17 20.85 5.64
CA GLU K 27 6.69 22.10 5.06
C GLU K 27 7.00 22.13 3.57
N VAL K 28 6.01 22.52 2.77
CA VAL K 28 6.16 22.63 1.33
C VAL K 28 5.58 23.96 0.87
N THR K 29 5.91 24.33 -0.37
CA THR K 29 5.51 25.64 -0.90
C THR K 29 4.09 25.64 -1.44
N ASN K 30 3.48 24.47 -1.62
CA ASN K 30 2.17 24.39 -2.28
C ASN K 30 1.60 22.99 -2.10
N ALA K 31 0.31 22.88 -1.77
CA ALA K 31 -0.31 21.59 -1.53
C ALA K 31 -1.79 21.68 -1.85
N THR K 32 -2.40 20.51 -2.06
CA THR K 32 -3.79 20.43 -2.48
C THR K 32 -4.55 19.44 -1.60
N GLU K 33 -5.83 19.72 -1.40
CA GLU K 33 -6.70 18.87 -0.60
C GLU K 33 -7.06 17.60 -1.37
N THR K 34 -7.51 16.58 -0.63
CA THR K 34 -7.84 15.30 -1.24
C THR K 34 -9.17 14.73 -0.78
N VAL K 35 -9.82 15.31 0.22
CA VAL K 35 -11.05 14.78 0.80
C VAL K 35 -12.17 15.78 0.59
N GLU K 36 -13.29 15.32 0.05
CA GLU K 36 -14.47 16.15 -0.18
C GLU K 36 -15.38 16.10 1.04
N SER K 37 -15.87 17.26 1.46
CA SER K 37 -16.78 17.36 2.61
C SER K 37 -17.97 18.26 2.34
N THR K 38 -18.19 18.67 1.09
CA THR K 38 -19.31 19.53 0.73
C THR K 38 -20.20 18.80 -0.27
N GLY K 39 -21.52 18.90 -0.07
CA GLY K 39 -22.47 18.26 -0.95
C GLY K 39 -23.59 19.22 -1.31
N ILE K 40 -24.41 18.77 -2.24
CA ILE K 40 -25.51 19.57 -2.76
C ILE K 40 -26.80 19.14 -2.06
N ASN K 41 -27.49 20.09 -1.44
CA ASN K 41 -28.69 19.82 -0.67
C ASN K 41 -29.91 19.55 -1.55
N ARG K 42 -29.71 19.37 -2.86
CA ARG K 42 -30.79 19.06 -3.79
C ARG K 42 -30.53 17.69 -4.40
N LEU K 43 -31.56 17.14 -5.03
CA LEU K 43 -31.47 15.80 -5.63
C LEU K 43 -31.25 15.95 -7.14
N CYS K 44 -30.02 16.27 -7.50
CA CYS K 44 -29.67 16.48 -8.90
C CYS K 44 -30.08 15.30 -9.75
N MET K 45 -31.03 15.54 -10.68
CA MET K 45 -31.58 14.45 -11.48
C MET K 45 -31.68 14.83 -12.96
N LYS K 46 -30.61 15.36 -13.52
CA LYS K 46 -30.59 15.71 -14.94
C LYS K 46 -30.27 14.49 -15.78
N GLY K 47 -31.11 14.21 -16.76
CA GLY K 47 -30.87 13.12 -17.69
C GLY K 47 -31.30 11.75 -17.23
N ARG K 48 -32.05 11.66 -16.12
CA ARG K 48 -32.51 10.39 -15.59
C ARG K 48 -34.03 10.38 -15.56
N LYS K 49 -34.62 9.32 -16.09
CA LYS K 49 -36.08 9.15 -16.09
C LYS K 49 -36.51 8.68 -14.71
N HIS K 50 -36.71 9.63 -13.81
CA HIS K 50 -36.95 9.35 -12.41
C HIS K 50 -38.44 9.23 -12.11
N LYS K 51 -38.73 8.79 -10.90
CA LYS K 51 -40.10 8.74 -10.39
C LYS K 51 -40.10 9.11 -8.91
N ASP K 52 -40.83 10.15 -8.56
CA ASP K 52 -41.00 10.56 -7.17
C ASP K 52 -42.31 9.98 -6.68
N LEU K 53 -42.22 8.96 -5.82
CA LEU K 53 -43.41 8.31 -5.32
C LEU K 53 -44.28 9.28 -4.53
N GLY K 54 -43.67 10.07 -3.66
CA GLY K 54 -44.40 11.06 -2.92
C GLY K 54 -44.87 10.59 -1.55
N ASN K 55 -46.15 10.26 -1.45
CA ASN K 55 -46.76 9.96 -0.16
C ASN K 55 -47.15 8.50 0.02
N CYS K 56 -46.75 7.61 -0.88
CA CYS K 56 -47.15 6.21 -0.79
C CYS K 56 -45.94 5.30 -0.79
N HIS K 57 -46.05 4.24 0.00
CA HIS K 57 -44.98 3.25 0.09
C HIS K 57 -44.87 2.46 -1.22
N PRO K 58 -43.68 2.00 -1.58
CA PRO K 58 -43.58 1.14 -2.77
C PRO K 58 -44.46 -0.08 -2.69
N ILE K 59 -44.62 -0.68 -1.50
CA ILE K 59 -45.46 -1.85 -1.36
C ILE K 59 -46.92 -1.52 -1.62
N GLY K 60 -47.30 -0.25 -1.51
CA GLY K 60 -48.65 0.14 -1.88
C GLY K 60 -48.93 0.03 -3.36
N MET K 61 -47.89 0.04 -4.19
CA MET K 61 -48.08 -0.09 -5.63
C MET K 61 -48.67 -1.43 -5.99
N LEU K 62 -48.28 -2.50 -5.29
CA LEU K 62 -48.78 -3.84 -5.54
C LEU K 62 -50.10 -4.11 -4.82
N ILE K 63 -50.52 -3.22 -3.93
CA ILE K 63 -51.77 -3.39 -3.20
C ILE K 63 -52.80 -2.31 -3.52
N GLY K 64 -52.43 -1.23 -4.19
CA GLY K 64 -53.38 -0.24 -4.63
C GLY K 64 -54.03 0.54 -3.51
N THR K 65 -53.24 0.96 -2.53
CA THR K 65 -53.76 1.82 -1.48
C THR K 65 -54.20 3.15 -2.10
N PRO K 66 -55.24 3.79 -1.54
CA PRO K 66 -55.66 5.08 -2.10
C PRO K 66 -54.52 6.10 -2.19
N ALA K 67 -53.63 6.12 -1.21
CA ALA K 67 -52.53 7.09 -1.22
C ALA K 67 -51.62 6.92 -2.42
N CYS K 68 -51.57 5.72 -3.01
CA CYS K 68 -50.73 5.45 -4.17
C CYS K 68 -51.57 5.25 -5.42
N ASP K 69 -52.83 5.68 -5.41
CA ASP K 69 -53.73 5.40 -6.52
C ASP K 69 -53.18 5.93 -7.83
N LEU K 70 -52.49 7.06 -7.81
CA LEU K 70 -52.18 7.76 -9.06
C LEU K 70 -51.29 6.92 -9.96
N HIS K 71 -50.25 6.30 -9.40
CA HIS K 71 -49.24 5.61 -10.19
C HIS K 71 -49.07 4.19 -9.67
N LEU K 72 -49.91 3.27 -10.16
CA LEU K 72 -49.73 1.85 -9.92
C LEU K 72 -48.84 1.19 -10.95
N THR K 73 -48.57 1.85 -12.07
CA THR K 73 -47.85 1.25 -13.18
C THR K 73 -47.01 2.30 -13.86
N GLY K 74 -45.99 1.85 -14.60
CA GLY K 74 -45.15 2.76 -15.35
C GLY K 74 -43.69 2.37 -15.36
N MET K 75 -42.90 2.99 -16.23
CA MET K 75 -41.49 2.72 -16.35
C MET K 75 -40.68 3.89 -15.77
N TRP K 76 -39.53 3.57 -15.20
CA TRP K 76 -38.69 4.59 -14.59
C TRP K 76 -37.25 4.10 -14.60
N ASP K 77 -36.35 4.96 -14.13
CA ASP K 77 -34.94 4.64 -14.02
C ASP K 77 -34.34 4.95 -12.67
N THR K 78 -35.02 5.74 -11.84
CA THR K 78 -34.52 6.05 -10.51
C THR K 78 -35.71 6.34 -9.61
N LEU K 79 -36.15 5.35 -8.84
CA LEU K 79 -37.28 5.50 -7.95
C LEU K 79 -36.85 6.25 -6.69
N ILE K 80 -37.67 7.20 -6.26
CA ILE K 80 -37.38 8.02 -5.08
C ILE K 80 -38.50 7.79 -4.07
N GLU K 81 -38.13 7.51 -2.83
CA GLU K 81 -39.06 7.22 -1.76
C GLU K 81 -38.87 8.23 -0.64
N ARG K 82 -39.96 8.89 -0.26
CA ARG K 82 -39.92 9.89 0.80
C ARG K 82 -39.96 9.20 2.16
N GLU K 83 -40.18 9.97 3.22
CA GLU K 83 -40.24 9.45 4.57
C GLU K 83 -41.65 9.59 5.10
N ASN K 84 -42.10 8.57 5.85
CA ASN K 84 -43.46 8.50 6.37
C ASN K 84 -44.48 8.21 5.27
N ALA K 85 -44.10 7.37 4.32
CA ALA K 85 -45.00 7.01 3.23
C ALA K 85 -46.05 6.01 3.72
N ILE K 86 -47.28 6.21 3.27
CA ILE K 86 -48.41 5.38 3.68
C ILE K 86 -48.41 4.09 2.88
N ALA K 87 -48.57 2.95 3.55
CA ALA K 87 -48.62 1.65 2.90
C ALA K 87 -49.96 0.96 3.07
N TYR K 88 -50.43 0.81 4.31
CA TYR K 88 -51.68 0.10 4.61
C TYR K 88 -52.68 1.09 5.18
N CYS K 89 -53.88 1.13 4.60
CA CYS K 89 -54.97 1.94 5.13
C CYS K 89 -55.71 1.17 6.22
N TYR K 90 -56.28 0.02 5.88
CA TYR K 90 -56.76 -0.92 6.88
C TYR K 90 -55.57 -1.59 7.56
N PRO K 91 -55.53 -1.64 8.89
CA PRO K 91 -54.30 -2.09 9.55
C PRO K 91 -53.91 -3.50 9.12
N GLY K 92 -52.62 -3.72 9.03
CA GLY K 92 -52.11 -5.02 8.60
C GLY K 92 -50.61 -5.08 8.66
N ALA K 93 -50.08 -6.19 8.13
CA ALA K 93 -48.63 -6.38 8.04
C ALA K 93 -48.35 -7.36 6.91
N THR K 94 -47.11 -7.36 6.45
CA THR K 94 -46.69 -8.22 5.35
C THR K 94 -45.53 -9.09 5.80
N VAL K 95 -45.58 -10.37 5.43
CA VAL K 95 -44.51 -11.30 5.74
C VAL K 95 -43.36 -11.09 4.77
N ASN K 96 -42.13 -11.17 5.27
CA ASN K 96 -40.94 -10.95 4.44
C ASN K 96 -41.03 -9.61 3.73
N VAL K 97 -41.44 -8.59 4.46
CA VAL K 97 -41.65 -7.28 3.86
C VAL K 97 -40.33 -6.69 3.35
N GLU K 98 -39.26 -6.86 4.11
CA GLU K 98 -37.98 -6.29 3.69
C GLU K 98 -37.49 -6.91 2.39
N ALA K 99 -37.56 -8.24 2.27
CA ALA K 99 -37.12 -8.89 1.05
C ALA K 99 -37.99 -8.52 -0.15
N LEU K 100 -39.19 -8.00 0.09
CA LEU K 100 -40.05 -7.55 -1.01
C LEU K 100 -39.74 -6.12 -1.40
N ARG K 101 -39.59 -5.22 -0.43
CA ARG K 101 -39.29 -3.83 -0.74
C ARG K 101 -37.99 -3.72 -1.52
N GLN K 102 -37.02 -4.60 -1.23
CA GLN K 102 -35.77 -4.58 -1.99
C GLN K 102 -35.99 -5.04 -3.43
N LYS K 103 -36.89 -6.00 -3.65
CA LYS K 103 -37.17 -6.45 -5.00
C LYS K 103 -37.84 -5.37 -5.83
N ILE K 104 -38.71 -4.58 -5.21
CA ILE K 104 -39.40 -3.51 -5.94
C ILE K 104 -38.42 -2.40 -6.30
N MET K 105 -37.55 -2.02 -5.35
CA MET K 105 -36.67 -0.89 -5.57
C MET K 105 -35.56 -1.20 -6.57
N GLU K 106 -35.35 -2.48 -6.90
CA GLU K 106 -34.40 -2.84 -7.94
C GLU K 106 -35.01 -2.82 -9.33
N SER K 107 -36.33 -2.89 -9.44
CA SER K 107 -36.99 -3.02 -10.72
C SER K 107 -36.88 -1.73 -11.52
N GLY K 108 -37.24 -1.84 -12.81
CA GLY K 108 -37.31 -0.71 -13.70
C GLY K 108 -38.71 -0.33 -14.14
N GLY K 109 -39.73 -0.99 -13.61
CA GLY K 109 -41.10 -0.72 -14.00
C GLY K 109 -42.01 -1.82 -13.52
N ILE K 110 -43.31 -1.58 -13.67
CA ILE K 110 -44.33 -2.54 -13.28
C ILE K 110 -45.36 -2.64 -14.38
N ASN K 111 -45.90 -3.84 -14.57
CA ASN K 111 -47.00 -4.09 -15.49
C ASN K 111 -48.03 -4.93 -14.76
N LYS K 112 -49.31 -4.70 -15.04
CA LYS K 112 -50.39 -5.36 -14.36
C LYS K 112 -51.21 -6.20 -15.33
N ILE K 113 -51.55 -7.42 -14.90
CA ILE K 113 -52.34 -8.35 -15.70
C ILE K 113 -53.50 -8.85 -14.84
N SER K 114 -54.71 -8.74 -15.34
CA SER K 114 -55.89 -9.15 -14.58
C SER K 114 -55.91 -10.66 -14.43
N THR K 115 -56.64 -11.12 -13.41
CA THR K 115 -56.67 -12.55 -13.07
C THR K 115 -57.90 -13.26 -13.65
N GLY K 116 -59.01 -12.57 -13.79
CA GLY K 116 -60.20 -13.16 -14.35
C GLY K 116 -61.02 -14.01 -13.39
N PHE K 117 -60.80 -13.88 -12.10
CA PHE K 117 -61.55 -14.65 -11.12
C PHE K 117 -63.03 -14.31 -11.19
N THR K 118 -63.88 -15.31 -11.03
CA THR K 118 -65.33 -15.14 -10.99
C THR K 118 -65.90 -15.90 -9.80
N TYR K 119 -66.91 -15.33 -9.18
CA TYR K 119 -67.47 -15.85 -7.94
C TYR K 119 -68.96 -16.09 -8.09
N GLY K 120 -69.49 -16.95 -7.24
CA GLY K 120 -70.85 -17.44 -7.36
C GLY K 120 -71.88 -16.45 -6.86
N SER K 121 -73.13 -16.90 -6.90
CA SER K 121 -74.25 -16.04 -6.53
C SER K 121 -74.23 -15.69 -5.05
N SER K 122 -73.78 -16.61 -4.20
CA SER K 122 -73.86 -16.44 -2.76
C SER K 122 -72.65 -15.75 -2.16
N ILE K 123 -71.70 -15.30 -2.98
CA ILE K 123 -70.50 -14.62 -2.51
C ILE K 123 -70.56 -13.16 -2.94
N ASN K 124 -70.36 -12.25 -2.00
CA ASN K 124 -70.37 -10.82 -2.25
C ASN K 124 -68.93 -10.32 -2.28
N SER K 125 -68.45 -9.93 -3.45
CA SER K 125 -67.08 -9.48 -3.64
C SER K 125 -66.97 -7.96 -3.65
N ALA K 126 -67.90 -7.28 -3.00
CA ALA K 126 -67.94 -5.82 -2.96
C ALA K 126 -67.88 -5.32 -1.52
N GLY K 127 -67.09 -6.00 -0.68
CA GLY K 127 -66.93 -5.53 0.69
C GLY K 127 -66.12 -4.25 0.75
N THR K 128 -66.55 -3.35 1.63
CA THR K 128 -65.89 -2.06 1.79
C THR K 128 -65.80 -1.72 3.27
N THR K 129 -64.81 -0.91 3.62
CA THR K 129 -64.56 -0.51 5.00
C THR K 129 -64.37 0.99 5.08
N ARG K 130 -64.67 1.55 6.26
CA ARG K 130 -64.62 2.99 6.44
C ARG K 130 -63.21 3.53 6.44
N ALA K 131 -62.22 2.71 6.81
CA ALA K 131 -60.88 3.22 7.05
C ALA K 131 -60.08 3.42 5.77
N CYS K 132 -60.61 3.04 4.62
CA CYS K 132 -59.93 3.19 3.33
C CYS K 132 -60.85 4.00 2.42
N MET K 133 -60.75 5.32 2.48
CA MET K 133 -61.69 6.23 1.86
C MET K 133 -61.25 6.61 0.45
N ARG K 134 -62.23 6.95 -0.39
CA ARG K 134 -61.98 7.47 -1.73
C ARG K 134 -63.21 8.24 -2.18
N ASN K 135 -63.02 9.48 -2.58
CA ASN K 135 -64.11 10.34 -3.07
C ASN K 135 -65.20 10.52 -2.02
N GLY K 136 -64.82 10.44 -0.74
CA GLY K 136 -65.77 10.64 0.33
C GLY K 136 -66.66 9.45 0.63
N GLY K 137 -66.38 8.28 0.05
CA GLY K 137 -67.18 7.11 0.28
C GLY K 137 -66.32 5.93 0.69
N ASN K 138 -67.00 4.89 1.19
CA ASN K 138 -66.30 3.68 1.62
C ASN K 138 -65.64 3.00 0.43
N SER K 139 -64.49 2.38 0.68
CA SER K 139 -63.70 1.77 -0.39
C SER K 139 -62.82 0.69 0.20
N PHE K 140 -62.03 0.05 -0.67
CA PHE K 140 -61.11 -0.99 -0.27
C PHE K 140 -59.88 -0.90 -1.17
N TYR K 141 -58.96 -1.83 -0.98
CA TYR K 141 -57.75 -1.85 -1.80
C TYR K 141 -58.12 -2.01 -3.27
N ALA K 142 -57.35 -1.34 -4.14
CA ALA K 142 -57.74 -1.25 -5.55
C ALA K 142 -57.51 -2.55 -6.31
N GLU K 143 -56.81 -3.52 -5.73
CA GLU K 143 -56.46 -4.74 -6.44
C GLU K 143 -56.76 -6.00 -5.66
N LEU K 144 -57.45 -5.91 -4.53
CA LEU K 144 -57.82 -7.05 -3.72
C LEU K 144 -59.33 -7.00 -3.46
N LYS K 145 -59.98 -8.15 -3.54
CA LYS K 145 -61.43 -8.25 -3.38
C LYS K 145 -61.75 -8.94 -2.06
N TRP K 146 -62.54 -8.27 -1.22
CA TRP K 146 -62.93 -8.80 0.08
C TRP K 146 -64.22 -9.60 -0.09
N LEU K 147 -64.09 -10.92 -0.18
CA LEU K 147 -65.25 -11.79 -0.28
C LEU K 147 -65.94 -11.89 1.07
N VAL K 148 -67.28 -11.89 1.06
CA VAL K 148 -68.08 -12.12 2.25
C VAL K 148 -69.34 -12.86 1.83
N SER K 149 -70.13 -13.26 2.83
CA SER K 149 -71.41 -13.90 2.55
C SER K 149 -72.39 -12.88 1.96
N LYS K 150 -73.26 -13.37 1.07
CA LYS K 150 -74.27 -12.51 0.49
C LYS K 150 -75.22 -11.98 1.55
N SER K 151 -75.65 -12.85 2.47
CA SER K 151 -76.58 -12.49 3.53
C SER K 151 -75.97 -12.87 4.87
N LYS K 152 -76.03 -11.94 5.82
CA LYS K 152 -75.34 -12.13 7.10
C LYS K 152 -75.82 -13.40 7.78
N GLY K 153 -74.87 -14.19 8.28
CA GLY K 153 -75.16 -15.40 9.00
C GLY K 153 -75.09 -16.67 8.19
N GLN K 154 -75.23 -16.58 6.87
CA GLN K 154 -75.21 -17.76 6.01
C GLN K 154 -73.80 -18.29 5.84
N ASN K 155 -73.64 -19.60 5.94
CA ASN K 155 -72.32 -20.21 5.80
C ASN K 155 -71.73 -19.86 4.45
N PHE K 156 -70.47 -19.48 4.46
CA PHE K 156 -69.78 -19.16 3.21
C PHE K 156 -69.64 -20.41 2.36
N PRO K 157 -70.03 -20.37 1.09
CA PRO K 157 -69.84 -21.55 0.23
C PRO K 157 -68.36 -21.79 -0.04
N GLN K 158 -68.01 -23.06 -0.20
CA GLN K 158 -66.63 -23.42 -0.51
C GLN K 158 -66.38 -23.30 -2.01
N THR K 159 -65.27 -22.66 -2.38
CA THR K 159 -64.93 -22.45 -3.77
C THR K 159 -63.43 -22.63 -3.96
N THR K 160 -63.05 -22.92 -5.22
CA THR K 160 -61.66 -23.07 -5.61
C THR K 160 -61.41 -22.20 -6.83
N ASN K 161 -60.23 -21.59 -6.88
CA ASN K 161 -59.85 -20.69 -7.95
C ASN K 161 -58.44 -21.02 -8.42
N THR K 162 -58.14 -20.67 -9.66
CA THR K 162 -56.84 -20.91 -10.25
C THR K 162 -56.45 -19.71 -11.11
N TYR K 163 -55.15 -19.45 -11.18
CA TYR K 163 -54.58 -18.45 -12.06
C TYR K 163 -53.77 -19.15 -13.14
N ARG K 164 -54.08 -18.88 -14.39
CA ARG K 164 -53.47 -19.57 -15.52
C ARG K 164 -52.46 -18.63 -16.18
N ASN K 165 -51.19 -18.88 -15.93
CA ASN K 165 -50.12 -18.06 -16.48
C ASN K 165 -49.83 -18.46 -17.92
N THR K 166 -49.65 -17.46 -18.78
CA THR K 166 -49.29 -17.69 -20.17
C THR K 166 -48.20 -16.76 -20.68
N ASP K 167 -47.86 -15.70 -19.97
CA ASP K 167 -46.81 -14.80 -20.39
C ASP K 167 -45.46 -15.53 -20.39
N THR K 168 -44.42 -14.83 -20.84
CA THR K 168 -43.09 -15.44 -20.93
C THR K 168 -42.26 -15.26 -19.66
N ALA K 169 -42.73 -14.48 -18.69
CA ALA K 169 -41.97 -14.21 -17.48
C ALA K 169 -42.86 -14.38 -16.26
N GLU K 170 -42.23 -14.60 -15.12
CA GLU K 170 -42.93 -14.83 -13.87
C GLU K 170 -43.61 -13.55 -13.37
N HIS K 171 -44.75 -13.74 -12.72
CA HIS K 171 -45.54 -12.65 -12.18
C HIS K 171 -45.57 -12.75 -10.66
N LEU K 172 -45.72 -11.61 -10.01
CA LEU K 172 -45.72 -11.52 -8.55
C LEU K 172 -47.17 -11.46 -8.08
N ILE K 173 -47.64 -12.55 -7.50
CA ILE K 173 -49.02 -12.65 -7.01
C ILE K 173 -49.04 -12.43 -5.52
N MET K 174 -49.98 -11.60 -5.05
CA MET K 174 -50.07 -11.23 -3.65
C MET K 174 -51.52 -11.36 -3.21
N TRP K 175 -51.72 -11.76 -1.95
CA TRP K 175 -53.06 -11.92 -1.39
C TRP K 175 -53.00 -11.63 0.11
N GLY K 176 -54.14 -11.78 0.78
CA GLY K 176 -54.24 -11.50 2.20
C GLY K 176 -55.32 -12.33 2.86
N ILE K 177 -55.28 -12.35 4.19
CA ILE K 177 -56.23 -13.09 5.00
C ILE K 177 -56.77 -12.19 6.10
N HIS K 178 -57.98 -12.48 6.56
CA HIS K 178 -58.71 -11.64 7.51
C HIS K 178 -58.71 -12.29 8.89
N HIS K 179 -58.47 -11.49 9.92
CA HIS K 179 -58.49 -11.93 11.31
C HIS K 179 -59.52 -11.13 12.08
N PRO K 180 -60.75 -11.64 12.21
CA PRO K 180 -61.82 -10.85 12.85
C PRO K 180 -61.43 -10.41 14.25
N SER K 181 -62.31 -9.58 14.83
CA SER K 181 -62.05 -9.00 16.14
C SER K 181 -62.79 -9.71 17.26
N SER K 182 -63.91 -10.35 16.96
CA SER K 182 -64.69 -11.02 18.00
C SER K 182 -65.55 -12.10 17.36
N THR K 183 -66.00 -13.04 18.20
CA THR K 183 -66.83 -14.13 17.70
C THR K 183 -68.09 -13.62 17.05
N GLN K 184 -68.61 -12.47 17.50
CA GLN K 184 -69.80 -11.91 16.88
C GLN K 184 -69.55 -11.49 15.44
N GLU K 185 -68.28 -11.32 15.05
CA GLU K 185 -67.98 -10.87 13.69
C GLU K 185 -67.91 -12.05 12.72
N LYS K 186 -67.04 -13.02 12.98
CA LYS K 186 -66.88 -14.11 12.03
C LYS K 186 -68.19 -14.86 11.83
N ASN K 187 -69.03 -14.91 12.85
CA ASN K 187 -70.35 -15.51 12.69
C ASN K 187 -71.21 -14.74 11.70
N ASP K 188 -70.96 -13.45 11.54
CA ASP K 188 -71.73 -12.62 10.63
C ASP K 188 -71.16 -12.62 9.22
N LEU K 189 -69.88 -12.26 9.07
CA LEU K 189 -69.30 -12.12 7.75
C LEU K 189 -69.23 -13.46 7.02
N TYR K 190 -68.89 -14.54 7.72
CA TYR K 190 -68.65 -15.83 7.07
C TYR K 190 -69.65 -16.90 7.48
N GLY K 191 -69.81 -17.16 8.76
CA GLY K 191 -70.72 -18.18 9.22
C GLY K 191 -70.18 -18.86 10.47
N THR K 192 -70.74 -20.03 10.78
CA THR K 192 -70.44 -20.72 12.02
C THR K 192 -69.46 -21.88 11.86
N GLN K 193 -69.29 -22.41 10.65
CA GLN K 193 -68.38 -23.52 10.45
C GLN K 193 -66.93 -23.03 10.54
N SER K 194 -66.00 -23.98 10.61
CA SER K 194 -64.59 -23.67 10.73
C SER K 194 -64.04 -23.15 9.41
N LEU K 195 -63.10 -22.21 9.50
CA LEU K 195 -62.51 -21.57 8.34
C LEU K 195 -61.09 -22.09 8.11
N SER K 196 -60.73 -22.26 6.85
CA SER K 196 -59.42 -22.77 6.49
C SER K 196 -59.14 -22.48 5.02
N ILE K 197 -57.88 -22.20 4.72
CA ILE K 197 -57.46 -21.77 3.39
C ILE K 197 -56.27 -22.60 2.95
N SER K 198 -56.38 -23.21 1.78
CA SER K 198 -55.32 -24.05 1.22
C SER K 198 -54.83 -23.46 -0.09
N VAL K 199 -53.52 -23.28 -0.19
CA VAL K 199 -52.89 -22.73 -1.38
C VAL K 199 -51.95 -23.81 -1.94
N GLY K 200 -51.76 -23.77 -3.25
CA GLY K 200 -50.91 -24.76 -3.88
C GLY K 200 -50.50 -24.42 -5.30
N SER K 201 -49.20 -24.52 -5.56
CA SER K 201 -48.67 -24.44 -6.92
C SER K 201 -47.71 -25.62 -7.10
N SER K 202 -47.00 -25.66 -8.21
CA SER K 202 -46.01 -26.72 -8.40
C SER K 202 -44.77 -26.52 -7.54
N THR K 203 -44.64 -25.38 -6.87
CA THR K 203 -43.48 -25.10 -6.05
C THR K 203 -43.81 -24.55 -4.66
N TYR K 204 -44.98 -23.97 -4.45
CA TYR K 204 -45.32 -23.31 -3.20
C TYR K 204 -46.57 -23.95 -2.59
N ARG K 205 -46.45 -24.39 -1.35
CA ARG K 205 -47.57 -24.93 -0.60
C ARG K 205 -47.62 -24.27 0.77
N ASN K 206 -48.83 -23.94 1.21
CA ASN K 206 -49.01 -23.40 2.56
C ASN K 206 -50.47 -23.50 2.95
N ASN K 207 -50.72 -23.41 4.24
CA ASN K 207 -52.06 -23.48 4.80
C ASN K 207 -52.19 -22.44 5.90
N PHE K 208 -53.34 -21.77 5.95
CA PHE K 208 -53.60 -20.72 6.93
C PHE K 208 -54.96 -20.96 7.56
N VAL K 209 -55.30 -20.14 8.55
CA VAL K 209 -56.59 -20.23 9.21
C VAL K 209 -56.90 -18.92 9.94
N PRO K 210 -58.03 -18.28 9.70
CA PRO K 210 -58.40 -17.12 10.52
C PRO K 210 -58.57 -17.49 11.98
N VAL K 211 -58.13 -16.58 12.85
CA VAL K 211 -58.29 -16.74 14.29
C VAL K 211 -58.67 -15.38 14.88
N VAL K 212 -59.60 -15.41 15.83
CA VAL K 212 -60.23 -14.20 16.35
C VAL K 212 -59.72 -13.92 17.75
N GLY K 213 -59.53 -12.64 18.05
CA GLY K 213 -59.09 -12.25 19.37
C GLY K 213 -59.13 -10.74 19.51
N ALA K 214 -59.16 -10.29 20.76
CA ALA K 214 -59.23 -8.87 21.05
C ALA K 214 -57.90 -8.19 20.75
N ARG K 215 -57.96 -6.90 20.43
CA ARG K 215 -56.78 -6.14 20.02
C ARG K 215 -57.03 -4.67 20.32
N PRO K 216 -55.98 -3.87 20.40
CA PRO K 216 -56.17 -2.41 20.45
C PRO K 216 -56.74 -1.91 19.14
N GLN K 217 -57.44 -0.78 19.22
CA GLN K 217 -58.01 -0.16 18.03
C GLN K 217 -56.95 0.65 17.31
N VAL K 218 -56.82 0.44 16.01
CA VAL K 218 -55.98 1.25 15.13
C VAL K 218 -56.88 1.79 14.02
N ASN K 219 -56.78 3.09 13.76
CA ASN K 219 -57.71 3.78 12.87
C ASN K 219 -59.12 3.48 13.40
N GLY K 220 -60.09 3.18 12.55
CA GLY K 220 -61.43 2.84 13.01
C GLY K 220 -61.73 1.36 13.00
N GLN K 221 -60.72 0.50 12.90
CA GLN K 221 -60.90 -0.94 12.81
C GLN K 221 -60.12 -1.63 13.91
N SER K 222 -60.77 -2.58 14.58
CA SER K 222 -60.13 -3.36 15.65
C SER K 222 -59.69 -4.74 15.18
N GLY K 223 -59.62 -4.94 13.87
CA GLY K 223 -59.16 -6.21 13.32
C GLY K 223 -57.82 -6.08 12.63
N ARG K 224 -57.47 -7.06 11.80
CA ARG K 224 -56.20 -7.04 11.09
C ARG K 224 -56.34 -7.83 9.79
N ILE K 225 -55.48 -7.50 8.83
CA ILE K 225 -55.34 -8.25 7.59
C ILE K 225 -53.84 -8.35 7.29
N ASP K 226 -53.37 -9.56 6.99
CA ASP K 226 -51.95 -9.79 6.74
C ASP K 226 -51.77 -10.38 5.36
N PHE K 227 -50.71 -9.94 4.68
CA PHE K 227 -50.51 -10.21 3.26
C PHE K 227 -49.34 -11.15 3.05
N HIS K 228 -49.47 -12.01 2.05
CA HIS K 228 -48.42 -12.92 1.63
C HIS K 228 -48.16 -12.70 0.15
N TRP K 229 -47.10 -13.34 -0.37
CA TRP K 229 -46.80 -13.23 -1.79
C TRP K 229 -45.94 -14.39 -2.23
N THR K 230 -45.91 -14.61 -3.54
CA THR K 230 -45.11 -15.68 -4.15
C THR K 230 -44.89 -15.33 -5.61
N LEU K 231 -43.94 -16.04 -6.22
CA LEU K 231 -43.62 -15.87 -7.64
C LEU K 231 -44.16 -17.05 -8.42
N VAL K 232 -44.94 -16.77 -9.46
CA VAL K 232 -45.55 -17.79 -10.30
C VAL K 232 -44.72 -17.89 -11.57
N GLN K 233 -44.04 -19.02 -11.75
CA GLN K 233 -43.16 -19.18 -12.89
C GLN K 233 -43.96 -19.32 -14.18
N PRO K 234 -43.36 -19.01 -15.32
CA PRO K 234 -44.11 -19.10 -16.59
C PRO K 234 -44.60 -20.51 -16.87
N GLY K 235 -45.81 -20.59 -17.42
CA GLY K 235 -46.40 -21.87 -17.78
C GLY K 235 -46.98 -22.66 -16.63
N ASP K 236 -47.13 -22.05 -15.46
CA ASP K 236 -47.54 -22.76 -14.26
C ASP K 236 -48.95 -22.36 -13.85
N ASN K 237 -49.46 -23.05 -12.83
CA ASN K 237 -50.76 -22.76 -12.24
C ASN K 237 -50.61 -22.65 -10.73
N ILE K 238 -51.32 -21.69 -10.14
CA ILE K 238 -51.38 -21.51 -8.70
C ILE K 238 -52.84 -21.51 -8.29
N THR K 239 -53.16 -22.27 -7.25
CA THR K 239 -54.54 -22.57 -6.89
C THR K 239 -54.87 -22.03 -5.51
N PHE K 240 -56.07 -21.48 -5.36
CA PHE K 240 -56.56 -20.96 -4.09
C PHE K 240 -57.84 -21.71 -3.73
N SER K 241 -57.76 -22.58 -2.72
CA SER K 241 -58.90 -23.32 -2.23
C SER K 241 -59.29 -22.73 -0.88
N HIS K 242 -60.32 -21.88 -0.87
CA HIS K 242 -60.69 -21.13 0.31
C HIS K 242 -62.15 -21.37 0.66
N ASN K 243 -62.41 -21.53 1.96
CA ASN K 243 -63.75 -21.68 2.49
C ASN K 243 -64.28 -20.41 3.12
N GLY K 244 -63.40 -19.52 3.58
CA GLY K 244 -63.79 -18.26 4.15
C GLY K 244 -62.58 -17.50 4.65
N GLY K 245 -62.70 -16.18 4.79
CA GLY K 245 -61.62 -15.37 5.30
C GLY K 245 -60.62 -14.92 4.26
N LEU K 246 -60.70 -15.42 3.03
CA LEU K 246 -59.75 -15.04 2.01
C LEU K 246 -60.08 -13.66 1.46
N ILE K 247 -59.04 -12.90 1.13
CA ILE K 247 -59.16 -11.62 0.46
C ILE K 247 -58.44 -11.78 -0.87
N ALA K 248 -59.18 -12.18 -1.89
CA ALA K 248 -58.58 -12.65 -3.13
C ALA K 248 -58.10 -11.48 -3.98
N PRO K 249 -57.15 -11.72 -4.87
CA PRO K 249 -56.68 -10.67 -5.76
C PRO K 249 -57.53 -10.59 -7.02
N SER K 250 -57.40 -9.46 -7.72
CA SER K 250 -57.99 -9.28 -9.03
C SER K 250 -57.01 -8.83 -10.10
N ARG K 251 -55.77 -8.52 -9.74
CA ARG K 251 -54.71 -8.25 -10.69
C ARG K 251 -53.39 -8.70 -10.11
N VAL K 252 -52.47 -9.14 -10.97
CA VAL K 252 -51.16 -9.62 -10.57
C VAL K 252 -50.10 -8.84 -11.33
N SER K 253 -49.14 -8.31 -10.61
CA SER K 253 -48.12 -7.44 -11.20
C SER K 253 -46.97 -8.26 -11.76
N LYS K 254 -46.19 -7.62 -12.62
CA LYS K 254 -44.95 -8.19 -13.14
C LYS K 254 -43.88 -7.11 -13.14
N LEU K 255 -42.67 -7.48 -12.75
CA LEU K 255 -41.58 -6.53 -12.59
C LEU K 255 -40.61 -6.67 -13.74
N ILE K 256 -40.27 -5.55 -14.39
CA ILE K 256 -39.50 -5.56 -15.62
C ILE K 256 -38.39 -4.52 -15.52
N GLY K 257 -37.21 -4.87 -16.03
CA GLY K 257 -36.12 -3.92 -16.13
C GLY K 257 -35.29 -3.83 -14.87
N ARG K 258 -34.29 -2.95 -14.93
CA ARG K 258 -33.42 -2.68 -13.80
C ARG K 258 -33.27 -1.17 -13.63
N GLY K 259 -33.24 -0.73 -12.37
CA GLY K 259 -33.14 0.68 -12.07
C GLY K 259 -32.42 0.94 -10.76
N LEU K 260 -32.64 2.13 -10.19
CA LEU K 260 -32.00 2.53 -8.95
C LEU K 260 -33.07 2.99 -7.96
N GLY K 261 -32.84 2.71 -6.68
CA GLY K 261 -33.77 3.10 -5.65
C GLY K 261 -33.15 4.06 -4.66
N ILE K 262 -33.72 5.25 -4.54
CA ILE K 262 -33.19 6.30 -3.69
C ILE K 262 -34.11 6.46 -2.49
N GLN K 263 -33.50 6.60 -1.31
CA GLN K 263 -34.21 6.71 -0.05
C GLN K 263 -33.76 8.01 0.63
N SER K 264 -34.43 9.10 0.31
CA SER K 264 -34.06 10.41 0.84
C SER K 264 -35.28 11.31 0.79
N ASP K 265 -35.13 12.51 1.36
CA ASP K 265 -36.23 13.46 1.48
C ASP K 265 -35.86 14.85 0.98
N ALA K 266 -34.81 14.96 0.17
CA ALA K 266 -34.38 16.25 -0.34
C ALA K 266 -35.23 16.66 -1.54
N PRO K 267 -35.33 17.97 -1.81
CA PRO K 267 -36.10 18.41 -2.98
C PRO K 267 -35.46 17.94 -4.28
N ILE K 268 -36.32 17.74 -5.28
CA ILE K 268 -35.86 17.25 -6.59
C ILE K 268 -35.32 18.41 -7.40
N ASP K 269 -34.31 18.12 -8.22
CA ASP K 269 -33.70 19.10 -9.11
C ASP K 269 -33.59 18.48 -10.49
N ASN K 270 -33.93 19.24 -11.52
CA ASN K 270 -33.99 18.73 -12.88
C ASN K 270 -32.94 19.33 -13.80
N ASN K 271 -32.21 20.35 -13.35
CA ASN K 271 -31.20 21.03 -14.16
C ASN K 271 -29.79 20.83 -13.60
N CYS K 272 -29.63 19.82 -12.75
CA CYS K 272 -28.33 19.49 -12.16
C CYS K 272 -28.12 17.99 -12.30
N GLU K 273 -26.86 17.58 -12.40
CA GLU K 273 -26.51 16.20 -12.72
C GLU K 273 -25.59 15.64 -11.65
N SER K 274 -25.71 14.34 -11.39
CA SER K 274 -24.86 13.65 -10.43
C SER K 274 -24.91 12.17 -10.70
N LYS K 275 -23.95 11.45 -10.11
CA LYS K 275 -23.87 10.00 -10.21
C LYS K 275 -23.96 9.30 -8.87
N CYS K 276 -24.02 10.06 -7.77
CA CYS K 276 -24.07 9.51 -6.43
C CYS K 276 -25.17 10.22 -5.64
N PHE K 277 -25.65 9.56 -4.60
CA PHE K 277 -26.71 10.12 -3.78
C PHE K 277 -26.54 9.69 -2.34
N TRP K 278 -27.07 10.50 -1.43
CA TRP K 278 -27.16 10.14 -0.02
C TRP K 278 -28.34 10.88 0.58
N ARG K 279 -28.75 10.44 1.77
CA ARG K 279 -30.02 10.89 2.33
C ARG K 279 -30.10 12.41 2.39
N GLY K 280 -28.98 13.07 2.64
CA GLY K 280 -28.96 14.51 2.81
C GLY K 280 -28.83 15.32 1.54
N GLY K 281 -28.68 14.69 0.39
CA GLY K 281 -28.53 15.43 -0.85
C GLY K 281 -27.80 14.58 -1.88
N SER K 282 -26.92 15.23 -2.63
CA SER K 282 -26.17 14.59 -3.69
C SER K 282 -24.69 14.90 -3.54
N ILE K 283 -23.86 14.09 -4.20
CA ILE K 283 -22.41 14.27 -4.20
C ILE K 283 -21.91 14.17 -5.63
N ASN K 284 -21.20 15.19 -6.09
CA ASN K 284 -20.48 15.11 -7.35
C ASN K 284 -19.19 15.89 -7.19
N THR K 285 -18.06 15.22 -7.35
CA THR K 285 -16.76 15.84 -7.14
C THR K 285 -15.72 15.06 -7.92
N ARG K 286 -14.50 15.58 -7.95
CA ARG K 286 -13.37 14.93 -8.60
C ARG K 286 -12.33 14.41 -7.64
N LEU K 287 -12.41 14.78 -6.36
CA LEU K 287 -11.46 14.27 -5.39
C LEU K 287 -11.66 12.77 -5.19
N PRO K 288 -10.60 12.02 -4.88
CA PRO K 288 -10.75 10.56 -4.79
C PRO K 288 -11.57 10.09 -3.61
N PHE K 289 -11.43 10.73 -2.44
CA PHE K 289 -12.11 10.32 -1.23
C PHE K 289 -13.18 11.34 -0.84
N GLN K 290 -14.04 10.95 0.09
CA GLN K 290 -15.11 11.82 0.56
C GLN K 290 -15.35 11.57 2.04
N ASN K 291 -16.06 12.50 2.69
CA ASN K 291 -16.24 12.47 4.12
C ASN K 291 -17.68 12.77 4.56
N LEU K 292 -18.60 12.98 3.62
CA LEU K 292 -19.95 13.41 3.99
C LEU K 292 -20.65 12.36 4.84
N SER K 293 -20.91 11.18 4.27
CA SER K 293 -21.64 10.15 4.98
C SER K 293 -21.20 8.79 4.46
N PRO K 294 -21.34 7.73 5.28
CA PRO K 294 -20.94 6.40 4.80
C PRO K 294 -21.97 5.71 3.93
N ARG K 295 -23.25 5.96 4.12
CA ARG K 295 -24.32 5.27 3.42
C ARG K 295 -24.65 6.04 2.16
N THR K 296 -24.36 5.47 1.00
CA THR K 296 -24.62 6.12 -0.27
C THR K 296 -25.01 5.07 -1.29
N VAL K 297 -25.65 5.54 -2.38
CA VAL K 297 -26.09 4.68 -3.46
C VAL K 297 -25.60 5.27 -4.77
N GLY K 298 -25.03 4.41 -5.63
CA GLY K 298 -24.51 4.85 -6.92
C GLY K 298 -23.05 4.51 -7.10
N GLN K 299 -22.27 5.51 -7.51
CA GLN K 299 -20.84 5.31 -7.79
C GLN K 299 -20.02 6.35 -7.05
N CYS K 300 -20.28 6.51 -5.76
CA CYS K 300 -19.70 7.59 -4.98
C CYS K 300 -18.21 7.37 -4.75
N PRO K 301 -17.49 8.41 -4.31
CA PRO K 301 -16.12 8.22 -3.85
C PRO K 301 -16.09 7.44 -2.56
N LYS K 302 -14.94 6.80 -2.30
CA LYS K 302 -14.82 5.96 -1.11
C LYS K 302 -14.79 6.81 0.16
N TYR K 303 -15.33 6.25 1.23
CA TYR K 303 -15.49 6.97 2.49
C TYR K 303 -14.22 6.89 3.33
N VAL K 304 -13.75 8.04 3.79
CA VAL K 304 -12.55 8.12 4.63
C VAL K 304 -12.92 8.85 5.92
N ASN K 305 -12.60 8.23 7.05
CA ASN K 305 -12.92 8.79 8.36
C ASN K 305 -11.83 9.75 8.82
N ARG K 306 -11.69 10.85 8.08
CA ARG K 306 -10.73 11.89 8.42
C ARG K 306 -11.29 13.24 8.01
N ARG K 307 -10.75 14.29 8.62
CA ARG K 307 -11.21 15.64 8.32
C ARG K 307 -10.49 16.22 7.11
N SER K 308 -9.18 16.03 7.03
CA SER K 308 -8.40 16.58 5.93
C SER K 308 -7.20 15.69 5.66
N LEU K 309 -6.74 15.69 4.40
CA LEU K 309 -5.60 14.88 4.00
C LEU K 309 -4.94 15.59 2.83
N MET K 310 -3.83 16.27 3.10
CA MET K 310 -3.20 17.12 2.10
C MET K 310 -2.19 16.33 1.27
N LEU K 311 -1.98 16.79 0.04
CA LEU K 311 -1.05 16.17 -0.90
C LEU K 311 -0.08 17.22 -1.40
N ALA K 312 1.21 16.90 -1.34
CA ALA K 312 2.23 17.84 -1.80
C ALA K 312 2.09 18.11 -3.29
N THR K 313 2.29 19.35 -3.69
CA THR K 313 2.30 19.74 -5.10
C THR K 313 3.41 20.73 -5.39
N GLY K 314 4.51 20.65 -4.64
CA GLY K 314 5.64 21.52 -4.84
C GLY K 314 6.86 20.93 -4.20
N MET K 315 7.92 21.74 -4.12
CA MET K 315 9.15 21.28 -3.50
C MET K 315 9.16 21.63 -2.02
N ARG K 316 10.25 21.25 -1.36
CA ARG K 316 10.43 21.56 0.05
C ARG K 316 10.77 23.03 0.22
N ASN K 317 10.11 23.67 1.19
CA ASN K 317 10.29 25.10 1.41
C ASN K 317 11.34 25.35 2.48
N VAL K 318 12.34 26.16 2.14
CA VAL K 318 13.38 26.55 3.08
C VAL K 318 13.63 28.05 2.88
N PRO K 319 13.08 28.91 3.72
CA PRO K 319 13.09 30.35 3.42
C PRO K 319 14.46 30.99 3.59
N GLU K 320 14.56 32.26 3.23
CA GLU K 320 15.82 32.98 3.26
C GLU K 320 16.15 33.46 4.67
N LEU K 321 17.44 33.67 4.90
CA LEU K 321 17.90 34.20 6.18
C LEU K 321 17.67 35.71 6.22
N ILE K 322 17.39 36.22 7.42
CA ILE K 322 17.16 37.64 7.61
C ILE K 322 18.48 38.40 7.58
N LEU L 2 25.05 44.72 5.84
CA LEU L 2 25.51 43.62 4.95
C LEU L 2 25.35 44.02 3.48
N PHE L 3 26.12 43.39 2.60
CA PHE L 3 26.07 43.71 1.19
C PHE L 3 26.61 42.53 0.38
N GLY L 4 26.20 42.47 -0.89
CA GLY L 4 26.71 41.46 -1.79
C GLY L 4 26.15 40.08 -1.50
N ALA L 5 26.92 39.07 -1.94
CA ALA L 5 26.60 37.66 -1.72
C ALA L 5 25.49 37.20 -2.64
N ILE L 6 25.73 36.12 -3.37
CA ILE L 6 24.75 35.57 -4.29
C ILE L 6 24.60 34.07 -4.01
N ALA L 7 24.78 33.67 -2.76
CA ALA L 7 24.71 32.27 -2.39
C ALA L 7 23.52 31.58 -3.05
N GLY L 8 23.73 30.36 -3.51
CA GLY L 8 22.73 29.56 -4.19
C GLY L 8 22.13 28.51 -3.29
N PHE L 9 21.70 27.40 -3.90
CA PHE L 9 21.19 26.29 -3.12
C PHE L 9 22.32 25.65 -2.32
N LEU L 10 21.95 24.89 -1.31
CA LEU L 10 22.81 24.43 -0.21
C LEU L 10 22.94 25.53 0.85
N GLU L 11 22.38 26.72 0.61
CA GLU L 11 22.32 27.77 1.63
C GLU L 11 20.89 28.16 1.97
N ASN L 12 20.05 28.40 0.96
CA ASN L 12 18.66 28.74 1.21
C ASN L 12 17.94 28.88 -0.13
N GLY L 13 16.61 28.81 -0.09
CA GLY L 13 15.83 29.05 -1.27
C GLY L 13 15.71 30.54 -1.58
N TRP L 14 15.52 30.83 -2.87
CA TRP L 14 15.42 32.20 -3.34
C TRP L 14 13.98 32.66 -3.24
N GLU L 15 13.75 33.76 -2.53
CA GLU L 15 12.40 34.26 -2.31
C GLU L 15 11.95 35.23 -3.40
N GLY L 16 12.85 35.71 -4.25
CA GLY L 16 12.51 36.57 -5.35
C GLY L 16 12.19 35.85 -6.64
N MET L 17 12.13 34.52 -6.60
CA MET L 17 11.82 33.73 -7.79
C MET L 17 10.31 33.70 -8.00
N VAL L 18 9.87 34.05 -9.21
CA VAL L 18 8.46 34.05 -9.56
C VAL L 18 8.18 33.17 -10.76
N ASP L 19 9.01 33.25 -11.79
CA ASP L 19 8.69 32.71 -13.11
C ASP L 19 9.21 31.29 -13.34
N GLY L 20 9.53 30.55 -12.28
CA GLY L 20 9.97 29.18 -12.48
C GLY L 20 10.33 28.54 -11.16
N TRP L 21 10.74 27.27 -11.26
CA TRP L 21 11.22 26.53 -10.10
C TRP L 21 12.72 26.66 -9.96
N TYR L 22 13.46 26.38 -11.03
CA TYR L 22 14.91 26.43 -11.05
C TYR L 22 15.37 27.61 -11.91
N GLY L 23 16.56 28.10 -11.63
CA GLY L 23 17.07 29.24 -12.36
C GLY L 23 18.53 29.50 -12.06
N PHE L 24 19.01 30.63 -12.56
CA PHE L 24 20.40 31.03 -12.39
C PHE L 24 20.46 32.44 -11.79
N ARG L 25 21.64 32.79 -11.30
CA ARG L 25 21.98 34.16 -10.94
C ARG L 25 23.44 34.39 -11.28
N HIS L 26 23.84 35.65 -11.32
CA HIS L 26 25.21 35.98 -11.68
C HIS L 26 25.57 37.36 -11.18
N GLN L 27 26.85 37.71 -11.34
CA GLN L 27 27.38 38.99 -10.92
C GLN L 27 28.73 39.18 -11.59
N ASN L 28 28.89 40.29 -12.30
CA ASN L 28 30.14 40.55 -13.02
C ASN L 28 30.37 42.06 -13.03
N ALA L 29 31.29 42.50 -13.90
CA ALA L 29 31.70 43.89 -13.90
C ALA L 29 30.61 44.83 -14.40
N GLN L 30 29.63 44.34 -15.15
CA GLN L 30 28.51 45.17 -15.66
C GLN L 30 27.38 45.27 -14.62
N GLY L 31 26.95 44.17 -14.01
CA GLY L 31 25.91 44.16 -12.97
C GLY L 31 25.37 42.79 -12.59
N THR L 32 24.36 42.72 -11.73
CA THR L 32 23.75 41.49 -11.23
C THR L 32 22.59 41.16 -12.11
N GLY L 33 21.88 40.06 -11.90
CA GLY L 33 20.79 39.65 -12.82
C GLY L 33 20.19 38.31 -12.49
N GLN L 34 19.19 37.83 -13.25
CA GLN L 34 18.48 36.60 -12.92
C GLN L 34 17.80 36.07 -14.16
N ALA L 35 17.55 34.76 -14.18
CA ALA L 35 16.79 34.14 -15.25
C ALA L 35 16.48 32.71 -14.86
N ALA L 36 15.29 32.24 -15.21
CA ALA L 36 14.83 30.91 -14.86
C ALA L 36 15.15 29.91 -15.97
N ASP L 37 15.20 28.64 -15.58
CA ASP L 37 15.46 27.52 -16.50
C ASP L 37 14.13 26.87 -16.83
N TYR L 38 13.70 27.00 -18.08
CA TYR L 38 12.36 26.59 -18.49
C TYR L 38 12.29 25.16 -19.00
N LYS L 39 13.41 24.45 -19.09
CA LYS L 39 13.37 23.04 -19.48
C LYS L 39 13.16 22.14 -18.27
N SER L 40 14.08 22.20 -17.30
CA SER L 40 13.95 21.37 -16.10
C SER L 40 12.74 21.77 -15.28
N THR L 41 12.38 23.07 -15.30
CA THR L 41 11.19 23.51 -14.58
C THR L 41 9.94 22.87 -15.15
N GLN L 42 9.85 22.78 -16.48
CA GLN L 42 8.63 22.27 -17.11
C GLN L 42 8.50 20.77 -16.94
N ALA L 43 9.62 20.04 -16.89
CA ALA L 43 9.55 18.60 -16.68
C ALA L 43 8.96 18.26 -15.31
N ALA L 44 9.42 18.96 -14.28
CA ALA L 44 9.00 18.63 -12.91
C ALA L 44 7.55 19.01 -12.68
N ILE L 45 7.12 20.17 -13.17
CA ILE L 45 5.74 20.59 -12.95
C ILE L 45 4.78 19.63 -13.63
N ASP L 46 5.18 19.09 -14.78
CA ASP L 46 4.32 18.16 -15.51
C ASP L 46 4.06 16.89 -14.70
N GLN L 47 5.11 16.33 -14.10
CA GLN L 47 4.96 15.07 -13.38
C GLN L 47 4.19 15.26 -12.08
N ILE L 48 4.54 16.29 -11.31
CA ILE L 48 4.07 16.39 -9.93
C ILE L 48 2.58 16.70 -9.89
N THR L 49 2.10 17.58 -10.78
CA THR L 49 0.74 18.09 -10.66
C THR L 49 -0.32 17.07 -11.05
N GLY L 50 0.03 16.06 -11.82
CA GLY L 50 -0.94 15.09 -12.30
C GLY L 50 -1.20 13.93 -11.37
N LYS L 51 -0.64 13.95 -10.16
CA LYS L 51 -0.76 12.79 -9.28
C LYS L 51 -2.13 12.71 -8.62
N LEU L 52 -2.92 13.78 -8.65
CA LEU L 52 -4.25 13.72 -8.06
C LEU L 52 -5.16 12.80 -8.85
N ASN L 53 -5.20 12.97 -10.17
CA ASN L 53 -6.03 12.12 -11.01
C ASN L 53 -5.52 10.67 -11.02
N ARG L 54 -4.24 10.46 -10.78
CA ARG L 54 -3.68 9.12 -10.72
C ARG L 54 -4.14 8.36 -9.49
N LEU L 55 -4.78 9.03 -8.53
CA LEU L 55 -5.29 8.39 -7.32
C LEU L 55 -6.75 8.01 -7.41
N VAL L 56 -7.51 8.59 -8.34
CA VAL L 56 -8.94 8.32 -8.42
C VAL L 56 -9.17 6.92 -8.97
N GLU L 57 -10.13 6.22 -8.38
CA GLU L 57 -10.49 4.89 -8.86
C GLU L 57 -11.11 4.98 -10.24
N LYS L 58 -10.71 4.06 -11.12
CA LYS L 58 -11.22 3.99 -12.49
C LYS L 58 -11.71 2.59 -12.81
N THR L 59 -12.40 1.97 -11.86
CA THR L 59 -13.08 0.69 -12.05
C THR L 59 -14.48 0.76 -11.44
N ASN L 60 -15.20 1.83 -11.78
CA ASN L 60 -16.44 2.16 -11.10
C ASN L 60 -17.41 0.98 -11.11
N THR L 61 -17.96 0.68 -9.94
CA THR L 61 -18.99 -0.34 -9.78
C THR L 61 -20.12 0.25 -8.94
N GLU L 62 -21.34 0.16 -9.46
CA GLU L 62 -22.50 0.74 -8.79
C GLU L 62 -22.85 -0.05 -7.54
N PHE L 63 -23.28 0.66 -6.51
CA PHE L 63 -23.62 0.08 -5.22
C PHE L 63 -25.07 0.37 -4.88
N GLU L 64 -25.74 -0.60 -4.27
CA GLU L 64 -27.13 -0.49 -3.88
C GLU L 64 -27.24 -0.25 -2.38
N SER L 65 -28.46 -0.27 -1.86
CA SER L 65 -28.72 -0.14 -0.43
C SER L 65 -29.05 -1.51 0.13
N ILE L 66 -28.42 -1.86 1.26
CA ILE L 66 -28.66 -3.13 1.93
C ILE L 66 -29.39 -2.98 3.25
N GLU L 67 -29.78 -1.77 3.63
CA GLU L 67 -30.53 -1.56 4.84
C GLU L 67 -31.46 -0.37 4.65
N SER L 68 -32.55 -0.36 5.43
CA SER L 68 -33.58 0.65 5.29
C SER L 68 -33.27 1.85 6.18
N GLU L 69 -33.44 3.04 5.62
CA GLU L 69 -33.16 4.28 6.35
C GLU L 69 -34.38 4.84 7.06
N PHE L 70 -35.55 4.22 6.88
CA PHE L 70 -36.77 4.64 7.56
C PHE L 70 -37.43 3.53 8.34
N SER L 71 -37.32 2.28 7.90
CA SER L 71 -37.84 1.13 8.62
C SER L 71 -36.76 0.60 9.55
N GLU L 72 -36.98 -0.58 10.13
CA GLU L 72 -36.01 -1.22 11.02
C GLU L 72 -35.55 -2.54 10.44
N ILE L 73 -34.41 -3.01 10.95
CA ILE L 73 -33.82 -4.28 10.53
C ILE L 73 -33.77 -5.21 11.73
N GLU L 74 -33.73 -6.51 11.45
CA GLU L 74 -33.62 -7.48 12.53
C GLU L 74 -32.28 -7.32 13.24
N HIS L 75 -32.27 -7.58 14.54
CA HIS L 75 -31.06 -7.39 15.33
C HIS L 75 -29.97 -8.38 14.93
N GLN L 76 -30.34 -9.64 14.70
CA GLN L 76 -29.34 -10.65 14.38
C GLN L 76 -28.54 -10.28 13.15
N ILE L 77 -29.22 -9.89 12.08
CA ILE L 77 -28.52 -9.56 10.83
C ILE L 77 -28.01 -8.13 10.82
N GLY L 78 -28.68 -7.22 11.53
CA GLY L 78 -28.20 -5.85 11.58
C GLY L 78 -26.78 -5.75 12.11
N ASN L 79 -26.45 -6.56 13.12
CA ASN L 79 -25.11 -6.54 13.68
C ASN L 79 -24.07 -6.97 12.66
N VAL L 80 -24.37 -8.03 11.90
CA VAL L 80 -23.40 -8.52 10.91
C VAL L 80 -23.15 -7.47 9.85
N ILE L 81 -24.21 -6.81 9.39
CA ILE L 81 -24.05 -5.71 8.43
C ILE L 81 -23.21 -4.61 9.05
N ASN L 82 -23.49 -4.26 10.30
CA ASN L 82 -22.74 -3.20 10.96
C ASN L 82 -21.27 -3.57 11.09
N TRP L 83 -20.99 -4.81 11.46
CA TRP L 83 -19.60 -5.22 11.69
C TRP L 83 -18.79 -5.10 10.40
N THR L 84 -19.35 -5.57 9.28
CA THR L 84 -18.60 -5.53 8.04
C THR L 84 -18.30 -4.11 7.60
N LYS L 85 -19.27 -3.21 7.72
CA LYS L 85 -19.08 -1.84 7.26
C LYS L 85 -17.97 -1.14 8.03
N ASP L 86 -18.00 -1.23 9.36
CA ASP L 86 -16.97 -0.58 10.17
C ASP L 86 -15.61 -1.22 9.95
N SER L 87 -15.58 -2.52 9.63
CA SER L 87 -14.31 -3.19 9.36
C SER L 87 -13.79 -2.87 7.97
N ILE L 88 -14.67 -2.46 7.05
CA ILE L 88 -14.21 -2.09 5.71
C ILE L 88 -13.83 -0.62 5.66
N THR L 89 -14.45 0.21 6.49
CA THR L 89 -14.06 1.61 6.57
C THR L 89 -12.69 1.76 7.21
N ASP L 90 -12.28 0.79 8.03
CA ASP L 90 -10.98 0.86 8.68
C ASP L 90 -9.83 0.51 7.74
N ILE L 91 -10.12 -0.10 6.59
CA ILE L 91 -9.06 -0.41 5.63
C ILE L 91 -8.80 0.78 4.71
N TRP L 92 -9.87 1.41 4.23
CA TRP L 92 -9.69 2.57 3.35
C TRP L 92 -9.01 3.71 4.08
N THR L 93 -9.40 3.97 5.33
CA THR L 93 -8.79 5.05 6.08
C THR L 93 -7.31 4.80 6.30
N TYR L 94 -6.94 3.59 6.72
CA TYR L 94 -5.54 3.25 6.90
C TYR L 94 -4.80 3.26 5.57
N GLN L 95 -5.44 2.74 4.52
CA GLN L 95 -4.77 2.61 3.23
C GLN L 95 -4.52 3.97 2.60
N ALA L 96 -5.42 4.93 2.82
CA ALA L 96 -5.27 6.24 2.19
C ALA L 96 -4.19 7.06 2.86
N GLU L 97 -4.13 7.03 4.20
CA GLU L 97 -3.11 7.81 4.90
C GLU L 97 -1.71 7.41 4.46
N LEU L 98 -1.41 6.12 4.49
CA LEU L 98 -0.06 5.66 4.16
C LEU L 98 0.22 5.83 2.67
N LEU L 99 -0.78 5.60 1.82
CA LEU L 99 -0.57 5.70 0.38
C LEU L 99 -0.18 7.11 -0.02
N VAL L 100 -0.81 8.12 0.57
CA VAL L 100 -0.46 9.50 0.27
C VAL L 100 0.91 9.83 0.82
N ALA L 101 1.22 9.35 2.04
CA ALA L 101 2.50 9.66 2.65
C ALA L 101 3.66 9.13 1.80
N MET L 102 3.43 8.05 1.05
CA MET L 102 4.46 7.53 0.17
C MET L 102 4.54 8.30 -1.15
N GLU L 103 3.58 9.17 -1.44
CA GLU L 103 3.67 10.04 -2.60
C GLU L 103 4.25 11.40 -2.23
N ASN L 104 3.93 11.91 -1.03
CA ASN L 104 4.62 13.11 -0.55
C ASN L 104 6.11 12.84 -0.38
N GLN L 105 6.45 11.66 0.15
CA GLN L 105 7.85 11.35 0.40
C GLN L 105 8.65 11.33 -0.89
N HIS L 106 8.12 10.70 -1.93
CA HIS L 106 8.86 10.59 -3.19
C HIS L 106 8.97 11.94 -3.89
N THR L 107 7.91 12.75 -3.85
CA THR L 107 7.95 14.03 -4.53
C THR L 107 9.08 14.90 -4.00
N ILE L 108 9.27 14.93 -2.68
CA ILE L 108 10.33 15.73 -2.10
C ILE L 108 11.69 15.26 -2.58
N ASP L 109 11.92 13.94 -2.54
CA ASP L 109 13.19 13.40 -3.00
C ASP L 109 13.39 13.63 -4.49
N MET L 110 12.36 13.35 -5.29
CA MET L 110 12.48 13.51 -6.73
C MET L 110 12.89 14.92 -7.11
N ALA L 111 12.16 15.92 -6.61
CA ALA L 111 12.41 17.29 -7.03
C ALA L 111 13.80 17.76 -6.61
N ASP L 112 14.36 17.20 -5.54
CA ASP L 112 15.67 17.62 -5.07
C ASP L 112 16.80 17.00 -5.86
N SER L 113 16.55 15.89 -6.56
CA SER L 113 17.55 15.34 -7.46
C SER L 113 17.64 16.13 -8.75
N GLU L 114 16.52 16.67 -9.23
CA GLU L 114 16.54 17.48 -10.44
C GLU L 114 17.44 18.70 -10.29
N MET L 115 17.60 19.18 -9.06
CA MET L 115 18.48 20.34 -8.84
C MET L 115 19.94 19.93 -8.89
N LEU L 116 20.27 18.75 -8.35
CA LEU L 116 21.66 18.30 -8.35
C LEU L 116 22.09 17.78 -9.70
N ASN L 117 21.14 17.44 -10.57
CA ASN L 117 21.49 17.03 -11.92
C ASN L 117 21.87 18.23 -12.78
N LEU L 118 21.21 19.36 -12.57
CA LEU L 118 21.55 20.56 -13.33
C LEU L 118 22.86 21.16 -12.85
N TYR L 119 23.09 21.16 -11.54
CA TYR L 119 24.35 21.66 -11.01
C TYR L 119 25.52 20.88 -11.57
N GLU L 120 25.40 19.56 -11.66
CA GLU L 120 26.44 18.75 -12.27
C GLU L 120 26.55 18.98 -13.77
N ARG L 121 25.48 19.44 -14.41
CA ARG L 121 25.54 19.72 -15.85
C ARG L 121 26.33 20.99 -16.14
N VAL L 122 26.18 22.01 -15.29
CA VAL L 122 26.99 23.21 -15.45
C VAL L 122 28.43 22.94 -15.07
N ARG L 123 28.64 22.13 -14.03
CA ARG L 123 30.00 21.86 -13.57
C ARG L 123 30.87 21.32 -14.68
N LYS L 124 30.39 20.30 -15.41
CA LYS L 124 31.18 19.67 -16.46
C LYS L 124 31.19 20.48 -17.75
N GLN L 125 30.43 21.57 -17.81
CA GLN L 125 30.42 22.40 -19.01
C GLN L 125 31.59 23.37 -19.01
N LEU L 126 31.89 23.98 -17.87
CA LEU L 126 32.99 24.93 -17.79
C LEU L 126 34.35 24.26 -17.81
N ARG L 127 34.45 23.06 -17.23
CA ARG L 127 35.69 22.27 -17.25
C ARG L 127 36.72 22.99 -16.38
N GLN L 128 37.93 23.24 -16.87
CA GLN L 128 39.03 23.71 -16.03
C GLN L 128 39.04 25.23 -15.85
N ASN L 129 38.02 25.93 -16.32
CA ASN L 129 37.98 27.39 -16.22
C ASN L 129 37.22 27.90 -15.01
N ALA L 130 36.82 27.03 -14.09
CA ALA L 130 36.02 27.47 -12.96
C ALA L 130 36.29 26.58 -11.76
N GLU L 131 36.02 27.12 -10.57
CA GLU L 131 36.16 26.39 -9.32
C GLU L 131 34.91 26.60 -8.49
N GLU L 132 34.54 25.56 -7.74
CA GLU L 132 33.35 25.58 -6.92
C GLU L 132 33.68 26.17 -5.55
N ASP L 133 32.97 27.23 -5.17
CA ASP L 133 33.24 27.92 -3.91
C ASP L 133 32.55 27.27 -2.71
N GLY L 134 31.63 26.34 -2.94
CA GLY L 134 31.05 25.55 -1.87
C GLY L 134 29.68 25.99 -1.39
N LYS L 135 29.22 27.18 -1.78
CA LYS L 135 27.91 27.67 -1.40
C LYS L 135 26.89 27.45 -2.51
N GLY L 136 27.19 26.56 -3.45
CA GLY L 136 26.27 26.22 -4.50
C GLY L 136 26.54 26.88 -5.85
N CYS L 137 27.71 27.49 -6.05
CA CYS L 137 27.99 28.07 -7.35
C CYS L 137 29.48 28.23 -7.61
N PHE L 138 29.77 28.71 -8.82
CA PHE L 138 31.09 28.59 -9.45
C PHE L 138 31.71 29.97 -9.61
N GLU L 139 33.04 30.03 -9.51
CA GLU L 139 33.77 31.29 -9.69
C GLU L 139 34.53 31.24 -11.02
N ILE L 140 34.11 32.06 -11.97
CA ILE L 140 34.75 32.09 -13.28
C ILE L 140 36.06 32.85 -13.17
N TYR L 141 37.12 32.30 -13.75
CA TYR L 141 38.46 32.85 -13.62
C TYR L 141 38.87 33.71 -14.81
N HIS L 142 37.93 34.07 -15.67
CA HIS L 142 38.16 35.04 -16.73
C HIS L 142 37.01 36.03 -16.71
N ALA L 143 37.17 37.11 -17.46
CA ALA L 143 36.14 38.14 -17.54
C ALA L 143 35.32 37.93 -18.80
N CYS L 144 34.04 37.57 -18.63
CA CYS L 144 33.17 37.33 -19.76
C CYS L 144 31.77 37.86 -19.45
N ASP L 145 31.13 38.44 -20.47
CA ASP L 145 29.99 39.32 -20.30
C ASP L 145 28.65 38.61 -20.49
N ASP L 146 27.56 39.39 -20.56
CA ASP L 146 26.23 38.80 -20.67
C ASP L 146 26.12 37.83 -21.84
N SER L 147 26.77 38.13 -22.97
CA SER L 147 26.80 37.18 -24.06
C SER L 147 27.43 35.86 -23.64
N CYS L 148 28.40 35.90 -22.73
CA CYS L 148 28.95 34.70 -22.12
C CYS L 148 27.97 34.05 -21.16
N MET L 149 27.34 34.83 -20.29
CA MET L 149 26.43 34.26 -19.31
C MET L 149 25.25 33.58 -19.97
N GLU L 150 24.70 34.17 -21.04
CA GLU L 150 23.64 33.50 -21.78
C GLU L 150 24.14 32.21 -22.40
N SER L 151 25.41 32.19 -22.81
CA SER L 151 25.97 30.96 -23.38
C SER L 151 25.99 29.83 -22.36
N ILE L 152 26.39 30.13 -21.12
CA ILE L 152 26.46 29.09 -20.10
C ILE L 152 25.07 28.51 -19.86
N ARG L 153 24.06 29.37 -19.77
CA ARG L 153 22.68 28.89 -19.65
C ARG L 153 22.27 28.10 -20.88
N ASN L 154 22.66 28.58 -22.07
CA ASN L 154 22.19 28.08 -23.35
C ASN L 154 22.83 26.76 -23.75
N ASN L 155 23.90 26.34 -23.05
CA ASN L 155 24.60 25.10 -23.38
C ASN L 155 25.44 25.25 -24.64
N THR L 156 25.79 26.48 -24.99
CA THR L 156 26.63 26.77 -26.15
C THR L 156 28.04 27.18 -25.76
N TYR L 157 28.41 27.03 -24.50
CA TYR L 157 29.70 27.49 -24.00
C TYR L 157 30.81 26.60 -24.54
N ASP L 158 31.61 27.14 -25.46
CA ASP L 158 32.79 26.45 -25.98
C ASP L 158 33.98 26.82 -25.11
N HIS L 159 34.39 25.90 -24.24
CA HIS L 159 35.43 26.19 -23.27
C HIS L 159 36.80 26.30 -23.90
N SER L 160 37.01 25.71 -25.08
CA SER L 160 38.35 25.58 -25.62
C SER L 160 39.02 26.94 -25.84
N GLN L 161 38.25 27.98 -26.13
CA GLN L 161 38.83 29.28 -26.46
C GLN L 161 39.26 30.08 -25.24
N TYR L 162 38.79 29.73 -24.04
CA TYR L 162 39.13 30.47 -22.83
C TYR L 162 40.19 29.79 -21.98
N ARG L 163 40.49 28.52 -22.24
CA ARG L 163 41.38 27.77 -21.35
C ARG L 163 42.72 28.46 -21.17
N GLU L 164 43.26 29.03 -22.26
CA GLU L 164 44.60 29.59 -22.20
C GLU L 164 44.68 30.72 -21.19
N GLU L 165 43.71 31.63 -21.22
CA GLU L 165 43.71 32.79 -20.33
C GLU L 165 43.18 32.47 -18.94
N ALA L 166 42.63 31.28 -18.72
CA ALA L 166 42.11 30.92 -17.41
C ALA L 166 43.18 30.25 -16.56
N LEU L 167 43.80 29.19 -17.08
CA LEU L 167 44.80 28.47 -16.29
C LEU L 167 45.93 29.38 -15.85
N LEU L 168 46.18 30.46 -16.59
CA LEU L 168 47.17 31.42 -16.16
C LEU L 168 46.77 32.06 -14.83
N ASN L 169 45.49 32.41 -14.68
CA ASN L 169 45.01 32.97 -13.43
C ASN L 169 44.68 31.90 -12.41
N ARG L 170 44.20 30.74 -12.86
CA ARG L 170 43.75 29.70 -11.95
C ARG L 170 44.91 29.15 -11.11
N LEU L 171 46.08 28.96 -11.73
CA LEU L 171 47.26 28.45 -11.05
C LEU L 171 48.22 29.56 -10.63
N ASN L 172 47.87 30.82 -10.87
CA ASN L 172 48.72 31.96 -10.49
C ASN L 172 50.10 31.84 -11.15
N ILE L 173 50.07 31.87 -12.48
CA ILE L 173 51.29 31.77 -13.30
C ILE L 173 52.28 30.80 -12.71
#